data_6LDO
#
_entry.id   6LDO
#
_cell.length_a   217.412
_cell.length_b   201.149
_cell.length_c   113.938
_cell.angle_alpha   90.000
_cell.angle_beta   117.390
_cell.angle_gamma   90.000
#
_symmetry.space_group_name_H-M   'C 1 2 1'
#
loop_
_entity.id
_entity.type
_entity.pdbx_description
1 polymer 'Cystathionine gamma-lyase'
2 non-polymer (E)-N-({3-hydroxy-2-methyl-5-[(phosphonooxy)methyl]pyridin-4-yl}methylidene)-L-serine
3 non-polymer 'PHOSPHATE ION'
4 water water
#
_entity_poly.entity_id   1
_entity_poly.type   'polypeptide(L)'
_entity_poly.pdbx_seq_one_letter_code
;MKFETQLIHGGISEDATTGATSVPIYMASTFRQTKIGQNQYEYSRTGNPTRAAVEALIATLEHGSAGFAFASGSAAINTV
FSLFSAGDHIIVGNDVYGGTFRLIDAVLKHFGMTFTAVDTRDLAAVEAAITPTTKAIYLETPTNPLLHITDIAAIAKLAQ
AHDLLSIIDNTFASPYVQKPLDLGVDIVLHSASAYLGGHSDVIGGLVVTKTPALGEKIGYLQNAIGSILAPQESWLLQRG
MKTLALRMQAHLNNAAKIFTYLKSHPAVTKIYYPGDPDNPDFSIAKQQMNGFGAMISFELQPGMNPQTFVEHLQVITLAE
SLGALESLIEIPALMTHGAIPRTIRLQNGIKDELIRLSVGVEASDDLLADLERGFASIQADLEHHHHHH
;
_entity_poly.pdbx_strand_id   A,B,C,D,E,F
#
loop_
_chem_comp.id
_chem_comp.type
_chem_comp.name
_chem_comp.formula
KOU non-polymer (E)-N-({3-hydroxy-2-methyl-5-[(phosphonooxy)methyl]pyridin-4-yl}methylidene)-L-serine 'C11 H15 N2 O8 P'
PO4 non-polymer 'PHOSPHATE ION' 'O4 P -3'
#
# COMPACT_ATOMS: atom_id res chain seq x y z
N MET A 1 18.36 28.77 -10.44
CA MET A 1 18.41 27.67 -11.40
C MET A 1 18.02 28.15 -12.79
N LYS A 2 18.40 27.38 -13.80
CA LYS A 2 18.06 27.75 -15.17
C LYS A 2 16.60 27.42 -15.48
N PHE A 3 16.07 28.12 -16.49
CA PHE A 3 14.65 28.01 -16.86
C PHE A 3 14.20 26.56 -17.01
N GLU A 4 14.96 25.77 -17.77
CA GLU A 4 14.57 24.38 -17.98
C GLU A 4 14.55 23.61 -16.66
N THR A 5 15.44 23.95 -15.72
CA THR A 5 15.40 23.29 -14.43
C THR A 5 14.21 23.76 -13.60
N GLN A 6 13.83 25.05 -13.71
CA GLN A 6 12.69 25.52 -12.92
C GLN A 6 11.38 24.88 -13.37
N LEU A 7 11.27 24.54 -14.65
CA LEU A 7 10.07 23.83 -15.12
C LEU A 7 9.88 22.53 -14.36
N ILE A 8 10.95 21.77 -14.19
CA ILE A 8 10.85 20.46 -13.56
C ILE A 8 10.70 20.59 -12.05
N HIS A 9 11.35 21.58 -11.43
CA HIS A 9 11.52 21.63 -9.97
C HIS A 9 11.03 22.90 -9.30
N GLY A 10 10.63 23.92 -10.04
CA GLY A 10 10.28 25.18 -9.42
C GLY A 10 8.87 25.16 -8.88
N GLY A 11 8.47 26.32 -8.33
CA GLY A 11 7.19 26.41 -7.65
C GLY A 11 7.13 25.38 -6.54
N ILE A 12 6.04 24.62 -6.50
CA ILE A 12 5.94 23.44 -5.66
C ILE A 12 5.81 22.26 -6.61
N SER A 13 6.77 21.33 -6.55
CA SER A 13 6.80 20.21 -7.48
C SER A 13 6.76 18.87 -6.77
N GLU A 14 6.86 18.87 -5.46
CA GLU A 14 6.97 17.67 -4.68
C GLU A 14 5.92 17.73 -3.57
N ASP A 15 5.57 16.55 -3.04
CA ASP A 15 4.85 16.50 -1.78
C ASP A 15 5.89 16.44 -0.66
N ALA A 16 5.85 17.42 0.24
CA ALA A 16 6.85 17.49 1.30
C ALA A 16 6.73 16.31 2.26
N THR A 17 5.50 15.86 2.52
CA THR A 17 5.28 14.88 3.58
C THR A 17 5.74 13.50 3.15
N THR A 18 5.36 13.09 1.95
CA THR A 18 5.68 11.76 1.44
C THR A 18 6.90 11.75 0.52
N GLY A 19 7.33 12.92 0.05
CA GLY A 19 8.36 12.95 -0.97
C GLY A 19 7.85 12.54 -2.33
N ALA A 20 6.55 12.61 -2.58
CA ALA A 20 6.00 12.23 -3.87
C ALA A 20 6.54 13.17 -4.94
N THR A 21 6.99 12.61 -6.06
CA THR A 21 7.59 13.39 -7.13
C THR A 21 6.56 14.06 -8.03
N SER A 22 5.34 14.20 -7.55
CA SER A 22 4.28 14.93 -8.19
C SER A 22 3.38 15.50 -7.11
N VAL A 23 2.89 16.71 -7.33
CA VAL A 23 2.00 17.31 -6.34
C VAL A 23 0.70 16.54 -6.30
N PRO A 24 0.25 16.05 -5.15
CA PRO A 24 -1.04 15.34 -5.08
C PRO A 24 -2.21 16.20 -5.54
N ILE A 25 -3.25 15.52 -6.02
CA ILE A 25 -4.45 16.19 -6.49
C ILE A 25 -5.44 16.23 -5.33
N TYR A 26 -5.59 17.41 -4.73
CA TYR A 26 -6.49 17.55 -3.58
C TYR A 26 -7.89 17.84 -4.10
N MET A 27 -8.70 16.80 -4.26
CA MET A 27 -10.08 16.98 -4.67
C MET A 27 -10.97 17.54 -3.57
N ALA A 28 -10.53 17.49 -2.32
CA ALA A 28 -11.36 17.92 -1.20
C ALA A 28 -11.82 19.37 -1.35
N SER A 29 -13.11 19.60 -1.11
CA SER A 29 -13.60 20.97 -1.10
C SER A 29 -13.29 21.68 0.21
N THR A 30 -13.19 20.95 1.32
CA THR A 30 -12.99 21.59 2.61
C THR A 30 -11.95 20.82 3.43
N PHE A 31 -11.53 21.44 4.54
CA PHE A 31 -10.42 20.96 5.36
C PHE A 31 -10.79 21.07 6.83
N ARG A 32 -10.67 19.96 7.57
CA ARG A 32 -10.88 19.98 9.01
C ARG A 32 -9.94 20.96 9.69
N GLN A 33 -10.49 21.80 10.54
CA GLN A 33 -9.70 22.69 11.38
C GLN A 33 -9.63 22.15 12.80
N THR A 34 -8.43 22.21 13.39
CA THR A 34 -8.27 21.83 14.79
C THR A 34 -8.58 23.00 15.72
N LYS A 35 -7.98 24.16 15.46
CA LYS A 35 -8.43 25.41 16.06
C LYS A 35 -8.72 26.42 14.95
N ILE A 36 -9.83 27.14 15.13
CA ILE A 36 -10.36 28.00 14.07
C ILE A 36 -9.33 29.06 13.68
N GLY A 37 -9.12 29.23 12.38
CA GLY A 37 -8.21 30.22 11.88
C GLY A 37 -6.75 29.84 11.84
N GLN A 38 -6.39 28.61 12.23
CA GLN A 38 -4.99 28.20 12.19
C GLN A 38 -4.69 27.16 11.12
N ASN A 39 -5.63 26.85 10.23
CA ASN A 39 -5.34 25.94 9.14
C ASN A 39 -4.58 26.65 8.04
N GLN A 40 -3.71 25.90 7.37
CA GLN A 40 -3.09 26.45 6.16
C GLN A 40 -4.10 26.57 5.04
N TYR A 41 -5.00 25.58 4.92
CA TYR A 41 -6.06 25.58 3.93
C TYR A 41 -7.41 25.42 4.62
N GLU A 42 -8.42 26.13 4.12
CA GLU A 42 -9.72 26.10 4.78
C GLU A 42 -10.82 25.70 3.81
N TYR A 43 -10.73 26.15 2.57
CA TYR A 43 -11.75 25.91 1.56
C TYR A 43 -11.11 25.90 0.18
N SER A 44 -11.42 24.87 -0.60
CA SER A 44 -10.65 24.60 -1.81
C SER A 44 -10.74 25.75 -2.81
N ARG A 45 -11.90 26.44 -2.90
CA ARG A 45 -11.99 27.62 -3.75
C ARG A 45 -11.00 28.69 -3.31
N THR A 46 -10.88 28.91 -1.99
CA THR A 46 -9.96 29.92 -1.48
C THR A 46 -8.52 29.51 -1.71
N GLY A 47 -8.24 28.22 -1.68
CA GLY A 47 -6.91 27.73 -1.97
C GLY A 47 -6.81 26.26 -1.63
N ASN A 48 -5.87 25.56 -2.24
CA ASN A 48 -5.65 24.16 -1.96
C ASN A 48 -4.27 23.79 -2.48
N PRO A 49 -3.63 22.76 -1.92
CA PRO A 49 -2.26 22.45 -2.33
C PRO A 49 -2.05 22.32 -3.84
N THR A 50 -3.02 21.77 -4.58
CA THR A 50 -2.78 21.46 -5.99
C THR A 50 -2.77 22.72 -6.86
N ARG A 51 -3.77 23.59 -6.69
CA ARG A 51 -3.79 24.83 -7.45
C ARG A 51 -2.63 25.73 -7.01
N ALA A 52 -2.29 25.73 -5.72
CA ALA A 52 -1.17 26.52 -5.22
C ALA A 52 0.12 26.12 -5.90
N ALA A 53 0.28 24.84 -6.23
CA ALA A 53 1.52 24.38 -6.87
C ALA A 53 1.67 25.01 -8.26
N VAL A 54 0.63 24.97 -9.09
CA VAL A 54 0.79 25.53 -10.41
C VAL A 54 0.86 27.05 -10.32
N GLU A 55 0.30 27.65 -9.27
CA GLU A 55 0.37 29.10 -9.14
C GLU A 55 1.78 29.54 -8.78
N ALA A 56 2.46 28.77 -7.91
CA ALA A 56 3.85 29.05 -7.59
C ALA A 56 4.73 28.89 -8.83
N LEU A 57 4.45 27.86 -9.63
CA LEU A 57 5.26 27.59 -10.80
C LEU A 57 5.20 28.75 -11.79
N ILE A 58 3.99 29.22 -12.11
CA ILE A 58 3.93 30.28 -13.12
C ILE A 58 4.54 31.57 -12.59
N ALA A 59 4.40 31.82 -11.29
CA ALA A 59 5.04 33.00 -10.72
C ALA A 59 6.56 32.94 -10.85
N THR A 60 7.14 31.75 -10.67
CA THR A 60 8.59 31.61 -10.84
C THR A 60 9.00 31.84 -12.28
N LEU A 61 8.25 31.26 -13.23
CA LEU A 61 8.61 31.37 -14.64
C LEU A 61 8.51 32.80 -15.15
N GLU A 62 7.54 33.57 -14.67
CA GLU A 62 7.37 34.94 -15.11
C GLU A 62 8.15 35.92 -14.25
N HIS A 63 8.91 35.42 -13.27
CA HIS A 63 9.69 36.25 -12.35
C HIS A 63 8.81 37.23 -11.58
N GLY A 64 7.67 36.76 -11.09
CA GLY A 64 6.77 37.55 -10.30
C GLY A 64 6.66 37.07 -8.86
N SER A 65 5.85 37.78 -8.08
CA SER A 65 5.66 37.46 -6.67
C SER A 65 4.61 36.39 -6.43
N ALA A 66 3.48 36.47 -7.13
CA ALA A 66 2.33 35.64 -6.83
C ALA A 66 1.67 35.20 -8.14
N GLY A 67 1.14 33.98 -8.14
CA GLY A 67 0.44 33.44 -9.28
C GLY A 67 -1.02 33.14 -8.96
N PHE A 68 -1.86 33.16 -10.00
CA PHE A 68 -3.30 32.95 -9.82
C PHE A 68 -3.82 32.16 -11.00
N ALA A 69 -4.47 31.03 -10.71
CA ALA A 69 -5.00 30.13 -11.72
C ALA A 69 -6.51 30.31 -11.82
N PHE A 70 -7.02 30.42 -13.04
CA PHE A 70 -8.44 30.64 -13.29
C PHE A 70 -8.96 29.57 -14.24
N ALA A 71 -10.31 29.48 -14.30
CA ALA A 71 -10.97 28.42 -15.06
C ALA A 71 -10.71 28.54 -16.56
N SER A 72 -10.32 29.71 -17.04
CA SER A 72 -10.05 29.94 -18.46
C SER A 72 -9.27 31.23 -18.57
N GLY A 73 -8.67 31.45 -19.75
CA GLY A 73 -8.10 32.76 -20.04
C GLY A 73 -9.12 33.86 -19.92
N SER A 74 -10.32 33.65 -20.48
CA SER A 74 -11.34 34.69 -20.42
C SER A 74 -11.69 35.06 -18.99
N ALA A 75 -11.72 34.06 -18.09
CA ALA A 75 -12.05 34.33 -16.71
C ALA A 75 -10.92 35.08 -16.00
N ALA A 76 -9.68 34.74 -16.32
CA ALA A 76 -8.55 35.49 -15.81
C ALA A 76 -8.67 36.97 -16.18
N ILE A 77 -8.94 37.24 -17.47
CA ILE A 77 -9.14 38.61 -17.92
C ILE A 77 -10.30 39.25 -17.17
N ASN A 78 -11.44 38.55 -17.09
CA ASN A 78 -12.59 39.13 -16.39
C ASN A 78 -12.24 39.49 -14.95
N THR A 79 -11.42 38.67 -14.29
CA THR A 79 -11.06 38.96 -12.90
C THR A 79 -10.14 40.17 -12.82
N VAL A 80 -9.12 40.22 -13.70
CA VAL A 80 -8.19 41.35 -13.68
C VAL A 80 -8.93 42.66 -13.92
N PHE A 81 -9.93 42.66 -14.81
CA PHE A 81 -10.68 43.89 -15.07
C PHE A 81 -11.65 44.23 -13.95
N SER A 82 -11.97 43.28 -13.08
CA SER A 82 -12.72 43.61 -11.89
C SER A 82 -11.91 44.43 -10.88
N LEU A 83 -10.63 44.73 -11.18
CA LEU A 83 -9.91 45.71 -10.40
C LEU A 83 -10.48 47.12 -10.56
N PHE A 84 -11.23 47.38 -11.62
CA PHE A 84 -11.60 48.73 -12.02
C PHE A 84 -13.07 49.01 -11.72
N SER A 85 -13.42 50.28 -11.81
CA SER A 85 -14.71 50.76 -11.36
C SER A 85 -15.38 51.55 -12.46
N ALA A 86 -16.71 51.69 -12.31
CA ALA A 86 -17.48 52.56 -13.16
C ALA A 86 -16.85 53.95 -13.18
N GLY A 87 -16.64 54.48 -14.37
CA GLY A 87 -15.97 55.74 -14.56
C GLY A 87 -14.50 55.61 -14.93
N ASP A 88 -13.87 54.48 -14.62
CA ASP A 88 -12.48 54.26 -15.03
C ASP A 88 -12.39 54.12 -16.55
N HIS A 89 -11.27 54.60 -17.09
CA HIS A 89 -10.97 54.51 -18.51
C HIS A 89 -9.79 53.58 -18.74
N ILE A 90 -9.89 52.72 -19.74
CA ILE A 90 -8.81 51.77 -20.07
C ILE A 90 -8.41 51.97 -21.53
N ILE A 91 -7.11 51.92 -21.78
CA ILE A 91 -6.55 51.91 -23.13
C ILE A 91 -6.27 50.48 -23.53
N VAL A 92 -6.79 50.05 -24.67
CA VAL A 92 -6.59 48.70 -25.16
C VAL A 92 -5.97 48.76 -26.55
N GLY A 93 -5.26 47.71 -26.91
CA GLY A 93 -4.82 47.55 -28.27
C GLY A 93 -5.99 47.25 -29.19
N ASN A 94 -5.80 47.53 -30.47
CA ASN A 94 -6.87 47.34 -31.43
C ASN A 94 -6.87 45.96 -32.11
N ASP A 95 -5.83 45.15 -31.90
CA ASP A 95 -5.84 43.76 -32.33
C ASP A 95 -5.82 42.88 -31.08
N VAL A 96 -6.99 42.38 -30.71
CA VAL A 96 -7.11 41.50 -29.56
C VAL A 96 -7.85 40.25 -29.97
N TYR A 97 -7.73 39.22 -29.13
CA TYR A 97 -8.54 38.03 -29.30
C TYR A 97 -10.02 38.42 -29.33
N GLY A 98 -10.79 37.73 -30.18
CA GLY A 98 -12.19 38.08 -30.36
C GLY A 98 -12.96 38.08 -29.06
N GLY A 99 -12.62 37.18 -28.13
CA GLY A 99 -13.32 37.11 -26.87
C GLY A 99 -13.03 38.29 -25.94
N THR A 100 -11.81 38.81 -25.98
CA THR A 100 -11.52 40.01 -25.19
C THR A 100 -12.31 41.20 -25.71
N PHE A 101 -12.37 41.36 -27.04
CA PHE A 101 -13.24 42.35 -27.63
C PHE A 101 -14.68 42.19 -27.14
N ARG A 102 -15.20 40.96 -27.18
CA ARG A 102 -16.56 40.72 -26.73
C ARG A 102 -16.73 41.04 -25.25
N LEU A 103 -15.76 40.65 -24.41
CA LEU A 103 -15.90 40.92 -22.98
C LEU A 103 -15.99 42.42 -22.72
N ILE A 104 -15.14 43.20 -23.40
CA ILE A 104 -15.15 44.65 -23.26
C ILE A 104 -16.51 45.22 -23.67
N ASP A 105 -16.98 44.86 -24.88
CA ASP A 105 -18.16 45.53 -25.44
C ASP A 105 -19.44 45.09 -24.76
N ALA A 106 -19.58 43.80 -24.46
CA ALA A 106 -20.84 43.26 -23.99
C ALA A 106 -20.92 43.13 -22.48
N VAL A 107 -19.81 43.30 -21.76
CA VAL A 107 -19.85 43.19 -20.31
C VAL A 107 -19.25 44.41 -19.64
N LEU A 108 -17.96 44.68 -19.86
CA LEU A 108 -17.28 45.73 -19.10
C LEU A 108 -17.83 47.13 -19.37
N LYS A 109 -18.25 47.42 -20.60
CA LYS A 109 -18.85 48.74 -20.86
C LYS A 109 -20.19 48.88 -20.15
N HIS A 110 -20.88 47.77 -19.91
CA HIS A 110 -22.09 47.84 -19.11
C HIS A 110 -21.79 48.16 -17.66
N PHE A 111 -20.55 47.94 -17.22
CA PHE A 111 -20.17 48.23 -15.84
C PHE A 111 -19.70 49.67 -15.67
N GLY A 112 -19.84 50.50 -16.70
CA GLY A 112 -19.41 51.88 -16.60
C GLY A 112 -17.95 52.13 -16.89
N MET A 113 -17.19 51.10 -17.27
CA MET A 113 -15.83 51.29 -17.75
C MET A 113 -15.86 51.76 -19.21
N THR A 114 -14.96 52.65 -19.57
CA THR A 114 -14.86 53.15 -20.93
C THR A 114 -13.49 52.81 -21.50
N PHE A 115 -13.45 52.65 -22.81
CA PHE A 115 -12.29 52.09 -23.48
C PHE A 115 -11.99 52.90 -24.73
N THR A 116 -10.71 52.95 -25.08
CA THR A 116 -10.21 53.53 -26.31
C THR A 116 -9.21 52.56 -26.91
N ALA A 117 -9.47 52.12 -28.15
CA ALA A 117 -8.58 51.21 -28.86
C ALA A 117 -7.52 51.99 -29.63
N VAL A 118 -6.30 51.49 -29.56
CA VAL A 118 -5.13 52.23 -30.02
C VAL A 118 -4.17 51.22 -30.60
N ASP A 119 -3.47 51.61 -31.67
CA ASP A 119 -2.35 50.81 -32.12
C ASP A 119 -1.20 51.01 -31.13
N THR A 120 -1.00 50.03 -30.24
CA THR A 120 0.03 50.25 -29.23
C THR A 120 1.44 50.20 -29.82
N ARG A 121 1.58 49.94 -31.12
CA ARG A 121 2.87 50.11 -31.78
C ARG A 121 3.25 51.57 -31.94
N ASP A 122 2.28 52.48 -31.83
CA ASP A 122 2.48 53.91 -32.02
C ASP A 122 2.43 54.57 -30.63
N LEU A 123 3.61 54.72 -30.01
CA LEU A 123 3.65 55.25 -28.65
C LEU A 123 3.09 56.64 -28.55
N ALA A 124 3.15 57.42 -29.64
CA ALA A 124 2.54 58.74 -29.59
C ALA A 124 1.02 58.65 -29.48
N ALA A 125 0.41 57.70 -30.21
CA ALA A 125 -1.04 57.54 -30.10
C ALA A 125 -1.43 57.08 -28.71
N VAL A 126 -0.60 56.22 -28.09
CA VAL A 126 -0.89 55.78 -26.73
C VAL A 126 -0.93 56.98 -25.79
N GLU A 127 0.14 57.78 -25.81
CA GLU A 127 0.19 58.99 -24.99
C GLU A 127 -0.99 59.90 -25.24
N ALA A 128 -1.40 60.03 -26.50
CA ALA A 128 -2.49 60.92 -26.84
C ALA A 128 -3.80 60.47 -26.22
N ALA A 129 -3.94 59.18 -25.93
CA ALA A 129 -5.19 58.62 -25.44
C ALA A 129 -5.32 58.68 -23.92
N ILE A 130 -4.23 58.90 -23.19
CA ILE A 130 -4.28 58.95 -21.74
C ILE A 130 -5.09 60.16 -21.29
N THR A 131 -6.09 59.93 -20.47
CA THR A 131 -6.94 60.95 -19.89
C THR A 131 -6.74 61.02 -18.38
N PRO A 132 -7.31 62.02 -17.69
CA PRO A 132 -7.19 62.03 -16.23
C PRO A 132 -7.93 60.88 -15.54
N THR A 133 -8.89 60.24 -16.21
CA THR A 133 -9.60 59.13 -15.62
C THR A 133 -9.06 57.77 -16.07
N THR A 134 -8.00 57.76 -16.88
CA THR A 134 -7.43 56.53 -17.37
C THR A 134 -6.69 55.81 -16.24
N LYS A 135 -6.82 54.48 -16.19
CA LYS A 135 -6.23 53.72 -15.10
C LYS A 135 -5.37 52.56 -15.56
N ALA A 136 -5.39 52.18 -16.83
CA ALA A 136 -4.64 51.00 -17.24
C ALA A 136 -4.45 50.99 -18.75
N ILE A 137 -3.46 50.22 -19.18
CA ILE A 137 -3.22 49.90 -20.57
C ILE A 137 -3.24 48.39 -20.67
N TYR A 138 -3.98 47.86 -21.63
CA TYR A 138 -4.12 46.43 -21.81
C TYR A 138 -3.74 46.09 -23.26
N LEU A 139 -2.80 45.16 -23.44
CA LEU A 139 -2.51 44.71 -24.79
C LEU A 139 -1.94 43.31 -24.81
N GLU A 140 -2.18 42.60 -25.92
CA GLU A 140 -1.46 41.37 -26.23
C GLU A 140 -0.24 41.70 -27.08
N THR A 141 0.84 40.92 -26.88
CA THR A 141 1.98 41.01 -27.80
C THR A 141 2.73 39.69 -27.84
N PRO A 142 2.83 39.03 -29.00
CA PRO A 142 2.19 39.37 -30.29
C PRO A 142 0.66 39.34 -30.22
N THR A 143 -0.01 40.06 -31.13
CA THR A 143 -1.46 40.14 -31.09
C THR A 143 -2.12 38.97 -31.85
N ASN A 144 -3.39 38.77 -31.53
CA ASN A 144 -4.22 37.70 -32.10
C ASN A 144 -5.22 38.32 -33.07
N PRO A 145 -5.13 38.08 -34.38
CA PRO A 145 -4.22 37.16 -35.07
C PRO A 145 -3.14 37.81 -35.92
N LEU A 146 -2.98 39.12 -35.88
CA LEU A 146 -2.04 39.75 -36.80
C LEU A 146 -0.60 39.71 -36.30
N LEU A 147 -0.36 39.29 -35.06
CA LEU A 147 0.99 39.14 -34.52
C LEU A 147 1.74 40.48 -34.37
N HIS A 148 1.03 41.59 -34.17
CA HIS A 148 1.67 42.88 -33.95
C HIS A 148 2.50 42.89 -32.67
N ILE A 149 3.74 43.40 -32.77
CA ILE A 149 4.65 43.48 -31.65
C ILE A 149 4.63 44.88 -31.06
N THR A 150 4.52 44.98 -29.73
CA THR A 150 4.53 46.24 -29.01
C THR A 150 5.75 46.27 -28.11
N ASP A 151 6.42 47.42 -28.04
CA ASP A 151 7.57 47.61 -27.15
C ASP A 151 7.08 47.61 -25.71
N ILE A 152 7.22 46.48 -25.02
CA ILE A 152 6.66 46.36 -23.68
C ILE A 152 7.33 47.35 -22.72
N ALA A 153 8.66 47.36 -22.71
CA ALA A 153 9.40 48.28 -21.84
C ALA A 153 8.93 49.72 -22.02
N ALA A 154 8.71 50.16 -23.27
CA ALA A 154 8.27 51.52 -23.50
C ALA A 154 6.89 51.75 -22.90
N ILE A 155 5.98 50.79 -23.09
CA ILE A 155 4.61 50.91 -22.59
C ILE A 155 4.60 50.97 -21.07
N ALA A 156 5.48 50.20 -20.44
CA ALA A 156 5.57 50.21 -18.98
C ALA A 156 6.03 51.57 -18.46
N LYS A 157 7.13 52.10 -19.03
CA LYS A 157 7.58 53.44 -18.67
C LYS A 157 6.48 54.48 -18.83
N LEU A 158 5.74 54.41 -19.92
CA LEU A 158 4.62 55.32 -20.12
C LEU A 158 3.60 55.18 -19.01
N ALA A 159 3.30 53.95 -18.61
CA ALA A 159 2.28 53.74 -17.59
C ALA A 159 2.78 54.16 -16.22
N GLN A 160 4.03 53.84 -15.89
CA GLN A 160 4.64 54.32 -14.65
C GLN A 160 4.54 55.84 -14.53
N ALA A 161 4.81 56.55 -15.61
CA ALA A 161 4.78 58.01 -15.58
C ALA A 161 3.39 58.59 -15.38
N HIS A 162 2.33 57.81 -15.54
CA HIS A 162 0.99 58.32 -15.35
C HIS A 162 0.22 57.55 -14.28
N ASP A 163 0.91 56.75 -13.48
CA ASP A 163 0.31 55.90 -12.44
C ASP A 163 -0.85 55.10 -13.01
N LEU A 164 -0.56 54.34 -14.06
CA LEU A 164 -1.48 53.36 -14.63
C LEU A 164 -0.92 51.95 -14.41
N LEU A 165 -1.83 51.00 -14.33
CA LEU A 165 -1.45 49.60 -14.41
C LEU A 165 -1.17 49.22 -15.87
N SER A 166 -0.03 48.59 -16.12
CA SER A 166 0.21 47.94 -17.40
C SER A 166 -0.16 46.47 -17.30
N ILE A 167 -0.99 46.00 -18.24
CA ILE A 167 -1.43 44.60 -18.29
C ILE A 167 -1.07 44.04 -19.67
N ILE A 168 -0.29 42.95 -19.68
CA ILE A 168 0.15 42.31 -20.92
C ILE A 168 -0.43 40.90 -20.99
N ASP A 169 -1.20 40.61 -22.03
CA ASP A 169 -1.60 39.24 -22.33
C ASP A 169 -0.42 38.55 -23.01
N ASN A 170 0.21 37.60 -22.31
CA ASN A 170 1.43 36.93 -22.76
C ASN A 170 1.13 35.55 -23.37
N THR A 171 -0.12 35.30 -23.77
CA THR A 171 -0.53 33.98 -24.25
C THR A 171 0.31 33.52 -25.45
N PHE A 172 0.45 34.36 -26.47
CA PHE A 172 1.12 33.90 -27.70
C PHE A 172 2.60 33.66 -27.49
N ALA A 173 3.23 34.36 -26.55
CA ALA A 173 4.66 34.19 -26.39
C ALA A 173 5.01 32.99 -25.53
N SER A 174 4.40 32.90 -24.33
CA SER A 174 4.87 31.99 -23.28
C SER A 174 6.07 32.57 -22.54
N PRO A 175 6.21 32.31 -21.23
CA PRO A 175 7.37 32.84 -20.49
C PRO A 175 8.71 32.34 -21.01
N TYR A 176 8.71 31.34 -21.89
CA TYR A 176 9.97 30.90 -22.47
C TYR A 176 10.49 31.93 -23.46
N VAL A 177 9.57 32.61 -24.13
CA VAL A 177 9.90 33.59 -25.16
C VAL A 177 9.94 35.00 -24.58
N GLN A 178 9.04 35.32 -23.66
CA GLN A 178 8.81 36.71 -23.28
C GLN A 178 8.41 36.80 -21.82
N LYS A 179 9.10 37.65 -21.05
CA LYS A 179 8.85 37.79 -19.62
C LYS A 179 8.54 39.25 -19.32
N PRO A 180 7.31 39.68 -19.61
CA PRO A 180 6.96 41.12 -19.46
C PRO A 180 7.22 41.71 -18.07
N LEU A 181 7.17 40.92 -17.00
CA LEU A 181 7.40 41.49 -15.69
C LEU A 181 8.83 41.99 -15.54
N ASP A 182 9.77 41.40 -16.28
CA ASP A 182 11.14 41.87 -16.31
C ASP A 182 11.30 43.19 -17.06
N LEU A 183 10.27 43.65 -17.75
CA LEU A 183 10.32 44.92 -18.47
C LEU A 183 9.50 46.01 -17.80
N GLY A 184 9.09 45.82 -16.55
CA GLY A 184 8.41 46.85 -15.80
C GLY A 184 6.89 46.72 -15.70
N VAL A 185 6.31 45.66 -16.23
CA VAL A 185 4.86 45.56 -16.30
C VAL A 185 4.28 45.15 -14.95
N ASP A 186 3.05 45.59 -14.67
CA ASP A 186 2.40 45.26 -13.41
C ASP A 186 1.75 43.90 -13.41
N ILE A 187 1.05 43.53 -14.48
CA ILE A 187 0.32 42.28 -14.54
C ILE A 187 0.61 41.57 -15.86
N VAL A 188 0.93 40.29 -15.78
CA VAL A 188 1.02 39.42 -16.94
C VAL A 188 -0.04 38.33 -16.77
N LEU A 189 -0.67 37.94 -17.86
CA LEU A 189 -1.69 36.89 -17.82
C LEU A 189 -1.63 36.04 -19.08
N HIS A 190 -2.11 34.81 -18.96
CA HIS A 190 -2.12 33.87 -20.07
C HIS A 190 -3.44 33.16 -20.14
N SER A 191 -3.81 32.78 -21.36
CA SER A 191 -4.70 31.65 -21.55
C SER A 191 -3.78 30.42 -21.50
N ALA A 192 -3.83 29.70 -20.38
CA ALA A 192 -3.05 28.49 -20.22
C ALA A 192 -3.50 27.40 -21.17
N SER A 193 -4.68 27.56 -21.78
CA SER A 193 -5.20 26.64 -22.78
C SER A 193 -4.28 26.53 -23.99
N ALA A 194 -3.33 27.45 -24.16
CA ALA A 194 -2.43 27.42 -25.29
C ALA A 194 -1.13 26.70 -24.97
N TYR A 195 0.00 27.40 -25.08
CA TYR A 195 1.32 26.78 -24.96
C TYR A 195 1.59 26.21 -23.57
N LEU A 196 1.09 26.87 -22.53
CA LEU A 196 1.42 26.41 -21.19
C LEU A 196 0.92 24.99 -20.95
N GLY A 197 -0.37 24.73 -21.16
CA GLY A 197 -0.84 23.36 -21.13
C GLY A 197 -0.25 22.52 -22.24
N GLY A 198 -0.17 23.08 -23.45
CA GLY A 198 0.56 22.49 -24.56
C GLY A 198 -0.04 21.27 -25.24
N HIS A 199 -1.04 20.62 -24.63
CA HIS A 199 -1.48 19.33 -25.12
C HIS A 199 -2.92 19.34 -25.63
N SER A 200 -3.51 20.52 -25.88
CA SER A 200 -4.86 20.59 -26.45
C SER A 200 -5.90 19.94 -25.53
N ASP A 201 -5.59 19.87 -24.23
CA ASP A 201 -6.48 19.12 -23.37
C ASP A 201 -6.75 19.82 -22.04
N VAL A 202 -6.63 21.15 -22.00
CA VAL A 202 -6.92 21.86 -20.76
C VAL A 202 -7.33 23.30 -21.10
N ILE A 203 -8.36 23.76 -20.42
CA ILE A 203 -8.76 25.15 -20.46
C ILE A 203 -8.40 25.75 -19.11
N GLY A 204 -7.75 26.90 -19.12
CA GLY A 204 -7.42 27.57 -17.89
C GLY A 204 -6.72 28.87 -18.19
N GLY A 205 -6.67 29.73 -17.17
CA GLY A 205 -5.93 30.97 -17.28
C GLY A 205 -5.01 31.16 -16.09
N LEU A 206 -3.96 31.95 -16.32
CA LEU A 206 -2.99 32.29 -15.29
C LEU A 206 -2.81 33.80 -15.23
N VAL A 207 -2.61 34.31 -14.03
CA VAL A 207 -2.25 35.71 -13.81
C VAL A 207 -1.06 35.74 -12.86
N VAL A 208 -0.10 36.63 -13.10
CA VAL A 208 1.04 36.79 -12.23
C VAL A 208 1.24 38.29 -12.00
N THR A 209 1.37 38.69 -10.73
CA THR A 209 1.65 40.06 -10.38
C THR A 209 3.11 40.19 -9.93
N LYS A 210 3.69 41.36 -10.19
CA LYS A 210 5.07 41.63 -9.80
C LYS A 210 5.19 41.91 -8.31
N THR A 211 4.34 42.79 -7.77
CA THR A 211 4.39 43.24 -6.40
C THR A 211 3.43 42.46 -5.53
N PRO A 212 3.61 42.48 -4.21
CA PRO A 212 2.70 41.73 -3.33
C PRO A 212 1.41 42.49 -3.08
N ALA A 213 1.47 43.82 -3.09
CA ALA A 213 0.25 44.60 -2.93
C ALA A 213 -0.74 44.33 -4.06
N LEU A 214 -0.27 44.25 -5.31
CA LEU A 214 -1.15 43.90 -6.41
C LEU A 214 -1.59 42.45 -6.33
N GLY A 215 -0.72 41.59 -5.81
CA GLY A 215 -1.11 40.20 -5.61
C GLY A 215 -2.26 40.05 -4.64
N GLU A 216 -2.26 40.86 -3.57
CA GLU A 216 -3.36 40.76 -2.61
C GLU A 216 -4.68 41.16 -3.25
N LYS A 217 -4.67 42.21 -4.09
CA LYS A 217 -5.88 42.60 -4.78
C LYS A 217 -6.38 41.50 -5.71
N ILE A 218 -5.49 40.96 -6.55
CA ILE A 218 -5.87 39.89 -7.47
C ILE A 218 -6.38 38.67 -6.71
N GLY A 219 -5.65 38.26 -5.69
CA GLY A 219 -6.09 37.11 -4.91
C GLY A 219 -7.44 37.34 -4.26
N TYR A 220 -7.69 38.57 -3.79
CA TYR A 220 -8.98 38.87 -3.18
C TYR A 220 -10.10 38.74 -4.21
N LEU A 221 -9.86 39.25 -5.42
CA LEU A 221 -10.85 39.11 -6.48
C LEU A 221 -10.98 37.65 -6.92
N GLN A 222 -9.87 36.92 -6.97
CA GLN A 222 -9.94 35.51 -7.37
C GLN A 222 -10.87 34.73 -6.46
N ASN A 223 -10.71 34.91 -5.15
CA ASN A 223 -11.55 34.22 -4.19
C ASN A 223 -12.98 34.74 -4.21
N ALA A 224 -13.17 36.06 -4.39
CA ALA A 224 -14.51 36.61 -4.31
C ALA A 224 -15.35 36.26 -5.53
N ILE A 225 -14.76 36.33 -6.73
CA ILE A 225 -15.50 35.96 -7.93
C ILE A 225 -15.54 34.44 -8.12
N GLY A 226 -14.52 33.72 -7.64
CA GLY A 226 -14.54 32.27 -7.65
C GLY A 226 -14.31 31.60 -8.98
N SER A 227 -13.68 32.27 -9.95
CA SER A 227 -13.42 31.65 -11.24
C SER A 227 -12.15 30.80 -11.21
N ILE A 228 -12.05 29.87 -10.24
CA ILE A 228 -10.82 29.13 -9.99
C ILE A 228 -10.59 28.04 -11.02
N LEU A 229 -9.32 27.74 -11.26
CA LEU A 229 -8.94 26.53 -11.98
C LEU A 229 -9.04 25.31 -11.06
N ALA A 230 -9.82 24.31 -11.47
CA ALA A 230 -10.10 23.15 -10.63
C ALA A 230 -8.84 22.31 -10.37
N PRO A 231 -8.87 21.46 -9.34
CA PRO A 231 -7.66 20.69 -8.97
C PRO A 231 -7.17 19.73 -10.04
N GLN A 232 -8.05 18.96 -10.68
CA GLN A 232 -7.59 18.05 -11.73
C GLN A 232 -6.88 18.82 -12.84
N GLU A 233 -7.46 19.94 -13.28
CA GLU A 233 -6.88 20.69 -14.38
C GLU A 233 -5.65 21.48 -13.95
N SER A 234 -5.61 21.95 -12.69
CA SER A 234 -4.39 22.56 -12.17
C SER A 234 -3.23 21.61 -12.32
N TRP A 235 -3.44 20.36 -11.93
CA TRP A 235 -2.38 19.36 -11.98
C TRP A 235 -1.99 19.04 -13.41
N LEU A 236 -2.97 18.97 -14.30
CA LEU A 236 -2.67 18.70 -15.71
C LEU A 236 -1.91 19.85 -16.34
N LEU A 237 -2.31 21.09 -16.03
CA LEU A 237 -1.60 22.27 -16.49
C LEU A 237 -0.15 22.21 -16.08
N GLN A 238 0.10 21.95 -14.78
CA GLN A 238 1.48 21.86 -14.30
C GLN A 238 2.25 20.79 -15.05
N ARG A 239 1.62 19.64 -15.30
CA ARG A 239 2.33 18.56 -15.96
C ARG A 239 2.67 18.97 -17.38
N GLY A 240 1.72 19.62 -18.06
CA GLY A 240 2.01 20.19 -19.36
C GLY A 240 3.12 21.20 -19.32
N MET A 241 3.11 22.07 -18.30
CA MET A 241 4.14 23.11 -18.23
C MET A 241 5.54 22.52 -18.13
N LYS A 242 5.67 21.34 -17.52
CA LYS A 242 7.00 20.78 -17.29
C LYS A 242 7.79 20.63 -18.58
N THR A 243 7.11 20.40 -19.71
CA THR A 243 7.80 20.25 -20.98
C THR A 243 7.80 21.53 -21.82
N LEU A 244 7.51 22.68 -21.21
CA LEU A 244 7.30 23.90 -21.98
C LEU A 244 8.53 24.22 -22.84
N ALA A 245 9.72 24.14 -22.26
CA ALA A 245 10.90 24.55 -23.01
C ALA A 245 11.22 23.59 -24.16
N LEU A 246 11.05 22.29 -23.92
CA LEU A 246 11.26 21.32 -25.00
C LEU A 246 10.24 21.50 -26.12
N ARG A 247 8.99 21.77 -25.76
CA ARG A 247 7.95 21.96 -26.77
C ARG A 247 8.19 23.24 -27.54
N MET A 248 8.43 24.36 -26.82
CA MET A 248 8.68 25.64 -27.48
C MET A 248 9.80 25.56 -28.51
N GLN A 249 10.95 24.98 -28.15
CA GLN A 249 12.06 24.89 -29.11
C GLN A 249 11.59 24.22 -30.39
N ALA A 250 10.86 23.11 -30.27
CA ALA A 250 10.39 22.46 -31.49
C ALA A 250 9.41 23.35 -32.23
N HIS A 251 8.48 23.96 -31.49
CA HIS A 251 7.56 24.94 -32.06
C HIS A 251 8.33 25.97 -32.90
N LEU A 252 9.28 26.66 -32.26
CA LEU A 252 9.97 27.77 -32.92
C LEU A 252 10.77 27.31 -34.12
N ASN A 253 11.45 26.18 -34.00
CA ASN A 253 12.22 25.67 -35.13
C ASN A 253 11.31 25.39 -36.32
N ASN A 254 10.17 24.73 -36.06
CA ASN A 254 9.24 24.47 -37.15
C ASN A 254 8.73 25.77 -37.77
N ALA A 255 8.43 26.76 -36.92
CA ALA A 255 7.83 28.00 -37.41
C ALA A 255 8.79 28.75 -38.32
N ALA A 256 10.08 28.73 -38.01
CA ALA A 256 11.05 29.37 -38.89
C ALA A 256 11.09 28.69 -40.25
N LYS A 257 11.08 27.36 -40.28
CA LYS A 257 11.03 26.63 -41.54
C LYS A 257 9.72 26.88 -42.30
N ILE A 258 8.58 26.91 -41.60
CA ILE A 258 7.29 27.18 -42.25
C ILE A 258 7.30 28.56 -42.89
N PHE A 259 7.89 29.55 -42.20
CA PHE A 259 7.92 30.91 -42.72
C PHE A 259 8.68 30.97 -44.03
N THR A 260 9.90 30.45 -44.04
CA THR A 260 10.66 30.34 -45.27
C THR A 260 9.84 29.69 -46.37
N TYR A 261 9.24 28.54 -46.09
CA TYR A 261 8.47 27.83 -47.10
C TYR A 261 7.34 28.68 -47.65
N LEU A 262 6.59 29.35 -46.77
CA LEU A 262 5.50 30.18 -47.24
C LEU A 262 6.00 31.36 -48.07
N LYS A 263 7.18 31.88 -47.77
CA LYS A 263 7.71 33.01 -48.54
C LYS A 263 8.08 32.65 -49.97
N SER A 264 8.43 31.39 -50.23
CA SER A 264 8.76 30.94 -51.58
C SER A 264 7.53 30.59 -52.42
N HIS A 265 6.32 30.70 -51.88
CA HIS A 265 5.12 30.32 -52.63
C HIS A 265 4.46 31.56 -53.21
N PRO A 266 4.40 31.72 -54.54
CA PRO A 266 3.76 32.93 -55.08
C PRO A 266 2.28 33.04 -54.73
N ALA A 267 1.64 31.93 -54.36
CA ALA A 267 0.24 31.97 -53.95
C ALA A 267 0.03 32.81 -52.68
N VAL A 268 1.08 33.08 -51.91
CA VAL A 268 0.97 33.82 -50.65
C VAL A 268 1.34 35.28 -50.92
N THR A 269 0.39 36.20 -50.69
CA THR A 269 0.60 37.63 -50.96
C THR A 269 1.13 38.39 -49.77
N LYS A 270 0.71 38.02 -48.56
CA LYS A 270 1.11 38.71 -47.35
C LYS A 270 1.35 37.67 -46.27
N ILE A 271 2.40 37.85 -45.49
CA ILE A 271 2.72 37.02 -44.35
C ILE A 271 2.83 37.90 -43.11
N TYR A 272 2.25 37.46 -42.01
CA TYR A 272 2.40 38.12 -40.73
C TYR A 272 3.26 37.21 -39.86
N TYR A 273 4.51 37.62 -39.62
CA TYR A 273 5.42 36.82 -38.80
C TYR A 273 6.42 37.74 -38.12
N PRO A 274 6.59 37.63 -36.80
CA PRO A 274 7.49 38.56 -36.11
C PRO A 274 8.93 38.48 -36.58
N GLY A 275 9.37 37.34 -37.09
CA GLY A 275 10.72 37.17 -37.56
C GLY A 275 10.95 37.49 -39.02
N ASP A 276 9.96 38.05 -39.69
CA ASP A 276 10.15 38.59 -41.02
C ASP A 276 11.00 39.85 -40.95
N PRO A 277 12.19 39.88 -41.58
CA PRO A 277 13.01 41.09 -41.54
C PRO A 277 12.39 42.28 -42.25
N ASP A 278 11.47 42.07 -43.19
CA ASP A 278 10.79 43.19 -43.82
C ASP A 278 9.62 43.70 -42.99
N ASN A 279 9.24 42.99 -41.95
CA ASN A 279 8.24 43.44 -41.02
C ASN A 279 8.78 44.58 -40.16
N PRO A 280 8.10 45.72 -40.07
CA PRO A 280 8.59 46.81 -39.20
C PRO A 280 8.62 46.48 -37.72
N ASP A 281 8.06 45.35 -37.28
CA ASP A 281 8.14 44.92 -35.88
C ASP A 281 9.35 44.07 -35.59
N PHE A 282 10.17 43.77 -36.60
CA PHE A 282 11.21 42.76 -36.48
C PHE A 282 12.21 43.10 -35.36
N SER A 283 12.69 44.34 -35.32
CA SER A 283 13.76 44.66 -34.38
C SER A 283 13.27 44.60 -32.95
N ILE A 284 12.07 45.12 -32.68
CA ILE A 284 11.55 45.06 -31.32
C ILE A 284 11.27 43.61 -30.92
N ALA A 285 10.83 42.78 -31.86
CA ALA A 285 10.67 41.36 -31.56
C ALA A 285 12.02 40.73 -31.18
N LYS A 286 13.05 40.92 -32.03
CA LYS A 286 14.38 40.37 -31.74
C LYS A 286 14.87 40.80 -30.38
N GLN A 287 14.59 42.02 -29.99
CA GLN A 287 15.13 42.57 -28.76
C GLN A 287 14.40 42.03 -27.52
N GLN A 288 13.08 41.88 -27.57
CA GLN A 288 12.33 41.53 -26.37
C GLN A 288 11.81 40.10 -26.37
N MET A 289 12.03 39.33 -27.43
CA MET A 289 11.52 37.97 -27.52
C MET A 289 12.68 36.99 -27.73
N ASN A 290 12.64 35.88 -27.00
CA ASN A 290 13.62 34.84 -27.16
C ASN A 290 13.10 33.90 -28.26
N GLY A 291 13.21 34.35 -29.50
CA GLY A 291 12.58 33.67 -30.61
C GLY A 291 11.29 34.37 -31.05
N PHE A 292 10.88 34.09 -32.28
CA PHE A 292 9.86 34.90 -32.93
C PHE A 292 8.44 34.37 -32.78
N GLY A 293 8.22 33.39 -31.90
CA GLY A 293 6.91 32.78 -31.77
C GLY A 293 6.71 31.69 -32.80
N ALA A 294 5.63 30.91 -32.60
CA ALA A 294 5.30 29.81 -33.48
C ALA A 294 3.95 30.01 -34.17
N MET A 295 3.43 31.24 -34.18
CA MET A 295 2.26 31.58 -34.95
C MET A 295 2.68 32.23 -36.27
N ILE A 296 1.89 31.96 -37.32
CA ILE A 296 2.06 32.61 -38.61
C ILE A 296 0.67 32.81 -39.19
N SER A 297 0.38 34.01 -39.66
CA SER A 297 -0.81 34.23 -40.47
C SER A 297 -0.40 34.68 -41.86
N PHE A 298 -1.27 34.40 -42.82
CA PHE A 298 -0.97 34.77 -44.19
C PHE A 298 -2.26 34.85 -44.98
N GLU A 299 -2.19 35.54 -46.12
CA GLU A 299 -3.26 35.61 -47.10
C GLU A 299 -2.81 34.97 -48.39
N LEU A 300 -3.77 34.43 -49.13
CA LEU A 300 -3.53 33.95 -50.47
C LEU A 300 -4.00 35.00 -51.47
N GLN A 301 -3.56 34.84 -52.74
CA GLN A 301 -4.00 35.69 -53.86
C GLN A 301 -5.52 35.87 -53.84
N PRO A 302 -6.04 37.02 -54.28
CA PRO A 302 -7.48 37.28 -54.14
C PRO A 302 -8.40 36.29 -54.84
N GLY A 303 -7.92 35.50 -55.79
CA GLY A 303 -8.81 34.51 -56.36
C GLY A 303 -9.00 33.25 -55.53
N MET A 304 -8.14 32.99 -54.56
CA MET A 304 -7.98 31.65 -54.01
C MET A 304 -8.79 31.45 -52.73
N ASN A 305 -9.44 30.29 -52.64
CA ASN A 305 -10.40 30.03 -51.57
C ASN A 305 -9.68 29.51 -50.32
N PRO A 306 -9.59 30.29 -49.24
CA PRO A 306 -8.90 29.80 -48.04
C PRO A 306 -9.60 28.62 -47.41
N GLN A 307 -10.92 28.53 -47.57
CA GLN A 307 -11.65 27.39 -47.03
C GLN A 307 -11.26 26.11 -47.77
N THR A 308 -11.23 26.15 -49.10
CA THR A 308 -10.70 25.02 -49.85
C THR A 308 -9.32 24.61 -49.33
N PHE A 309 -8.41 25.59 -49.16
CA PHE A 309 -7.05 25.32 -48.70
C PHE A 309 -7.05 24.56 -47.38
N VAL A 310 -7.63 25.14 -46.33
CA VAL A 310 -7.54 24.52 -45.01
C VAL A 310 -8.32 23.21 -44.97
N GLU A 311 -9.33 23.04 -45.80
CA GLU A 311 -10.07 21.79 -45.77
C GLU A 311 -9.34 20.65 -46.48
N HIS A 312 -8.20 20.90 -47.11
CA HIS A 312 -7.47 19.84 -47.79
C HIS A 312 -6.18 19.46 -47.07
N LEU A 313 -5.95 20.02 -45.88
CA LEU A 313 -4.85 19.60 -45.03
C LEU A 313 -5.22 18.32 -44.28
N GLN A 314 -4.22 17.46 -44.07
CA GLN A 314 -4.40 16.14 -43.47
C GLN A 314 -3.63 15.91 -42.19
N VAL A 315 -2.60 16.70 -41.90
CA VAL A 315 -1.91 16.68 -40.63
C VAL A 315 -2.25 17.92 -39.80
N ILE A 316 -2.30 19.08 -40.46
CA ILE A 316 -2.76 20.29 -39.81
C ILE A 316 -4.26 20.19 -39.61
N THR A 317 -4.72 20.47 -38.39
CA THR A 317 -6.11 20.30 -38.02
C THR A 317 -6.82 21.66 -38.10
N LEU A 318 -7.93 21.69 -38.81
CA LEU A 318 -8.81 22.86 -38.86
C LEU A 318 -9.63 22.90 -37.57
N ALA A 319 -9.33 23.88 -36.71
CA ALA A 319 -9.91 23.94 -35.38
C ALA A 319 -9.52 25.27 -34.76
N GLU A 320 -10.27 25.68 -33.75
CA GLU A 320 -9.88 26.83 -32.95
C GLU A 320 -8.71 26.45 -32.06
N SER A 321 -8.30 27.39 -31.21
CA SER A 321 -7.20 27.22 -30.24
C SER A 321 -5.85 27.23 -30.93
N LEU A 322 -4.79 27.19 -30.11
CA LEU A 322 -3.42 27.31 -30.58
C LEU A 322 -2.53 26.73 -29.51
N GLY A 323 -1.22 26.77 -29.76
CA GLY A 323 -0.27 26.36 -28.77
C GLY A 323 -0.23 24.88 -28.46
N ALA A 324 -0.86 24.03 -29.27
CA ALA A 324 -0.90 22.60 -29.00
C ALA A 324 0.25 21.87 -29.68
N LEU A 325 0.52 20.66 -29.21
CA LEU A 325 1.51 19.80 -29.86
C LEU A 325 1.20 19.62 -31.34
N GLU A 326 -0.07 19.52 -31.69
CA GLU A 326 -0.47 19.34 -33.08
C GLU A 326 -0.74 20.69 -33.72
N SER A 327 -0.41 20.79 -35.01
CA SER A 327 -0.64 22.04 -35.71
C SER A 327 -2.13 22.31 -35.83
N LEU A 328 -2.52 23.53 -35.53
CA LEU A 328 -3.88 23.97 -35.69
C LEU A 328 -3.91 25.07 -36.73
N ILE A 329 -5.00 25.14 -37.49
CA ILE A 329 -5.19 26.19 -38.48
C ILE A 329 -6.63 26.65 -38.43
N GLU A 330 -6.85 27.87 -38.92
CA GLU A 330 -8.05 28.60 -38.58
C GLU A 330 -8.19 29.76 -39.55
N ILE A 331 -9.44 30.17 -39.80
CA ILE A 331 -9.67 31.43 -40.52
C ILE A 331 -10.33 32.40 -39.55
N PRO A 332 -9.57 33.33 -38.98
CA PRO A 332 -10.10 34.13 -37.85
C PRO A 332 -11.45 34.78 -38.09
N ALA A 333 -11.73 35.31 -39.29
CA ALA A 333 -12.96 36.06 -39.50
C ALA A 333 -14.21 35.19 -39.42
N LEU A 334 -14.10 33.91 -39.79
CA LEU A 334 -15.19 32.97 -39.66
C LEU A 334 -15.19 32.21 -38.35
N MET A 335 -14.15 32.37 -37.52
CA MET A 335 -14.02 31.53 -36.33
C MET A 335 -13.70 32.32 -35.06
N THR A 336 -12.43 32.37 -34.63
CA THR A 336 -12.12 32.95 -33.33
C THR A 336 -12.44 34.42 -33.25
N HIS A 337 -12.54 35.11 -34.38
CA HIS A 337 -12.79 36.54 -34.36
C HIS A 337 -14.15 36.91 -34.93
N GLY A 338 -15.02 35.93 -35.18
CA GLY A 338 -16.38 36.21 -35.59
C GLY A 338 -17.12 37.12 -34.62
N ALA A 339 -16.72 37.15 -33.35
CA ALA A 339 -17.37 38.05 -32.40
C ALA A 339 -17.09 39.51 -32.71
N ILE A 340 -16.05 39.82 -33.48
CA ILE A 340 -15.82 41.21 -33.87
C ILE A 340 -16.59 41.47 -35.16
N PRO A 341 -17.39 42.52 -35.21
CA PRO A 341 -18.15 42.84 -36.43
C PRO A 341 -17.23 43.00 -37.64
N ARG A 342 -17.77 42.64 -38.81
CA ARG A 342 -16.94 42.56 -40.01
C ARG A 342 -16.33 43.91 -40.36
N THR A 343 -17.13 44.97 -40.27
CA THR A 343 -16.62 46.30 -40.59
C THR A 343 -15.44 46.66 -39.70
N ILE A 344 -15.55 46.36 -38.41
CA ILE A 344 -14.48 46.67 -37.47
C ILE A 344 -13.27 45.81 -37.74
N ARG A 345 -13.48 44.52 -38.04
CA ARG A 345 -12.40 43.62 -38.42
C ARG A 345 -11.57 44.21 -39.55
N LEU A 346 -12.24 44.61 -40.65
CA LEU A 346 -11.52 45.09 -41.83
C LEU A 346 -10.85 46.43 -41.57
N GLN A 347 -11.49 47.31 -40.77
CA GLN A 347 -10.85 48.57 -40.40
C GLN A 347 -9.51 48.32 -39.73
N ASN A 348 -9.40 47.25 -38.96
CA ASN A 348 -8.24 47.01 -38.14
C ASN A 348 -7.34 45.92 -38.69
N GLY A 349 -7.55 45.53 -39.95
CA GLY A 349 -6.60 44.76 -40.69
C GLY A 349 -6.84 43.26 -40.77
N ILE A 350 -7.97 42.76 -40.29
CA ILE A 350 -8.28 41.34 -40.37
C ILE A 350 -9.16 41.11 -41.60
N LYS A 351 -8.54 40.64 -42.67
CA LYS A 351 -9.26 40.34 -43.92
C LYS A 351 -10.05 39.04 -43.79
N ASP A 352 -11.17 38.97 -44.51
CA ASP A 352 -12.04 37.80 -44.45
C ASP A 352 -11.31 36.51 -44.83
N GLU A 353 -10.20 36.62 -45.54
CA GLU A 353 -9.51 35.48 -46.10
C GLU A 353 -8.21 35.20 -45.36
N LEU A 354 -7.97 35.88 -44.26
CA LEU A 354 -6.77 35.64 -43.48
C LEU A 354 -6.78 34.23 -42.89
N ILE A 355 -5.63 33.57 -42.95
CA ILE A 355 -5.43 32.25 -42.37
C ILE A 355 -4.44 32.39 -41.22
N ARG A 356 -4.75 31.78 -40.07
CA ARG A 356 -3.90 31.82 -38.89
C ARG A 356 -3.44 30.40 -38.57
N LEU A 357 -2.14 30.17 -38.63
CA LEU A 357 -1.59 28.84 -38.48
C LEU A 357 -0.82 28.78 -37.16
N SER A 358 -1.11 27.77 -36.37
CA SER A 358 -0.46 27.54 -35.10
C SER A 358 0.49 26.36 -35.35
N VAL A 359 1.77 26.64 -35.49
CA VAL A 359 2.71 25.59 -35.89
C VAL A 359 2.93 24.64 -34.73
N GLY A 360 2.70 23.36 -34.96
CA GLY A 360 2.91 22.34 -33.98
C GLY A 360 4.33 21.82 -33.98
N VAL A 361 4.50 20.60 -33.44
CA VAL A 361 5.82 20.02 -33.27
C VAL A 361 5.99 18.74 -34.07
N GLU A 362 5.05 18.44 -34.97
CA GLU A 362 5.24 17.37 -35.93
C GLU A 362 6.52 17.60 -36.72
N ALA A 363 7.09 16.51 -37.25
CA ALA A 363 8.22 16.59 -38.17
C ALA A 363 7.95 17.62 -39.27
N SER A 364 8.95 18.48 -39.54
CA SER A 364 8.71 19.59 -40.47
C SER A 364 8.49 19.11 -41.89
N ASP A 365 9.15 18.03 -42.31
CA ASP A 365 8.89 17.48 -43.63
C ASP A 365 7.43 17.09 -43.77
N ASP A 366 6.84 16.51 -42.73
CA ASP A 366 5.43 16.14 -42.81
C ASP A 366 4.55 17.38 -42.86
N LEU A 367 4.91 18.43 -42.12
CA LEU A 367 4.15 19.67 -42.20
C LEU A 367 4.26 20.33 -43.58
N LEU A 368 5.47 20.34 -44.16
CA LEU A 368 5.63 20.95 -45.48
C LEU A 368 4.87 20.16 -46.54
N ALA A 369 4.93 18.83 -46.48
CA ALA A 369 4.14 18.04 -47.41
C ALA A 369 2.66 18.38 -47.25
N ASP A 370 2.21 18.53 -46.01
CA ASP A 370 0.80 18.80 -45.78
C ASP A 370 0.41 20.16 -46.35
N LEU A 371 1.21 21.20 -46.11
CA LEU A 371 0.92 22.51 -46.70
C LEU A 371 0.85 22.43 -48.21
N GLU A 372 1.72 21.62 -48.84
CA GLU A 372 1.66 21.42 -50.28
C GLU A 372 0.30 20.91 -50.72
N ARG A 373 -0.26 19.94 -50.00
CA ARG A 373 -1.59 19.46 -50.34
C ARG A 373 -2.61 20.60 -50.36
N GLY A 374 -2.48 21.57 -49.44
CA GLY A 374 -3.38 22.70 -49.46
C GLY A 374 -3.18 23.58 -50.68
N PHE A 375 -1.93 23.86 -51.02
CA PHE A 375 -1.64 24.65 -52.20
C PHE A 375 -2.07 23.92 -53.47
N ALA A 376 -1.87 22.60 -53.52
CA ALA A 376 -2.30 21.83 -54.68
C ALA A 376 -3.80 21.97 -54.93
N SER A 377 -4.60 21.98 -53.88
CA SER A 377 -6.06 22.06 -54.01
C SER A 377 -6.55 23.40 -54.52
N ILE A 378 -5.69 24.42 -54.59
CA ILE A 378 -6.09 25.70 -55.13
C ILE A 378 -5.29 26.04 -56.39
N GLN A 379 -4.72 25.00 -57.04
CA GLN A 379 -3.90 25.10 -58.24
C GLN A 379 -2.79 26.15 -58.11
N ALA A 380 -1.90 25.96 -57.13
CA ALA A 380 -0.95 27.01 -56.76
C ALA A 380 0.39 26.48 -56.27
N ASP A 381 0.68 25.19 -56.43
CA ASP A 381 1.89 24.58 -55.89
C ASP A 381 3.17 25.19 -56.47
N MET B 1 -40.85 10.21 -16.24
CA MET B 1 -40.11 9.45 -15.23
C MET B 1 -40.14 10.16 -13.88
N LYS B 2 -40.03 9.39 -12.80
CA LYS B 2 -39.99 9.97 -11.47
C LYS B 2 -38.58 10.47 -11.12
N PHE B 3 -38.54 11.37 -10.14
CA PHE B 3 -37.31 12.08 -9.78
C PHE B 3 -36.10 11.17 -9.60
N GLU B 4 -36.26 10.11 -8.81
CA GLU B 4 -35.18 9.15 -8.63
C GLU B 4 -34.73 8.58 -9.98
N THR B 5 -35.67 8.31 -10.87
CA THR B 5 -35.30 7.76 -12.17
C THR B 5 -34.59 8.79 -13.02
N GLN B 6 -35.05 10.03 -12.98
CA GLN B 6 -34.38 11.08 -13.73
C GLN B 6 -32.92 11.25 -13.26
N LEU B 7 -32.69 11.17 -11.95
CA LEU B 7 -31.34 11.24 -11.43
C LEU B 7 -30.40 10.25 -12.12
N ILE B 8 -30.90 9.07 -12.43
CA ILE B 8 -30.06 8.03 -13.02
C ILE B 8 -29.98 8.13 -14.54
N HIS B 9 -31.05 8.62 -15.18
CA HIS B 9 -31.19 8.51 -16.63
C HIS B 9 -31.47 9.81 -17.35
N GLY B 10 -31.75 10.91 -16.64
CA GLY B 10 -32.13 12.17 -17.26
C GLY B 10 -30.95 12.97 -17.79
N GLY B 11 -31.28 14.16 -18.33
CA GLY B 11 -30.27 14.94 -19.07
C GLY B 11 -29.63 14.06 -20.14
N ILE B 12 -28.31 14.00 -20.12
CA ILE B 12 -27.55 13.03 -20.91
C ILE B 12 -26.79 12.16 -19.92
N SER B 13 -27.03 10.85 -19.93
CA SER B 13 -26.37 9.95 -19.00
C SER B 13 -25.61 8.84 -19.69
N GLU B 14 -25.58 8.82 -21.02
CA GLU B 14 -24.84 7.77 -21.70
C GLU B 14 -24.26 8.33 -22.99
N ASP B 15 -23.26 7.61 -23.52
CA ASP B 15 -22.64 7.97 -24.78
C ASP B 15 -23.41 7.27 -25.91
N ALA B 16 -24.07 8.06 -26.77
CA ALA B 16 -24.91 7.49 -27.81
C ALA B 16 -24.12 6.59 -28.77
N THR B 17 -22.85 6.93 -29.02
CA THR B 17 -22.06 6.20 -30.02
C THR B 17 -21.75 4.79 -29.56
N THR B 18 -21.21 4.64 -28.35
CA THR B 18 -20.74 3.34 -27.86
C THR B 18 -21.73 2.63 -26.96
N GLY B 19 -22.72 3.35 -26.42
CA GLY B 19 -23.58 2.81 -25.38
C GLY B 19 -23.00 2.89 -23.99
N ALA B 20 -21.87 3.57 -23.82
CA ALA B 20 -21.23 3.70 -22.51
C ALA B 20 -22.21 4.23 -21.48
N THR B 21 -22.24 3.59 -20.32
CA THR B 21 -23.19 3.86 -19.23
C THR B 21 -22.80 5.06 -18.40
N SER B 22 -21.75 5.75 -18.81
CA SER B 22 -21.30 6.99 -18.20
C SER B 22 -21.02 7.95 -19.34
N VAL B 23 -21.20 9.24 -19.09
CA VAL B 23 -20.78 10.20 -20.12
C VAL B 23 -19.26 10.28 -20.15
N PRO B 24 -18.62 10.11 -21.29
CA PRO B 24 -17.16 10.17 -21.31
C PRO B 24 -16.65 11.55 -20.93
N ILE B 25 -15.42 11.58 -20.42
CA ILE B 25 -14.77 12.83 -20.05
C ILE B 25 -14.01 13.35 -21.26
N TYR B 26 -14.46 14.47 -21.80
CA TYR B 26 -13.83 15.08 -22.96
C TYR B 26 -12.79 16.08 -22.46
N MET B 27 -11.54 15.65 -22.36
CA MET B 27 -10.51 16.58 -21.95
C MET B 27 -10.15 17.58 -23.05
N ALA B 28 -10.42 17.24 -24.32
CA ALA B 28 -10.03 18.09 -25.43
C ALA B 28 -10.44 19.54 -25.22
N SER B 29 -9.55 20.46 -25.60
CA SER B 29 -9.87 21.88 -25.59
C SER B 29 -10.56 22.31 -26.88
N THR B 30 -10.39 21.57 -27.95
CA THR B 30 -10.84 22.02 -29.25
C THR B 30 -11.22 20.80 -30.09
N PHE B 31 -11.87 21.08 -31.22
CA PHE B 31 -12.52 20.05 -32.00
C PHE B 31 -12.25 20.28 -33.47
N ARG B 32 -11.75 19.25 -34.15
CA ARG B 32 -11.54 19.35 -35.59
C ARG B 32 -12.85 19.62 -36.31
N GLN B 33 -12.85 20.66 -37.12
CA GLN B 33 -13.96 20.93 -38.02
C GLN B 33 -13.66 20.41 -39.42
N THR B 34 -14.67 19.79 -40.05
CA THR B 34 -14.52 19.39 -41.45
C THR B 34 -14.96 20.50 -42.38
N LYS B 35 -16.04 21.17 -42.04
CA LYS B 35 -16.47 22.39 -42.69
C LYS B 35 -16.77 23.41 -41.60
N ILE B 36 -16.35 24.65 -41.82
CA ILE B 36 -16.48 25.69 -40.81
C ILE B 36 -17.96 25.96 -40.52
N GLY B 37 -18.30 26.01 -39.23
CA GLY B 37 -19.65 26.31 -38.81
C GLY B 37 -20.59 25.11 -38.75
N GLN B 38 -20.10 23.90 -38.99
CA GLN B 38 -20.94 22.71 -39.02
C GLN B 38 -20.66 21.75 -37.88
N ASN B 39 -19.71 22.03 -37.01
CA ASN B 39 -19.47 21.15 -35.89
C ASN B 39 -20.52 21.36 -34.81
N GLN B 40 -20.80 20.30 -34.06
CA GLN B 40 -21.62 20.49 -32.87
C GLN B 40 -20.81 21.16 -31.76
N TYR B 41 -19.55 20.78 -31.59
CA TYR B 41 -18.65 21.38 -30.63
C TYR B 41 -17.48 22.03 -31.35
N GLU B 42 -17.05 23.19 -30.88
CA GLU B 42 -15.89 23.86 -31.45
C GLU B 42 -14.80 24.13 -30.42
N TYR B 43 -15.14 24.55 -29.21
CA TYR B 43 -14.14 24.91 -28.22
C TYR B 43 -14.66 24.57 -26.84
N SER B 44 -13.79 23.97 -26.01
CA SER B 44 -14.32 23.30 -24.83
C SER B 44 -14.95 24.30 -23.86
N ARG B 45 -14.45 25.55 -23.83
CA ARG B 45 -15.04 26.57 -22.97
C ARG B 45 -16.47 26.88 -23.38
N THR B 46 -16.69 27.01 -24.69
CA THR B 46 -18.00 27.31 -25.26
C THR B 46 -18.99 26.17 -25.01
N GLY B 47 -18.50 24.94 -24.99
CA GLY B 47 -19.34 23.78 -24.81
C GLY B 47 -18.57 22.50 -25.09
N ASN B 48 -18.91 21.42 -24.39
CA ASN B 48 -18.34 20.12 -24.65
C ASN B 48 -19.29 19.07 -24.12
N PRO B 49 -19.19 17.82 -24.60
CA PRO B 49 -20.20 16.83 -24.20
C PRO B 49 -20.24 16.57 -22.70
N THR B 50 -19.10 16.63 -22.01
CA THR B 50 -19.11 16.30 -20.59
C THR B 50 -19.85 17.36 -19.79
N ARG B 51 -19.51 18.64 -20.00
CA ARG B 51 -20.20 19.67 -19.23
C ARG B 51 -21.66 19.74 -19.63
N ALA B 52 -21.94 19.59 -20.94
CA ALA B 52 -23.31 19.66 -21.42
C ALA B 52 -24.20 18.65 -20.70
N ALA B 53 -23.65 17.47 -20.40
CA ALA B 53 -24.43 16.43 -19.71
C ALA B 53 -24.88 16.91 -18.34
N VAL B 54 -23.96 17.48 -17.55
CA VAL B 54 -24.38 17.87 -16.21
C VAL B 54 -25.33 19.05 -16.28
N GLU B 55 -25.14 19.94 -17.25
CA GLU B 55 -26.06 21.07 -17.42
C GLU B 55 -27.45 20.58 -17.81
N ALA B 56 -27.52 19.56 -18.69
CA ALA B 56 -28.82 19.02 -19.06
C ALA B 56 -29.50 18.41 -17.85
N LEU B 57 -28.74 17.72 -16.98
CA LEU B 57 -29.35 17.02 -15.86
C LEU B 57 -29.97 18.00 -14.89
N ILE B 58 -29.21 19.00 -14.45
CA ILE B 58 -29.76 19.93 -13.47
C ILE B 58 -30.96 20.66 -14.04
N ALA B 59 -30.98 20.86 -15.36
CA ALA B 59 -32.13 21.51 -15.97
C ALA B 59 -33.37 20.63 -15.87
N THR B 60 -33.23 19.34 -16.13
CA THR B 60 -34.31 18.39 -15.87
C THR B 60 -34.75 18.47 -14.43
N LEU B 61 -33.82 18.31 -13.49
CA LEU B 61 -34.16 18.22 -12.07
C LEU B 61 -34.86 19.47 -11.57
N GLU B 62 -34.54 20.63 -12.12
CA GLU B 62 -35.09 21.90 -11.68
C GLU B 62 -36.29 22.36 -12.49
N HIS B 63 -36.71 21.55 -13.48
CA HIS B 63 -37.86 21.84 -14.35
C HIS B 63 -37.68 23.13 -15.13
N GLY B 64 -36.46 23.37 -15.61
CA GLY B 64 -36.13 24.52 -16.42
C GLY B 64 -35.80 24.14 -17.86
N SER B 65 -35.44 25.16 -18.65
CA SER B 65 -35.16 24.95 -20.06
C SER B 65 -33.68 24.66 -20.33
N ALA B 66 -32.79 25.33 -19.60
CA ALA B 66 -31.36 25.31 -19.88
C ALA B 66 -30.58 25.36 -18.57
N GLY B 67 -29.51 24.55 -18.50
CA GLY B 67 -28.61 24.54 -17.35
C GLY B 67 -27.23 25.03 -17.72
N PHE B 68 -26.51 25.57 -16.74
CA PHE B 68 -25.18 26.14 -16.95
C PHE B 68 -24.29 25.84 -15.76
N ALA B 69 -23.09 25.35 -16.03
CA ALA B 69 -22.18 24.88 -15.00
C ALA B 69 -20.97 25.82 -14.89
N PHE B 70 -20.65 26.22 -13.67
CA PHE B 70 -19.59 27.19 -13.43
C PHE B 70 -18.53 26.62 -12.49
N ALA B 71 -17.38 27.31 -12.43
CA ALA B 71 -16.25 26.82 -11.63
C ALA B 71 -16.58 26.81 -10.14
N SER B 72 -17.56 27.58 -9.70
CA SER B 72 -17.99 27.61 -8.31
C SER B 72 -19.34 28.30 -8.25
N GLY B 73 -19.98 28.23 -7.07
CA GLY B 73 -21.20 28.99 -6.85
C GLY B 73 -20.96 30.48 -6.91
N SER B 74 -19.81 30.92 -6.41
CA SER B 74 -19.44 32.32 -6.52
C SER B 74 -19.38 32.74 -7.99
N ALA B 75 -18.74 31.94 -8.83
CA ALA B 75 -18.62 32.31 -10.23
C ALA B 75 -19.99 32.31 -10.91
N ALA B 76 -20.85 31.36 -10.55
CA ALA B 76 -22.21 31.38 -11.07
C ALA B 76 -22.92 32.69 -10.73
N ILE B 77 -22.86 33.09 -9.45
CA ILE B 77 -23.48 34.34 -9.03
C ILE B 77 -22.89 35.53 -9.78
N ASN B 78 -21.56 35.57 -9.90
CA ASN B 78 -20.91 36.66 -10.64
C ASN B 78 -21.43 36.75 -12.06
N THR B 79 -21.61 35.61 -12.72
CA THR B 79 -22.09 35.65 -14.11
C THR B 79 -23.55 36.08 -14.19
N VAL B 80 -24.39 35.59 -13.28
CA VAL B 80 -25.78 36.03 -13.25
C VAL B 80 -25.86 37.55 -13.08
N PHE B 81 -25.09 38.08 -12.12
CA PHE B 81 -25.17 39.53 -11.92
C PHE B 81 -24.54 40.31 -13.08
N SER B 82 -23.77 39.65 -13.94
CA SER B 82 -23.33 40.37 -15.13
C SER B 82 -24.45 40.59 -16.14
N LEU B 83 -25.67 40.13 -15.84
CA LEU B 83 -26.82 40.56 -16.61
C LEU B 83 -27.09 42.05 -16.45
N PHE B 84 -26.60 42.67 -15.39
CA PHE B 84 -27.00 44.03 -15.03
C PHE B 84 -25.90 45.03 -15.37
N SER B 85 -26.28 46.31 -15.36
CA SER B 85 -25.40 47.40 -15.73
C SER B 85 -25.32 48.44 -14.63
N ALA B 86 -24.37 49.36 -14.78
CA ALA B 86 -24.30 50.52 -13.90
C ALA B 86 -25.63 51.27 -13.93
N GLY B 87 -26.05 51.73 -12.76
CA GLY B 87 -27.33 52.34 -12.58
C GLY B 87 -28.42 51.38 -12.15
N ASP B 88 -28.18 50.08 -12.30
CA ASP B 88 -29.17 49.10 -11.93
C ASP B 88 -29.19 48.91 -10.43
N HIS B 89 -30.38 48.63 -9.91
CA HIS B 89 -30.56 48.46 -8.48
C HIS B 89 -31.16 47.09 -8.21
N ILE B 90 -30.65 46.41 -7.19
CA ILE B 90 -31.11 45.06 -6.87
C ILE B 90 -31.59 45.02 -5.43
N ILE B 91 -32.70 44.36 -5.21
CA ILE B 91 -33.15 44.01 -3.87
C ILE B 91 -32.57 42.65 -3.53
N VAL B 92 -31.91 42.56 -2.37
CA VAL B 92 -31.35 41.30 -1.90
C VAL B 92 -31.88 40.99 -0.51
N GLY B 93 -31.99 39.70 -0.20
CA GLY B 93 -32.25 39.29 1.16
C GLY B 93 -31.12 39.70 2.09
N ASN B 94 -31.47 40.01 3.34
CA ASN B 94 -30.49 40.54 4.28
C ASN B 94 -29.75 39.46 5.04
N ASP B 95 -30.11 38.19 4.86
CA ASP B 95 -29.30 37.06 5.31
C ASP B 95 -28.84 36.31 4.06
N VAL B 96 -27.63 36.61 3.59
CA VAL B 96 -27.06 35.87 2.48
C VAL B 96 -25.71 35.32 2.91
N TYR B 97 -25.23 34.32 2.16
CA TYR B 97 -23.89 33.78 2.38
C TYR B 97 -22.87 34.92 2.40
N GLY B 98 -21.95 34.85 3.37
CA GLY B 98 -20.96 35.91 3.53
C GLY B 98 -20.29 36.31 2.23
N GLY B 99 -20.01 35.33 1.37
CA GLY B 99 -19.34 35.61 0.10
C GLY B 99 -20.19 36.36 -0.91
N THR B 100 -21.50 36.07 -0.96
CA THR B 100 -22.38 36.89 -1.78
C THR B 100 -22.35 38.34 -1.32
N PHE B 101 -22.36 38.55 0.00
CA PHE B 101 -22.20 39.88 0.56
C PHE B 101 -20.88 40.50 0.09
N ARG B 102 -19.81 39.73 0.12
CA ARG B 102 -18.51 40.25 -0.28
C ARG B 102 -18.47 40.60 -1.76
N LEU B 103 -19.07 39.77 -2.61
CA LEU B 103 -19.12 40.09 -4.04
C LEU B 103 -19.83 41.42 -4.26
N ILE B 104 -21.00 41.59 -3.64
CA ILE B 104 -21.82 42.78 -3.82
C ILE B 104 -21.06 44.03 -3.39
N ASP B 105 -20.47 44.00 -2.19
CA ASP B 105 -19.86 45.20 -1.61
C ASP B 105 -18.52 45.49 -2.25
N ALA B 106 -17.72 44.47 -2.52
CA ALA B 106 -16.35 44.66 -2.96
C ALA B 106 -16.20 44.78 -4.48
N VAL B 107 -17.13 44.20 -5.25
CA VAL B 107 -17.00 44.16 -6.71
C VAL B 107 -18.18 44.82 -7.42
N LEU B 108 -19.39 44.30 -7.20
CA LEU B 108 -20.52 44.76 -8.00
C LEU B 108 -20.81 46.23 -7.77
N LYS B 109 -20.60 46.73 -6.55
CA LYS B 109 -20.84 48.15 -6.29
C LYS B 109 -19.85 49.05 -7.03
N HIS B 110 -18.62 48.57 -7.25
CA HIS B 110 -17.68 49.30 -8.10
C HIS B 110 -18.14 49.32 -9.55
N PHE B 111 -19.09 48.47 -9.93
CA PHE B 111 -19.63 48.49 -11.29
C PHE B 111 -20.85 49.39 -11.39
N GLY B 112 -21.17 50.16 -10.35
CA GLY B 112 -22.31 51.04 -10.38
C GLY B 112 -23.66 50.40 -10.09
N MET B 113 -23.69 49.13 -9.72
CA MET B 113 -24.92 48.52 -9.24
C MET B 113 -25.17 48.95 -7.80
N THR B 114 -26.44 49.08 -7.43
CA THR B 114 -26.80 49.44 -6.06
C THR B 114 -27.73 48.39 -5.48
N PHE B 115 -27.74 48.31 -4.16
CA PHE B 115 -28.38 47.21 -3.46
C PHE B 115 -29.05 47.72 -2.20
N THR B 116 -30.28 47.25 -1.98
CA THR B 116 -30.98 47.38 -0.70
C THR B 116 -31.18 45.99 -0.11
N ALA B 117 -30.75 45.81 1.13
CA ALA B 117 -31.02 44.56 1.84
C ALA B 117 -32.38 44.65 2.54
N VAL B 118 -33.15 43.56 2.44
CA VAL B 118 -34.52 43.53 2.91
C VAL B 118 -34.79 42.16 3.51
N ASP B 119 -35.58 42.11 4.57
CA ASP B 119 -36.06 40.83 5.08
C ASP B 119 -37.14 40.34 4.13
N THR B 120 -36.78 39.37 3.28
CA THR B 120 -37.75 38.91 2.30
C THR B 120 -38.88 38.09 2.92
N ARG B 121 -38.89 37.93 4.24
CA ARG B 121 -40.07 37.36 4.88
C ARG B 121 -41.23 38.35 4.91
N ASP B 122 -40.93 39.66 4.91
CA ASP B 122 -41.92 40.74 4.96
C ASP B 122 -42.16 41.28 3.56
N LEU B 123 -43.21 40.79 2.89
CA LEU B 123 -43.45 41.18 1.50
C LEU B 123 -43.75 42.67 1.35
N ALA B 124 -44.36 43.28 2.36
CA ALA B 124 -44.60 44.71 2.27
C ALA B 124 -43.29 45.49 2.23
N ALA B 125 -42.26 44.99 2.92
CA ALA B 125 -40.97 45.68 2.91
C ALA B 125 -40.24 45.44 1.59
N VAL B 126 -40.48 44.29 0.96
CA VAL B 126 -39.90 44.06 -0.36
C VAL B 126 -40.52 45.00 -1.38
N GLU B 127 -41.86 45.16 -1.35
CA GLU B 127 -42.49 46.05 -2.31
C GLU B 127 -42.07 47.49 -2.08
N ALA B 128 -41.85 47.88 -0.83
CA ALA B 128 -41.47 49.26 -0.58
C ALA B 128 -40.07 49.55 -1.09
N ALA B 129 -39.25 48.52 -1.29
CA ALA B 129 -37.88 48.69 -1.71
C ALA B 129 -37.73 48.76 -3.23
N ILE B 130 -38.79 48.48 -3.98
CA ILE B 130 -38.77 48.54 -5.44
C ILE B 130 -38.69 50.00 -5.87
N THR B 131 -37.66 50.34 -6.65
CA THR B 131 -37.41 51.69 -7.14
C THR B 131 -37.47 51.74 -8.66
N PRO B 132 -37.61 52.93 -9.24
CA PRO B 132 -37.59 53.05 -10.71
C PRO B 132 -36.44 52.33 -11.42
N THR B 133 -35.27 52.21 -10.80
CA THR B 133 -34.14 51.56 -11.46
C THR B 133 -33.91 50.14 -10.95
N THR B 134 -34.84 49.60 -10.17
CA THR B 134 -34.71 48.24 -9.67
C THR B 134 -34.90 47.23 -10.80
N LYS B 135 -34.04 46.23 -10.84
CA LYS B 135 -34.05 45.25 -11.92
C LYS B 135 -34.28 43.81 -11.48
N ALA B 136 -34.13 43.49 -10.18
CA ALA B 136 -34.12 42.09 -9.78
C ALA B 136 -34.24 41.96 -8.26
N ILE B 137 -34.75 40.81 -7.83
CA ILE B 137 -34.81 40.41 -6.43
C ILE B 137 -34.04 39.10 -6.28
N TYR B 138 -33.05 39.09 -5.39
CA TYR B 138 -32.17 37.95 -5.21
C TYR B 138 -32.25 37.52 -3.75
N LEU B 139 -32.52 36.23 -3.52
CA LEU B 139 -32.56 35.74 -2.14
C LEU B 139 -32.26 34.25 -2.09
N GLU B 140 -31.76 33.80 -0.95
CA GLU B 140 -31.66 32.38 -0.65
C GLU B 140 -32.84 32.01 0.23
N THR B 141 -33.31 30.78 0.09
CA THR B 141 -34.29 30.28 1.04
C THR B 141 -34.18 28.77 1.08
N PRO B 142 -33.91 28.18 2.26
CA PRO B 142 -33.69 28.86 3.54
C PRO B 142 -32.37 29.61 3.56
N THR B 143 -32.21 30.62 4.42
CA THR B 143 -31.05 31.50 4.38
C THR B 143 -29.84 30.90 5.12
N ASN B 144 -28.65 31.41 4.74
CA ASN B 144 -27.37 31.03 5.33
C ASN B 144 -26.89 32.14 6.26
N PRO B 145 -26.93 31.94 7.60
CA PRO B 145 -27.19 30.64 8.21
C PRO B 145 -28.42 30.54 9.10
N LEU B 146 -29.33 31.51 9.08
CA LEU B 146 -30.46 31.45 10.00
C LEU B 146 -31.66 30.70 9.44
N LEU B 147 -31.57 30.18 8.22
CA LEU B 147 -32.58 29.29 7.65
C LEU B 147 -33.97 29.94 7.62
N HIS B 148 -34.02 31.27 7.50
CA HIS B 148 -35.27 31.96 7.24
C HIS B 148 -35.92 31.45 5.94
N ILE B 149 -37.24 31.32 5.96
CA ILE B 149 -38.00 30.86 4.80
C ILE B 149 -38.72 32.05 4.18
N THR B 150 -38.61 32.19 2.86
CA THR B 150 -39.32 33.22 2.12
C THR B 150 -40.34 32.55 1.21
N ASP B 151 -41.51 33.20 1.06
CA ASP B 151 -42.59 32.69 0.21
C ASP B 151 -42.16 32.88 -1.25
N ILE B 152 -41.73 31.80 -1.89
CA ILE B 152 -41.17 31.95 -3.22
C ILE B 152 -42.23 32.43 -4.19
N ALA B 153 -43.39 31.75 -4.23
CA ALA B 153 -44.45 32.10 -5.17
C ALA B 153 -44.83 33.58 -5.05
N ALA B 154 -44.92 34.09 -3.82
CA ALA B 154 -45.28 35.49 -3.62
C ALA B 154 -44.22 36.44 -4.17
N ILE B 155 -42.95 36.10 -3.97
CA ILE B 155 -41.87 36.95 -4.47
C ILE B 155 -41.88 37.01 -6.00
N ALA B 156 -42.14 35.87 -6.66
CA ALA B 156 -42.24 35.86 -8.11
C ALA B 156 -43.39 36.75 -8.60
N LYS B 157 -44.58 36.59 -8.03
CA LYS B 157 -45.69 37.46 -8.41
C LYS B 157 -45.34 38.93 -8.24
N LEU B 158 -44.70 39.28 -7.11
CA LEU B 158 -44.26 40.65 -6.92
C LEU B 158 -43.29 41.09 -8.01
N ALA B 159 -42.31 40.23 -8.31
CA ALA B 159 -41.34 40.55 -9.36
C ALA B 159 -42.03 40.68 -10.73
N GLN B 160 -42.95 39.75 -11.05
CA GLN B 160 -43.61 39.81 -12.34
C GLN B 160 -44.36 41.12 -12.52
N ALA B 161 -44.90 41.67 -11.43
CA ALA B 161 -45.73 42.85 -11.49
C ALA B 161 -44.94 44.12 -11.73
N HIS B 162 -43.61 44.06 -11.66
CA HIS B 162 -42.78 45.23 -11.86
C HIS B 162 -41.64 44.97 -12.86
N ASP B 163 -41.75 43.92 -13.66
CA ASP B 163 -40.75 43.60 -14.69
C ASP B 163 -39.37 43.39 -14.07
N LEU B 164 -39.32 42.65 -12.96
CA LEU B 164 -38.07 42.32 -12.32
C LEU B 164 -37.71 40.86 -12.56
N LEU B 165 -36.42 40.58 -12.64
CA LEU B 165 -35.94 39.22 -12.54
C LEU B 165 -35.98 38.77 -11.09
N SER B 166 -36.52 37.58 -10.86
CA SER B 166 -36.45 36.94 -9.54
C SER B 166 -35.39 35.85 -9.60
N ILE B 167 -34.45 35.91 -8.66
CA ILE B 167 -33.33 34.97 -8.60
C ILE B 167 -33.32 34.29 -7.24
N ILE B 168 -33.47 32.97 -7.23
CA ILE B 168 -33.43 32.17 -6.00
C ILE B 168 -32.13 31.36 -5.95
N ASP B 169 -31.34 31.55 -4.90
CA ASP B 169 -30.23 30.65 -4.59
C ASP B 169 -30.81 29.43 -3.88
N ASN B 170 -30.76 28.26 -4.52
CA ASN B 170 -31.39 27.04 -4.02
C ASN B 170 -30.39 26.08 -3.38
N THR B 171 -29.26 26.58 -2.89
CA THR B 171 -28.20 25.68 -2.45
C THR B 171 -28.67 24.80 -1.29
N PHE B 172 -29.17 25.43 -0.22
CA PHE B 172 -29.54 24.69 0.98
C PHE B 172 -30.66 23.68 0.73
N ALA B 173 -31.60 23.99 -0.16
CA ALA B 173 -32.73 23.06 -0.31
C ALA B 173 -32.38 21.87 -1.21
N SER B 174 -31.82 22.15 -2.43
CA SER B 174 -31.64 21.24 -3.56
C SER B 174 -32.96 20.97 -4.28
N PRO B 175 -32.91 20.54 -5.55
CA PRO B 175 -34.17 20.23 -6.27
C PRO B 175 -34.99 19.13 -5.62
N TYR B 176 -34.40 18.35 -4.72
CA TYR B 176 -35.15 17.31 -4.05
C TYR B 176 -36.15 17.93 -3.07
N VAL B 177 -35.76 19.02 -2.43
CA VAL B 177 -36.61 19.67 -1.45
C VAL B 177 -37.52 20.74 -2.08
N GLN B 178 -37.03 21.43 -3.12
CA GLN B 178 -37.59 22.71 -3.53
C GLN B 178 -37.24 22.97 -4.99
N LYS B 179 -38.25 23.24 -5.82
CA LYS B 179 -38.04 23.55 -7.24
C LYS B 179 -38.57 24.94 -7.53
N PRO B 180 -37.76 25.99 -7.31
CA PRO B 180 -38.29 27.36 -7.42
C PRO B 180 -38.87 27.71 -8.77
N LEU B 181 -38.33 27.18 -9.87
CA LEU B 181 -38.87 27.51 -11.18
C LEU B 181 -40.34 27.10 -11.31
N ASP B 182 -40.74 26.04 -10.60
CA ASP B 182 -42.14 25.64 -10.60
C ASP B 182 -43.04 26.67 -9.94
N LEU B 183 -42.46 27.59 -9.16
CA LEU B 183 -43.22 28.62 -8.47
C LEU B 183 -43.14 29.98 -9.17
N GLY B 184 -42.63 30.03 -10.40
CA GLY B 184 -42.62 31.24 -11.22
C GLY B 184 -41.33 32.02 -11.26
N VAL B 185 -40.33 31.64 -10.46
CA VAL B 185 -39.06 32.35 -10.46
C VAL B 185 -38.35 32.28 -11.82
N ASP B 186 -37.55 33.30 -12.13
CA ASP B 186 -36.90 33.37 -13.44
C ASP B 186 -35.58 32.57 -13.50
N ILE B 187 -34.76 32.66 -12.46
CA ILE B 187 -33.46 32.00 -12.44
C ILE B 187 -33.29 31.30 -11.11
N VAL B 188 -32.82 30.07 -11.15
CA VAL B 188 -32.43 29.35 -9.94
C VAL B 188 -30.94 29.04 -10.06
N LEU B 189 -30.21 29.15 -8.95
CA LEU B 189 -28.79 28.82 -8.97
C LEU B 189 -28.42 28.03 -7.72
N HIS B 190 -27.26 27.36 -7.81
CA HIS B 190 -26.75 26.46 -6.77
C HIS B 190 -25.25 26.64 -6.63
N SER B 191 -24.78 26.60 -5.38
CA SER B 191 -23.42 26.13 -5.13
C SER B 191 -23.45 24.60 -5.17
N ALA B 192 -23.03 24.02 -6.28
CA ALA B 192 -23.00 22.57 -6.41
C ALA B 192 -21.97 21.93 -5.48
N SER B 193 -21.10 22.73 -4.86
CA SER B 193 -20.15 22.25 -3.86
C SER B 193 -20.83 21.60 -2.67
N ALA B 194 -22.15 21.72 -2.54
CA ALA B 194 -22.85 21.21 -1.37
C ALA B 194 -23.58 19.92 -1.71
N TYR B 195 -24.91 19.92 -1.56
CA TYR B 195 -25.67 18.67 -1.68
C TYR B 195 -25.57 18.05 -3.05
N LEU B 196 -25.48 18.87 -4.09
CA LEU B 196 -25.51 18.33 -5.45
C LEU B 196 -24.30 17.45 -5.72
N GLY B 197 -23.11 17.95 -5.38
CA GLY B 197 -21.93 17.08 -5.41
C GLY B 197 -22.01 16.01 -4.35
N GLY B 198 -22.30 16.41 -3.10
CA GLY B 198 -22.60 15.49 -2.02
C GLY B 198 -21.41 14.87 -1.33
N HIS B 199 -20.22 14.91 -1.92
CA HIS B 199 -19.12 14.10 -1.40
C HIS B 199 -17.95 14.93 -0.89
N SER B 200 -18.14 16.22 -0.68
CA SER B 200 -17.11 17.08 -0.10
C SER B 200 -15.88 17.16 -1.01
N ASP B 201 -16.07 16.97 -2.33
CA ASP B 201 -14.90 16.80 -3.17
C ASP B 201 -15.05 17.46 -4.54
N VAL B 202 -15.87 18.51 -4.63
CA VAL B 202 -16.05 19.19 -5.91
C VAL B 202 -16.51 20.61 -5.62
N ILE B 203 -15.88 21.58 -6.26
CA ILE B 203 -16.32 22.96 -6.20
C ILE B 203 -17.01 23.26 -7.52
N GLY B 204 -18.19 23.87 -7.45
CA GLY B 204 -18.98 24.04 -8.66
C GLY B 204 -20.19 24.91 -8.45
N GLY B 205 -20.62 25.57 -9.53
CA GLY B 205 -21.87 26.31 -9.54
C GLY B 205 -22.79 25.84 -10.65
N LEU B 206 -24.09 26.04 -10.44
CA LEU B 206 -25.07 25.69 -11.47
C LEU B 206 -26.13 26.77 -11.54
N VAL B 207 -26.62 27.00 -12.76
CA VAL B 207 -27.70 27.95 -13.03
C VAL B 207 -28.68 27.29 -13.99
N VAL B 208 -29.97 27.39 -13.70
CA VAL B 208 -31.02 26.95 -14.59
C VAL B 208 -32.00 28.10 -14.80
N THR B 209 -32.45 28.27 -16.04
CA THR B 209 -33.46 29.27 -16.36
C THR B 209 -34.72 28.60 -16.88
N LYS B 210 -35.84 29.29 -16.70
CA LYS B 210 -37.14 28.78 -17.14
C LYS B 210 -37.32 28.92 -18.65
N THR B 211 -37.02 30.08 -19.18
CA THR B 211 -37.29 30.43 -20.57
C THR B 211 -36.04 30.29 -21.42
N PRO B 212 -36.19 30.14 -22.72
CA PRO B 212 -35.00 30.01 -23.57
C PRO B 212 -34.29 31.34 -23.76
N ALA B 213 -35.04 32.44 -23.78
CA ALA B 213 -34.46 33.76 -23.99
C ALA B 213 -33.47 34.11 -22.87
N LEU B 214 -33.91 33.96 -21.62
CA LEU B 214 -32.99 34.15 -20.50
C LEU B 214 -31.86 33.13 -20.54
N GLY B 215 -32.12 31.93 -21.05
CA GLY B 215 -31.07 30.95 -21.21
C GLY B 215 -30.03 31.38 -22.23
N GLU B 216 -30.45 32.00 -23.32
CA GLU B 216 -29.49 32.51 -24.29
C GLU B 216 -28.61 33.58 -23.68
N LYS B 217 -29.15 34.41 -22.79
CA LYS B 217 -28.36 35.48 -22.20
C LYS B 217 -27.38 34.95 -21.16
N ILE B 218 -27.80 33.97 -20.36
CA ILE B 218 -26.88 33.40 -19.38
C ILE B 218 -25.77 32.64 -20.10
N GLY B 219 -26.14 31.85 -21.11
CA GLY B 219 -25.13 31.08 -21.84
C GLY B 219 -24.13 31.98 -22.53
N TYR B 220 -24.60 33.09 -23.10
CA TYR B 220 -23.69 34.05 -23.75
C TYR B 220 -22.70 34.61 -22.73
N LEU B 221 -23.18 34.97 -21.55
CA LEU B 221 -22.30 35.45 -20.50
C LEU B 221 -21.39 34.36 -20.00
N GLN B 222 -21.91 33.14 -19.89
CA GLN B 222 -21.08 32.02 -19.45
C GLN B 222 -19.88 31.86 -20.37
N ASN B 223 -20.11 31.87 -21.68
CA ASN B 223 -19.00 31.71 -22.61
C ASN B 223 -18.11 32.94 -22.63
N ALA B 224 -18.71 34.14 -22.48
CA ALA B 224 -17.93 35.36 -22.58
C ALA B 224 -17.03 35.56 -21.37
N ILE B 225 -17.57 35.30 -20.17
CA ILE B 225 -16.77 35.44 -18.96
C ILE B 225 -15.90 34.20 -18.75
N GLY B 226 -16.36 33.03 -19.16
CA GLY B 226 -15.50 31.87 -19.13
C GLY B 226 -15.31 31.22 -17.79
N SER B 227 -16.23 31.42 -16.84
CA SER B 227 -16.09 30.79 -15.53
C SER B 227 -16.66 29.38 -15.56
N ILE B 228 -16.22 28.55 -16.50
CA ILE B 228 -16.87 27.26 -16.73
C ILE B 228 -16.43 26.22 -15.70
N LEU B 229 -17.28 25.20 -15.53
CA LEU B 229 -16.91 24.01 -14.77
C LEU B 229 -16.11 23.07 -15.67
N ALA B 230 -14.89 22.72 -15.23
CA ALA B 230 -14.01 21.89 -16.05
C ALA B 230 -14.63 20.52 -16.29
N PRO B 231 -14.19 19.79 -17.33
CA PRO B 231 -14.82 18.50 -17.62
C PRO B 231 -14.70 17.47 -16.50
N GLN B 232 -13.49 17.28 -15.93
CA GLN B 232 -13.34 16.31 -14.85
C GLN B 232 -14.35 16.54 -13.73
N GLU B 233 -14.57 17.80 -13.36
CA GLU B 233 -15.42 18.08 -12.22
C GLU B 233 -16.90 18.07 -12.61
N SER B 234 -17.22 18.42 -13.85
CA SER B 234 -18.57 18.19 -14.36
C SER B 234 -18.95 16.73 -14.25
N TRP B 235 -18.06 15.84 -14.69
CA TRP B 235 -18.36 14.42 -14.64
C TRP B 235 -18.51 13.94 -13.21
N LEU B 236 -17.67 14.44 -12.31
CA LEU B 236 -17.75 14.09 -10.90
C LEU B 236 -19.03 14.65 -10.27
N LEU B 237 -19.44 15.85 -10.68
CA LEU B 237 -20.66 16.43 -10.15
C LEU B 237 -21.87 15.59 -10.52
N GLN B 238 -21.96 15.22 -11.81
CA GLN B 238 -23.08 14.40 -12.25
C GLN B 238 -23.10 13.07 -11.51
N ARG B 239 -21.92 12.49 -11.29
CA ARG B 239 -21.87 11.21 -10.58
C ARG B 239 -22.37 11.38 -9.16
N GLY B 240 -21.97 12.47 -8.49
CA GLY B 240 -22.52 12.77 -7.19
C GLY B 240 -24.03 12.97 -7.23
N MET B 241 -24.50 13.67 -8.27
CA MET B 241 -25.92 13.99 -8.33
C MET B 241 -26.79 12.75 -8.39
N LYS B 242 -26.25 11.64 -8.93
CA LYS B 242 -27.08 10.46 -9.13
C LYS B 242 -27.64 9.92 -7.81
N THR B 243 -26.92 10.10 -6.70
CA THR B 243 -27.37 9.59 -5.40
C THR B 243 -28.09 10.65 -4.58
N LEU B 244 -28.50 11.76 -5.21
CA LEU B 244 -29.00 12.91 -4.47
C LEU B 244 -30.26 12.59 -3.65
N ALA B 245 -31.22 11.86 -4.22
CA ALA B 245 -32.43 11.51 -3.46
C ALA B 245 -32.10 10.56 -2.33
N LEU B 246 -31.31 9.52 -2.61
CA LEU B 246 -30.85 8.62 -1.56
C LEU B 246 -30.13 9.39 -0.45
N ARG B 247 -29.21 10.28 -0.81
CA ARG B 247 -28.50 11.02 0.23
C ARG B 247 -29.45 11.95 0.97
N MET B 248 -30.32 12.63 0.25
CA MET B 248 -31.21 13.61 0.87
C MET B 248 -32.14 12.96 1.89
N GLN B 249 -32.79 11.84 1.52
CA GLN B 249 -33.60 11.09 2.49
C GLN B 249 -32.83 10.93 3.79
N ALA B 250 -31.58 10.48 3.69
CA ALA B 250 -30.75 10.24 4.86
C ALA B 250 -30.47 11.54 5.61
N HIS B 251 -29.98 12.56 4.90
CA HIS B 251 -29.77 13.87 5.50
C HIS B 251 -31.01 14.32 6.28
N LEU B 252 -32.18 14.28 5.63
CA LEU B 252 -33.40 14.80 6.22
C LEU B 252 -33.80 14.04 7.48
N ASN B 253 -33.73 12.69 7.43
CA ASN B 253 -34.07 11.87 8.58
C ASN B 253 -33.16 12.18 9.77
N ASN B 254 -31.86 12.28 9.53
CA ASN B 254 -30.98 12.59 10.65
C ASN B 254 -31.27 13.97 11.20
N ALA B 255 -31.54 14.94 10.32
CA ALA B 255 -31.75 16.29 10.79
C ALA B 255 -33.01 16.40 11.67
N ALA B 256 -34.05 15.62 11.34
CA ALA B 256 -35.21 15.52 12.21
C ALA B 256 -34.81 15.11 13.62
N LYS B 257 -34.13 13.96 13.74
CA LYS B 257 -33.66 13.50 15.04
C LYS B 257 -32.75 14.54 15.73
N ILE B 258 -31.79 15.11 15.00
CA ILE B 258 -30.89 16.12 15.58
C ILE B 258 -31.70 17.26 16.19
N PHE B 259 -32.77 17.70 15.51
CA PHE B 259 -33.56 18.83 16.01
C PHE B 259 -34.27 18.45 17.31
N THR B 260 -34.97 17.31 17.30
CA THR B 260 -35.58 16.76 18.51
C THR B 260 -34.58 16.73 19.66
N TYR B 261 -33.38 16.20 19.41
CA TYR B 261 -32.37 16.08 20.46
C TYR B 261 -31.88 17.44 20.96
N LEU B 262 -31.69 18.40 20.05
CA LEU B 262 -31.14 19.68 20.48
C LEU B 262 -32.16 20.49 21.29
N LYS B 263 -33.45 20.21 21.13
CA LYS B 263 -34.45 20.89 21.96
C LYS B 263 -34.51 20.32 23.37
N SER B 264 -34.19 19.04 23.54
CA SER B 264 -34.12 18.41 24.85
C SER B 264 -32.94 18.87 25.69
N HIS B 265 -32.04 19.72 25.17
CA HIS B 265 -30.87 20.16 25.93
C HIS B 265 -31.08 21.56 26.46
N PRO B 266 -31.10 21.75 27.78
CA PRO B 266 -31.24 23.10 28.33
C PRO B 266 -30.09 24.03 27.96
N ALA B 267 -28.92 23.48 27.58
CA ALA B 267 -27.81 24.35 27.23
C ALA B 267 -28.07 25.13 25.95
N VAL B 268 -28.97 24.64 25.09
CA VAL B 268 -29.29 25.28 23.83
C VAL B 268 -30.44 26.25 24.06
N THR B 269 -30.16 27.55 23.99
CA THR B 269 -31.19 28.56 24.20
C THR B 269 -32.07 28.77 22.98
N LYS B 270 -31.46 28.84 21.80
CA LYS B 270 -32.19 29.15 20.57
C LYS B 270 -31.80 28.17 19.47
N ILE B 271 -32.78 27.78 18.66
CA ILE B 271 -32.60 26.85 17.54
C ILE B 271 -33.23 27.44 16.29
N TYR B 272 -32.45 27.48 15.21
CA TYR B 272 -32.94 27.83 13.89
C TYR B 272 -33.13 26.55 13.08
N TYR B 273 -34.37 26.25 12.68
CA TYR B 273 -34.66 25.04 11.90
C TYR B 273 -36.01 25.17 11.22
N PRO B 274 -36.07 25.07 9.89
CA PRO B 274 -37.35 25.26 9.19
C PRO B 274 -38.45 24.32 9.63
N GLY B 275 -38.09 23.17 10.20
CA GLY B 275 -39.08 22.22 10.69
C GLY B 275 -39.62 22.52 12.07
N ASP B 276 -39.11 23.55 12.72
CA ASP B 276 -39.61 24.00 14.01
C ASP B 276 -41.05 24.48 13.89
N PRO B 277 -41.99 23.93 14.65
CA PRO B 277 -43.38 24.41 14.56
C PRO B 277 -43.62 25.72 15.28
N ASP B 278 -42.81 26.06 16.30
CA ASP B 278 -42.83 27.37 16.91
C ASP B 278 -42.23 28.45 16.02
N ASN B 279 -41.65 28.06 14.89
CA ASN B 279 -41.13 29.00 13.91
C ASN B 279 -42.29 29.63 13.14
N PRO B 280 -42.35 30.96 13.03
CA PRO B 280 -43.45 31.58 12.25
C PRO B 280 -43.42 31.23 10.77
N ASP B 281 -42.27 30.81 10.25
CA ASP B 281 -42.11 30.38 8.87
C ASP B 281 -42.68 28.98 8.63
N PHE B 282 -42.97 28.23 9.69
CA PHE B 282 -43.24 26.79 9.58
C PHE B 282 -44.30 26.45 8.56
N SER B 283 -45.35 27.26 8.45
CA SER B 283 -46.42 26.91 7.52
C SER B 283 -45.95 26.99 6.08
N ILE B 284 -45.29 28.09 5.68
CA ILE B 284 -44.86 28.21 4.27
C ILE B 284 -43.77 27.19 4.00
N ALA B 285 -42.89 26.96 4.98
CA ALA B 285 -41.95 25.85 4.89
C ALA B 285 -42.67 24.58 4.46
N LYS B 286 -43.75 24.22 5.16
CA LYS B 286 -44.42 22.95 4.88
C LYS B 286 -45.11 22.95 3.52
N GLN B 287 -45.47 24.12 3.00
CA GLN B 287 -46.15 24.16 1.72
C GLN B 287 -45.20 24.18 0.53
N GLN B 288 -44.04 24.84 0.63
CA GLN B 288 -43.18 24.95 -0.54
C GLN B 288 -41.96 24.04 -0.50
N MET B 289 -41.65 23.41 0.65
CA MET B 289 -40.51 22.50 0.75
C MET B 289 -40.97 21.06 0.97
N ASN B 290 -40.21 20.13 0.40
CA ASN B 290 -40.49 18.70 0.51
C ASN B 290 -39.50 18.14 1.54
N GLY B 291 -39.83 18.32 2.81
CA GLY B 291 -38.86 18.14 3.86
C GLY B 291 -38.25 19.47 4.30
N PHE B 292 -37.72 19.49 5.52
CA PHE B 292 -37.30 20.76 6.11
C PHE B 292 -35.82 21.04 5.94
N GLY B 293 -35.14 20.32 5.04
CA GLY B 293 -33.72 20.52 4.86
C GLY B 293 -32.93 19.82 5.95
N ALA B 294 -31.62 20.00 5.92
CA ALA B 294 -30.75 19.28 6.84
C ALA B 294 -29.73 20.20 7.45
N MET B 295 -30.01 21.50 7.45
CA MET B 295 -29.21 22.46 8.18
C MET B 295 -29.91 22.77 9.49
N ILE B 296 -29.11 23.01 10.53
CA ILE B 296 -29.61 23.47 11.81
C ILE B 296 -28.58 24.42 12.37
N SER B 297 -29.03 25.57 12.84
CA SER B 297 -28.17 26.45 13.61
C SER B 297 -28.73 26.61 15.02
N PHE B 298 -27.86 26.96 15.95
CA PHE B 298 -28.32 27.11 17.32
C PHE B 298 -27.31 27.92 18.12
N GLU B 299 -27.77 28.40 19.27
CA GLU B 299 -26.96 29.13 20.24
C GLU B 299 -26.95 28.38 21.57
N LEU B 300 -25.83 28.48 22.27
CA LEU B 300 -25.74 27.97 23.63
C LEU B 300 -26.05 29.09 24.63
N GLN B 301 -26.23 28.70 25.89
CA GLN B 301 -26.38 29.66 26.97
C GLN B 301 -25.19 30.63 26.96
N PRO B 302 -25.41 31.90 27.32
CA PRO B 302 -24.34 32.91 27.14
C PRO B 302 -23.02 32.58 27.81
N GLY B 303 -23.00 31.83 28.91
CA GLY B 303 -21.74 31.46 29.49
C GLY B 303 -20.90 30.51 28.66
N MET B 304 -21.53 29.71 27.79
CA MET B 304 -20.89 28.53 27.21
C MET B 304 -20.15 28.87 25.92
N ASN B 305 -18.95 28.30 25.78
CA ASN B 305 -18.03 28.65 24.71
C ASN B 305 -18.28 27.75 23.50
N PRO B 306 -18.74 28.30 22.36
CA PRO B 306 -18.97 27.44 21.19
C PRO B 306 -17.69 26.86 20.62
N GLN B 307 -16.59 27.61 20.67
CA GLN B 307 -15.32 27.05 20.25
C GLN B 307 -15.01 25.77 21.03
N THR B 308 -15.18 25.80 22.36
CA THR B 308 -15.01 24.59 23.15
C THR B 308 -15.88 23.46 22.61
N PHE B 309 -17.14 23.77 22.31
CA PHE B 309 -18.11 22.74 21.94
C PHE B 309 -17.71 22.04 20.65
N VAL B 310 -17.43 22.81 19.59
CA VAL B 310 -17.18 22.20 18.29
C VAL B 310 -15.84 21.47 18.28
N GLU B 311 -14.83 22.02 18.98
CA GLU B 311 -13.49 21.44 19.03
C GLU B 311 -13.44 20.08 19.73
N HIS B 312 -14.50 19.70 20.44
CA HIS B 312 -14.53 18.43 21.16
C HIS B 312 -15.38 17.38 20.45
N LEU B 313 -15.87 17.68 19.25
CA LEU B 313 -16.57 16.69 18.43
C LEU B 313 -15.56 15.79 17.72
N GLN B 314 -15.91 14.50 17.61
CA GLN B 314 -15.04 13.49 17.00
C GLN B 314 -15.55 12.88 15.71
N VAL B 315 -16.85 12.89 15.47
CA VAL B 315 -17.43 12.43 14.22
C VAL B 315 -17.91 13.60 13.37
N ILE B 316 -18.48 14.62 13.99
CA ILE B 316 -18.78 15.86 13.27
C ILE B 316 -17.47 16.60 13.03
N THR B 317 -17.25 17.02 11.78
CA THR B 317 -16.02 17.70 11.38
C THR B 317 -16.17 19.22 11.44
N LEU B 318 -15.24 19.87 12.13
CA LEU B 318 -15.18 21.34 12.17
C LEU B 318 -14.52 21.83 10.89
N ALA B 319 -15.29 22.50 10.03
CA ALA B 319 -14.81 22.93 8.74
C ALA B 319 -15.86 23.84 8.10
N GLU B 320 -15.47 24.47 7.00
CA GLU B 320 -16.43 25.21 6.19
C GLU B 320 -17.16 24.24 5.27
N SER B 321 -18.08 24.78 4.46
CA SER B 321 -18.89 24.00 3.52
C SER B 321 -20.03 23.26 4.23
N LEU B 322 -20.88 22.60 3.45
CA LEU B 322 -22.08 21.94 3.94
C LEU B 322 -22.53 20.97 2.88
N GLY B 323 -23.58 20.21 3.18
CA GLY B 323 -24.13 19.33 2.17
C GLY B 323 -23.29 18.11 1.86
N ALA B 324 -22.33 17.76 2.71
CA ALA B 324 -21.52 16.57 2.50
C ALA B 324 -22.09 15.35 3.21
N LEU B 325 -21.68 14.18 2.74
CA LEU B 325 -22.03 12.93 3.42
C LEU B 325 -21.70 13.01 4.90
N GLU B 326 -20.52 13.52 5.22
CA GLU B 326 -20.09 13.65 6.60
C GLU B 326 -20.59 14.97 7.18
N SER B 327 -20.90 14.93 8.48
CA SER B 327 -21.40 16.12 9.16
C SER B 327 -20.30 17.18 9.24
N LEU B 328 -20.70 18.41 8.96
CA LEU B 328 -19.82 19.55 9.12
C LEU B 328 -20.46 20.49 10.12
N ILE B 329 -19.61 21.18 10.88
CA ILE B 329 -20.06 22.17 11.85
C ILE B 329 -19.09 23.34 11.79
N GLU B 330 -19.57 24.50 12.21
CA GLU B 330 -18.85 25.73 11.94
C GLU B 330 -19.45 26.85 12.78
N ILE B 331 -18.63 27.85 13.09
CA ILE B 331 -19.12 29.07 13.72
C ILE B 331 -19.09 30.20 12.71
N PRO B 332 -20.24 30.58 12.15
CA PRO B 332 -20.26 31.56 11.04
C PRO B 332 -19.50 32.85 11.32
N ALA B 333 -19.72 33.47 12.47
CA ALA B 333 -19.08 34.76 12.73
C ALA B 333 -17.56 34.67 12.60
N LEU B 334 -16.99 33.51 12.94
CA LEU B 334 -15.55 33.30 12.84
C LEU B 334 -15.10 32.72 11.51
N MET B 335 -16.03 32.27 10.65
CA MET B 335 -15.66 31.49 9.47
C MET B 335 -16.34 31.97 8.18
N THR B 336 -17.43 31.32 7.77
CA THR B 336 -18.04 31.60 6.46
C THR B 336 -18.58 33.02 6.33
N HIS B 337 -18.82 33.72 7.44
CA HIS B 337 -19.42 35.04 7.41
C HIS B 337 -18.54 36.11 8.05
N GLY B 338 -17.29 35.78 8.39
CA GLY B 338 -16.33 36.81 8.79
C GLY B 338 -16.10 37.88 7.73
N ALA B 339 -16.51 37.61 6.48
CA ALA B 339 -16.46 38.60 5.40
C ALA B 339 -17.47 39.74 5.61
N ILE B 340 -18.55 39.49 6.35
CA ILE B 340 -19.48 40.55 6.73
C ILE B 340 -18.95 41.24 7.99
N PRO B 341 -19.04 42.58 8.11
CA PRO B 341 -18.55 43.24 9.32
C PRO B 341 -19.44 42.94 10.53
N ARG B 342 -18.80 42.87 11.71
CA ARG B 342 -19.46 42.41 12.93
C ARG B 342 -20.72 43.23 13.25
N THR B 343 -20.68 44.54 12.99
CA THR B 343 -21.83 45.39 13.28
C THR B 343 -23.03 45.03 12.40
N ILE B 344 -22.77 44.76 11.12
CA ILE B 344 -23.85 44.38 10.22
C ILE B 344 -24.33 42.97 10.53
N ARG B 345 -23.40 42.09 10.95
CA ARG B 345 -23.76 40.75 11.40
C ARG B 345 -24.80 40.81 12.52
N LEU B 346 -24.53 41.62 13.54
CA LEU B 346 -25.38 41.65 14.72
C LEU B 346 -26.72 42.30 14.44
N GLN B 347 -26.73 43.38 13.64
CA GLN B 347 -28.00 43.99 13.32
C GLN B 347 -28.89 43.07 12.50
N ASN B 348 -28.32 42.08 11.82
CA ASN B 348 -29.12 41.21 10.98
C ASN B 348 -29.24 39.80 11.53
N GLY B 349 -28.92 39.59 12.81
CA GLY B 349 -29.32 38.39 13.52
C GLY B 349 -28.25 37.33 13.72
N ILE B 350 -27.02 37.58 13.31
CA ILE B 350 -25.96 36.58 13.40
C ILE B 350 -25.11 36.93 14.63
N LYS B 351 -25.37 36.21 15.72
CA LYS B 351 -24.57 36.41 16.92
C LYS B 351 -23.22 35.73 16.77
N ASP B 352 -22.21 36.23 17.47
CA ASP B 352 -20.92 35.55 17.50
C ASP B 352 -20.99 34.20 18.19
N GLU B 353 -22.05 33.91 18.94
CA GLU B 353 -22.24 32.66 19.66
C GLU B 353 -22.84 31.55 18.78
N LEU B 354 -23.17 31.86 17.51
CA LEU B 354 -24.00 30.99 16.69
C LEU B 354 -23.22 29.82 16.09
N ILE B 355 -23.81 28.64 16.18
CA ILE B 355 -23.23 27.42 15.64
C ILE B 355 -24.13 26.91 14.51
N ARG B 356 -23.52 26.62 13.36
CA ARG B 356 -24.22 26.08 12.22
C ARG B 356 -23.78 24.64 11.98
N LEU B 357 -24.75 23.71 11.93
CA LEU B 357 -24.49 22.29 11.80
C LEU B 357 -25.06 21.78 10.48
N SER B 358 -24.22 21.11 9.68
CA SER B 358 -24.64 20.50 8.43
C SER B 358 -24.77 19.00 8.68
N VAL B 359 -25.99 18.51 8.78
CA VAL B 359 -26.24 17.15 9.25
C VAL B 359 -25.93 16.17 8.13
N GLY B 360 -25.02 15.22 8.41
CA GLY B 360 -24.60 14.22 7.43
C GLY B 360 -25.50 13.00 7.36
N VAL B 361 -24.93 11.91 6.88
CA VAL B 361 -25.67 10.66 6.76
C VAL B 361 -25.07 9.55 7.62
N GLU B 362 -24.20 9.89 8.57
CA GLU B 362 -23.75 8.88 9.52
C GLU B 362 -24.94 8.33 10.29
N ALA B 363 -24.76 7.16 10.90
CA ALA B 363 -25.80 6.61 11.76
C ALA B 363 -26.16 7.64 12.83
N SER B 364 -27.47 7.89 13.01
CA SER B 364 -27.90 8.94 13.92
C SER B 364 -27.40 8.68 15.34
N ASP B 365 -27.26 7.41 15.73
CA ASP B 365 -26.81 7.11 17.08
C ASP B 365 -25.39 7.61 17.31
N ASP B 366 -24.50 7.42 16.34
CA ASP B 366 -23.13 7.91 16.47
C ASP B 366 -23.07 9.43 16.44
N LEU B 367 -24.05 10.08 15.78
CA LEU B 367 -24.09 11.54 15.73
C LEU B 367 -24.58 12.13 17.04
N LEU B 368 -25.63 11.54 17.62
CA LEU B 368 -26.09 12.02 18.92
C LEU B 368 -25.03 11.79 19.98
N ALA B 369 -24.35 10.64 19.94
CA ALA B 369 -23.25 10.38 20.87
C ALA B 369 -22.14 11.40 20.69
N ASP B 370 -21.85 11.78 19.44
CA ASP B 370 -20.81 12.78 19.25
C ASP B 370 -21.24 14.12 19.81
N LEU B 371 -22.49 14.52 19.57
CA LEU B 371 -22.95 15.81 20.07
C LEU B 371 -22.88 15.87 21.60
N GLU B 372 -23.05 14.73 22.29
CA GLU B 372 -23.00 14.82 23.75
C GLU B 372 -21.57 14.92 24.29
N ARG B 373 -20.57 14.49 23.52
CA ARG B 373 -19.20 14.89 23.88
C ARG B 373 -19.05 16.40 23.82
N GLY B 374 -19.68 17.05 22.85
CA GLY B 374 -19.63 18.51 22.78
C GLY B 374 -20.25 19.14 24.01
N PHE B 375 -21.46 18.70 24.36
CA PHE B 375 -22.14 19.25 25.54
C PHE B 375 -21.37 18.95 26.82
N ALA B 376 -20.79 17.74 26.90
CA ALA B 376 -20.05 17.37 28.10
C ALA B 376 -18.89 18.31 28.35
N SER B 377 -18.25 18.81 27.30
CA SER B 377 -17.04 19.60 27.44
C SER B 377 -17.30 21.03 27.88
N ILE B 378 -18.56 21.45 27.95
CA ILE B 378 -18.95 22.73 28.52
C ILE B 378 -19.86 22.52 29.74
N GLN B 379 -19.88 21.29 30.26
CA GLN B 379 -20.60 20.89 31.48
C GLN B 379 -22.10 21.24 31.39
N ALA B 380 -22.80 20.51 30.51
CA ALA B 380 -24.16 20.89 30.14
C ALA B 380 -25.02 19.75 29.60
N ASP B 381 -24.54 18.51 29.64
CA ASP B 381 -25.26 17.37 29.04
C ASP B 381 -26.52 17.00 29.84
N MET C 1 -17.78 2.09 15.73
CA MET C 1 -18.89 2.87 15.17
C MET C 1 -19.75 1.98 14.27
N LYS C 2 -20.92 2.49 13.87
CA LYS C 2 -21.82 1.67 13.07
C LYS C 2 -21.41 1.71 11.58
N PHE C 3 -21.91 0.71 10.84
CA PHE C 3 -21.49 0.47 9.46
C PHE C 3 -21.58 1.72 8.60
N GLU C 4 -22.73 2.40 8.64
CA GLU C 4 -22.90 3.60 7.83
C GLU C 4 -21.86 4.67 8.18
N THR C 5 -21.57 4.85 9.47
CA THR C 5 -20.53 5.79 9.87
C THR C 5 -19.17 5.37 9.33
N GLN C 6 -18.91 4.06 9.30
CA GLN C 6 -17.62 3.58 8.85
C GLN C 6 -17.44 3.82 7.35
N LEU C 7 -18.51 3.71 6.57
CA LEU C 7 -18.40 3.99 5.14
C LEU C 7 -17.85 5.39 4.90
N ILE C 8 -18.21 6.33 5.76
CA ILE C 8 -17.84 7.72 5.58
C ILE C 8 -16.52 8.09 6.26
N HIS C 9 -16.17 7.42 7.35
CA HIS C 9 -15.05 7.81 8.18
C HIS C 9 -14.00 6.72 8.35
N GLY C 10 -14.29 5.49 7.95
CA GLY C 10 -13.41 4.37 8.21
C GLY C 10 -12.21 4.31 7.29
N GLY C 11 -11.39 3.28 7.50
CA GLY C 11 -10.08 3.21 6.88
C GLY C 11 -9.32 4.50 7.09
N ILE C 12 -8.73 5.00 6.00
CA ILE C 12 -8.21 6.36 5.92
C ILE C 12 -9.18 7.13 5.03
N SER C 13 -9.73 8.22 5.57
CA SER C 13 -10.76 8.95 4.86
C SER C 13 -10.44 10.44 4.77
N GLU C 14 -9.28 10.84 5.28
CA GLU C 14 -8.90 12.21 5.54
C GLU C 14 -7.41 12.33 5.25
N ASP C 15 -6.96 13.52 4.87
CA ASP C 15 -5.53 13.81 4.81
C ASP C 15 -5.10 14.40 6.15
N ALA C 16 -4.22 13.68 6.85
CA ALA C 16 -3.82 14.08 8.19
C ALA C 16 -3.11 15.43 8.19
N THR C 17 -2.37 15.74 7.12
CA THR C 17 -1.54 16.94 7.12
C THR C 17 -2.38 18.20 6.97
N THR C 18 -3.34 18.21 6.07
CA THR C 18 -4.08 19.43 5.78
C THR C 18 -5.46 19.46 6.38
N GLY C 19 -6.00 18.31 6.77
CA GLY C 19 -7.40 18.21 7.14
C GLY C 19 -8.35 17.96 5.99
N ALA C 20 -7.83 17.73 4.77
CA ALA C 20 -8.67 17.51 3.60
C ALA C 20 -9.65 16.38 3.84
N THR C 21 -10.95 16.68 3.64
CA THR C 21 -12.03 15.73 3.86
C THR C 21 -12.15 14.70 2.75
N SER C 22 -11.08 14.53 1.98
CA SER C 22 -10.99 13.50 0.97
C SER C 22 -9.53 13.14 0.85
N VAL C 23 -9.26 11.88 0.54
CA VAL C 23 -7.85 11.46 0.43
C VAL C 23 -7.29 11.99 -0.88
N PRO C 24 -6.15 12.66 -0.86
CA PRO C 24 -5.60 13.19 -2.11
C PRO C 24 -5.20 12.09 -3.06
N ILE C 25 -5.36 12.36 -4.35
CA ILE C 25 -4.96 11.40 -5.37
C ILE C 25 -3.46 11.57 -5.59
N TYR C 26 -2.70 10.57 -5.18
CA TYR C 26 -1.25 10.60 -5.36
C TYR C 26 -0.92 9.98 -6.72
N MET C 27 -0.77 10.82 -7.74
CA MET C 27 -0.41 10.30 -9.07
C MET C 27 1.06 9.91 -9.14
N ALA C 28 1.91 10.45 -8.28
CA ALA C 28 3.34 10.16 -8.29
C ALA C 28 3.64 8.68 -8.46
N SER C 29 4.61 8.36 -9.31
CA SER C 29 5.07 6.98 -9.42
C SER C 29 6.15 6.64 -8.39
N THR C 30 6.83 7.65 -7.84
CA THR C 30 7.93 7.37 -6.94
C THR C 30 8.05 8.48 -5.90
N PHE C 31 8.90 8.24 -4.90
CA PHE C 31 8.98 9.07 -3.70
C PHE C 31 10.44 9.34 -3.37
N ARG C 32 10.77 10.61 -3.15
CA ARG C 32 12.11 10.97 -2.71
C ARG C 32 12.35 10.42 -1.31
N GLN C 33 13.44 9.69 -1.14
CA GLN C 33 13.89 9.29 0.17
C GLN C 33 14.98 10.25 0.66
N THR C 34 14.94 10.58 1.95
CA THR C 34 16.02 11.36 2.58
C THR C 34 17.15 10.45 3.06
N LYS C 35 16.80 9.26 3.52
CA LYS C 35 17.76 8.19 3.75
C LYS C 35 17.15 6.90 3.22
N ILE C 36 18.01 5.96 2.85
CA ILE C 36 17.54 4.76 2.17
C ILE C 36 16.79 3.86 3.15
N GLY C 37 15.55 3.52 2.80
CA GLY C 37 14.76 2.61 3.61
C GLY C 37 13.94 3.24 4.73
N GLN C 38 14.00 4.56 4.92
CA GLN C 38 13.20 5.17 5.97
C GLN C 38 11.86 5.70 5.47
N ASN C 39 11.58 5.64 4.17
CA ASN C 39 10.35 6.24 3.67
C ASN C 39 9.13 5.36 4.00
N GLN C 40 7.99 6.02 4.19
CA GLN C 40 6.75 5.25 4.29
C GLN C 40 6.33 4.71 2.93
N TYR C 41 6.58 5.48 1.87
CA TYR C 41 6.23 5.11 0.52
C TYR C 41 7.48 5.19 -0.35
N GLU C 42 7.65 4.24 -1.23
CA GLU C 42 8.84 4.24 -2.05
C GLU C 42 8.54 4.15 -3.53
N TYR C 43 7.48 3.46 -3.92
CA TYR C 43 7.17 3.26 -5.32
C TYR C 43 5.68 2.95 -5.44
N SER C 44 5.00 3.69 -6.33
CA SER C 44 3.54 3.70 -6.34
C SER C 44 2.96 2.29 -6.42
N ARG C 45 3.62 1.39 -7.16
CA ARG C 45 3.10 0.04 -7.31
C ARG C 45 3.08 -0.71 -5.99
N THR C 46 4.15 -0.54 -5.21
CA THR C 46 4.29 -1.18 -3.91
C THR C 46 3.31 -0.62 -2.89
N GLY C 47 2.99 0.67 -3.00
CA GLY C 47 2.07 1.31 -2.10
C GLY C 47 2.09 2.81 -2.29
N ASN C 48 0.95 3.45 -2.01
CA ASN C 48 0.81 4.90 -2.04
C ASN C 48 -0.40 5.28 -1.19
N PRO C 49 -0.45 6.51 -0.70
CA PRO C 49 -1.56 6.87 0.20
C PRO C 49 -2.93 6.65 -0.41
N THR C 50 -3.09 6.85 -1.71
CA THR C 50 -4.43 6.78 -2.28
C THR C 50 -4.94 5.35 -2.31
N ARG C 51 -4.14 4.42 -2.83
CA ARG C 51 -4.63 3.04 -2.87
C ARG C 51 -4.72 2.48 -1.46
N ALA C 52 -3.82 2.89 -0.57
CA ALA C 52 -3.84 2.41 0.80
C ALA C 52 -5.16 2.73 1.46
N ALA C 53 -5.74 3.90 1.14
CA ALA C 53 -6.94 4.33 1.83
C ALA C 53 -8.11 3.41 1.50
N VAL C 54 -8.28 3.07 0.22
CA VAL C 54 -9.40 2.20 -0.11
C VAL C 54 -9.15 0.79 0.41
N GLU C 55 -7.89 0.34 0.40
CA GLU C 55 -7.55 -0.95 0.99
C GLU C 55 -7.91 -0.98 2.46
N ALA C 56 -7.62 0.11 3.19
CA ALA C 56 -7.99 0.18 4.61
C ALA C 56 -9.50 0.12 4.79
N LEU C 57 -10.26 0.70 3.86
CA LEU C 57 -11.69 0.82 4.07
C LEU C 57 -12.39 -0.52 3.89
N ILE C 58 -12.06 -1.22 2.80
CA ILE C 58 -12.66 -2.53 2.61
C ILE C 58 -12.23 -3.49 3.71
N ALA C 59 -11.04 -3.32 4.27
CA ALA C 59 -10.64 -4.20 5.36
C ALA C 59 -11.50 -3.96 6.59
N THR C 60 -11.81 -2.70 6.89
CA THR C 60 -12.70 -2.39 8.00
C THR C 60 -14.11 -2.92 7.75
N LEU C 61 -14.62 -2.74 6.53
CA LEU C 61 -16.01 -3.12 6.26
C LEU C 61 -16.18 -4.63 6.34
N GLU C 62 -15.16 -5.36 5.95
CA GLU C 62 -15.20 -6.82 5.92
C GLU C 62 -14.73 -7.44 7.23
N HIS C 63 -14.34 -6.60 8.19
CA HIS C 63 -13.78 -7.02 9.48
C HIS C 63 -12.57 -7.93 9.30
N GLY C 64 -11.58 -7.43 8.55
CA GLY C 64 -10.36 -8.15 8.32
C GLY C 64 -9.13 -7.33 8.70
N SER C 65 -7.98 -7.94 8.53
CA SER C 65 -6.74 -7.29 8.95
C SER C 65 -6.13 -6.42 7.87
N ALA C 66 -6.26 -6.79 6.60
CA ALA C 66 -5.56 -6.13 5.52
C ALA C 66 -6.38 -6.18 4.23
N GLY C 67 -6.35 -5.08 3.48
CA GLY C 67 -7.02 -5.03 2.20
C GLY C 67 -6.06 -4.84 1.05
N PHE C 68 -6.47 -5.24 -0.14
CA PHE C 68 -5.59 -5.20 -1.31
C PHE C 68 -6.44 -4.87 -2.54
N ALA C 69 -6.08 -3.81 -3.25
CA ALA C 69 -6.85 -3.35 -4.39
C ALA C 69 -6.15 -3.71 -5.69
N PHE C 70 -6.94 -4.13 -6.69
CA PHE C 70 -6.39 -4.71 -7.91
C PHE C 70 -7.03 -4.08 -9.14
N ALA C 71 -6.37 -4.26 -10.29
CA ALA C 71 -6.88 -3.65 -11.52
C ALA C 71 -8.30 -4.10 -11.87
N SER C 72 -8.76 -5.24 -11.35
CA SER C 72 -10.06 -5.80 -11.68
C SER C 72 -10.31 -6.95 -10.74
N GLY C 73 -11.57 -7.41 -10.72
CA GLY C 73 -11.89 -8.61 -9.95
C GLY C 73 -11.13 -9.81 -10.48
N SER C 74 -10.99 -9.91 -11.81
CA SER C 74 -10.26 -11.03 -12.37
C SER C 74 -8.81 -11.00 -11.96
N ALA C 75 -8.23 -9.81 -11.84
CA ALA C 75 -6.83 -9.73 -11.48
C ALA C 75 -6.64 -10.08 -10.02
N ALA C 76 -7.60 -9.70 -9.16
CA ALA C 76 -7.57 -10.12 -7.77
C ALA C 76 -7.58 -11.65 -7.66
N ILE C 77 -8.48 -12.29 -8.40
CA ILE C 77 -8.55 -13.75 -8.41
C ILE C 77 -7.23 -14.36 -8.87
N ASN C 78 -6.66 -13.83 -9.97
CA ASN C 78 -5.42 -14.38 -10.48
C ASN C 78 -4.30 -14.26 -9.45
N THR C 79 -4.29 -13.17 -8.70
CA THR C 79 -3.26 -13.01 -7.68
C THR C 79 -3.47 -13.99 -6.53
N VAL C 80 -4.72 -14.13 -6.08
CA VAL C 80 -5.00 -15.06 -4.99
C VAL C 80 -4.57 -16.47 -5.38
N PHE C 81 -4.90 -16.90 -6.60
CA PHE C 81 -4.53 -18.26 -6.98
C PHE C 81 -3.05 -18.42 -7.21
N SER C 82 -2.29 -17.33 -7.31
CA SER C 82 -0.84 -17.45 -7.34
C SER C 82 -0.24 -17.79 -5.98
N LEU C 83 -1.08 -17.91 -4.94
CA LEU C 83 -0.62 -18.56 -3.72
C LEU C 83 -0.25 -20.02 -3.95
N PHE C 84 -0.75 -20.64 -5.03
CA PHE C 84 -0.69 -22.08 -5.20
C PHE C 84 0.37 -22.46 -6.24
N SER C 85 0.71 -23.74 -6.23
CA SER C 85 1.80 -24.27 -7.02
C SER C 85 1.30 -25.42 -7.91
N ALA C 86 2.16 -25.80 -8.86
CA ALA C 86 1.88 -26.97 -9.69
C ALA C 86 1.69 -28.19 -8.79
N GLY C 87 0.63 -28.94 -9.07
CA GLY C 87 0.27 -30.09 -8.26
C GLY C 87 -0.71 -29.81 -7.14
N ASP C 88 -0.99 -28.53 -6.86
CA ASP C 88 -2.03 -28.19 -5.91
C ASP C 88 -3.42 -28.45 -6.52
N HIS C 89 -4.33 -28.93 -5.68
CA HIS C 89 -5.69 -29.21 -6.10
C HIS C 89 -6.65 -28.27 -5.38
N ILE C 90 -7.62 -27.74 -6.09
CA ILE C 90 -8.55 -26.76 -5.54
C ILE C 90 -9.96 -27.24 -5.80
N ILE C 91 -10.83 -27.08 -4.80
CA ILE C 91 -12.26 -27.30 -4.95
C ILE C 91 -12.92 -25.97 -5.25
N VAL C 92 -13.70 -25.92 -6.31
CA VAL C 92 -14.42 -24.72 -6.73
C VAL C 92 -15.91 -25.06 -6.80
N GLY C 93 -16.76 -24.06 -6.53
CA GLY C 93 -18.17 -24.21 -6.82
C GLY C 93 -18.41 -24.44 -8.30
N ASN C 94 -19.50 -25.15 -8.61
CA ASN C 94 -19.79 -25.46 -10.02
C ASN C 94 -20.56 -24.34 -10.71
N ASP C 95 -21.06 -23.35 -9.98
CA ASP C 95 -21.62 -22.16 -10.59
C ASP C 95 -20.71 -20.98 -10.23
N VAL C 96 -19.83 -20.62 -11.18
CA VAL C 96 -18.95 -19.48 -11.01
C VAL C 96 -19.13 -18.54 -12.20
N TYR C 97 -18.66 -17.30 -12.02
CA TYR C 97 -18.60 -16.34 -13.12
C TYR C 97 -17.86 -16.94 -14.31
N GLY C 98 -18.38 -16.69 -15.51
CA GLY C 98 -17.80 -17.29 -16.70
C GLY C 98 -16.30 -17.06 -16.82
N GLY C 99 -15.85 -15.85 -16.46
CA GLY C 99 -14.43 -15.56 -16.49
C GLY C 99 -13.60 -16.33 -15.47
N THR C 100 -14.17 -16.63 -14.30
CA THR C 100 -13.42 -17.45 -13.35
C THR C 100 -13.25 -18.86 -13.89
N PHE C 101 -14.29 -19.39 -14.53
CA PHE C 101 -14.15 -20.61 -15.33
C PHE C 101 -13.04 -20.46 -16.36
N ARG C 102 -13.04 -19.36 -17.11
CA ARG C 102 -12.02 -19.12 -18.12
C ARG C 102 -10.61 -19.16 -17.55
N LEU C 103 -10.37 -18.42 -16.47
CA LEU C 103 -9.04 -18.37 -15.88
C LEU C 103 -8.58 -19.77 -15.43
N ILE C 104 -9.49 -20.52 -14.80
CA ILE C 104 -9.14 -21.85 -14.29
C ILE C 104 -8.74 -22.77 -15.44
N ASP C 105 -9.59 -22.88 -16.46
CA ASP C 105 -9.33 -23.82 -17.56
C ASP C 105 -8.22 -23.34 -18.47
N ALA C 106 -8.21 -22.06 -18.83
CA ALA C 106 -7.28 -21.60 -19.85
C ALA C 106 -5.91 -21.23 -19.30
N VAL C 107 -5.80 -20.85 -18.02
CA VAL C 107 -4.51 -20.43 -17.48
C VAL C 107 -4.06 -21.30 -16.31
N LEU C 108 -4.86 -21.39 -15.24
CA LEU C 108 -4.40 -22.05 -14.02
C LEU C 108 -4.06 -23.53 -14.25
N LYS C 109 -4.86 -24.22 -15.07
CA LYS C 109 -4.58 -25.62 -15.37
C LYS C 109 -3.26 -25.80 -16.12
N HIS C 110 -2.82 -24.77 -16.87
CA HIS C 110 -1.50 -24.84 -17.50
C HIS C 110 -0.37 -24.72 -16.49
N PHE C 111 -0.65 -24.18 -15.30
CA PHE C 111 0.37 -24.06 -14.27
C PHE C 111 0.48 -25.31 -13.41
N GLY C 112 -0.18 -26.40 -13.78
CA GLY C 112 -0.15 -27.63 -13.01
C GLY C 112 -1.16 -27.70 -11.87
N MET C 113 -2.06 -26.73 -11.76
CA MET C 113 -3.12 -26.78 -10.77
C MET C 113 -4.29 -27.63 -11.29
N THR C 114 -4.93 -28.36 -10.40
CA THR C 114 -6.08 -29.18 -10.77
C THR C 114 -7.29 -28.71 -9.98
N PHE C 115 -8.47 -28.94 -10.54
CA PHE C 115 -9.70 -28.40 -10.00
C PHE C 115 -10.81 -29.43 -10.08
N THR C 116 -11.68 -29.43 -9.08
CA THR C 116 -12.91 -30.21 -9.10
C THR C 116 -14.08 -29.30 -8.80
N ALA C 117 -15.06 -29.30 -9.70
CA ALA C 117 -16.28 -28.54 -9.49
C ALA C 117 -17.26 -29.36 -8.65
N VAL C 118 -17.92 -28.68 -7.71
CA VAL C 118 -18.78 -29.32 -6.71
C VAL C 118 -19.93 -28.37 -6.40
N ASP C 119 -21.13 -28.92 -6.21
CA ASP C 119 -22.22 -28.13 -5.69
C ASP C 119 -21.94 -27.88 -4.20
N THR C 120 -21.47 -26.68 -3.87
CA THR C 120 -21.11 -26.43 -2.48
C THR C 120 -22.32 -26.30 -1.57
N ARG C 121 -23.54 -26.42 -2.09
CA ARG C 121 -24.71 -26.54 -1.22
C ARG C 121 -24.80 -27.90 -0.57
N ASP C 122 -24.08 -28.91 -1.10
CA ASP C 122 -24.06 -30.27 -0.59
C ASP C 122 -22.72 -30.50 0.09
N LEU C 123 -22.70 -30.37 1.43
CA LEU C 123 -21.42 -30.39 2.14
C LEU C 123 -20.76 -31.75 2.08
N ALA C 124 -21.55 -32.82 1.99
CA ALA C 124 -20.96 -34.14 1.86
C ALA C 124 -20.18 -34.26 0.55
N ALA C 125 -20.72 -33.69 -0.54
CA ALA C 125 -19.98 -33.67 -1.79
C ALA C 125 -18.68 -32.88 -1.66
N VAL C 126 -18.71 -31.77 -0.90
CA VAL C 126 -17.49 -31.01 -0.70
C VAL C 126 -16.47 -31.84 0.04
N GLU C 127 -16.87 -32.47 1.16
CA GLU C 127 -15.91 -33.28 1.90
C GLU C 127 -15.40 -34.44 1.06
N ALA C 128 -16.27 -35.04 0.25
CA ALA C 128 -15.85 -36.15 -0.60
C ALA C 128 -14.79 -35.71 -1.61
N ALA C 129 -14.78 -34.43 -1.97
CA ALA C 129 -13.87 -33.92 -2.99
C ALA C 129 -12.49 -33.61 -2.43
N ILE C 130 -12.33 -33.58 -1.11
CA ILE C 130 -11.06 -33.21 -0.51
C ILE C 130 -10.05 -34.34 -0.68
N THR C 131 -8.91 -34.04 -1.31
CA THR C 131 -7.88 -35.04 -1.59
C THR C 131 -6.59 -34.69 -0.87
N PRO C 132 -5.62 -35.61 -0.77
CA PRO C 132 -4.36 -35.25 -0.10
C PRO C 132 -3.63 -34.05 -0.67
N THR C 133 -3.85 -33.71 -1.94
CA THR C 133 -3.18 -32.55 -2.50
C THR C 133 -4.05 -31.32 -2.49
N THR C 134 -5.26 -31.41 -1.94
CA THR C 134 -6.17 -30.28 -1.97
C THR C 134 -5.65 -29.15 -1.07
N LYS C 135 -5.74 -27.92 -1.59
CA LYS C 135 -5.20 -26.76 -0.89
C LYS C 135 -6.23 -25.70 -0.52
N ALA C 136 -7.42 -25.71 -1.12
CA ALA C 136 -8.36 -24.63 -0.85
C ALA C 136 -9.73 -24.98 -1.39
N ILE C 137 -10.74 -24.29 -0.88
CA ILE C 137 -12.09 -24.27 -1.42
C ILE C 137 -12.40 -22.85 -1.84
N TYR C 138 -12.88 -22.68 -3.09
CA TYR C 138 -13.23 -21.38 -3.65
C TYR C 138 -14.68 -21.42 -4.13
N LEU C 139 -15.49 -20.46 -3.70
CA LEU C 139 -16.88 -20.42 -4.16
C LEU C 139 -17.43 -19.00 -4.07
N GLU C 140 -18.46 -18.75 -4.88
CA GLU C 140 -19.30 -17.57 -4.72
C GLU C 140 -20.57 -17.93 -3.98
N THR C 141 -21.06 -16.99 -3.19
CA THR C 141 -22.41 -17.12 -2.68
C THR C 141 -22.97 -15.72 -2.43
N PRO C 142 -24.10 -15.36 -3.08
CA PRO C 142 -24.84 -16.15 -4.08
C PRO C 142 -24.07 -16.37 -5.37
N THR C 143 -24.40 -17.41 -6.12
CA THR C 143 -23.65 -17.74 -7.34
C THR C 143 -24.13 -16.92 -8.53
N ASN C 144 -23.23 -16.78 -9.50
CA ASN C 144 -23.53 -16.07 -10.74
C ASN C 144 -23.74 -17.08 -11.86
N PRO C 145 -24.95 -17.21 -12.42
CA PRO C 145 -26.14 -16.39 -12.24
C PRO C 145 -27.30 -17.03 -11.47
N LEU C 146 -27.16 -18.26 -11.02
CA LEU C 146 -28.30 -18.98 -10.45
C LEU C 146 -28.60 -18.59 -9.00
N LEU C 147 -27.70 -17.86 -8.33
CA LEU C 147 -27.95 -17.31 -6.99
C LEU C 147 -28.12 -18.42 -5.94
N HIS C 148 -27.37 -19.52 -6.10
CA HIS C 148 -27.36 -20.59 -5.12
C HIS C 148 -26.67 -20.14 -3.84
N ILE C 149 -27.28 -20.43 -2.68
CA ILE C 149 -26.72 -20.03 -1.40
C ILE C 149 -25.96 -21.19 -0.76
N THR C 150 -24.75 -20.91 -0.28
CA THR C 150 -23.90 -21.90 0.37
C THR C 150 -23.70 -21.52 1.82
N ASP C 151 -23.71 -22.52 2.69
CA ASP C 151 -23.54 -22.30 4.13
C ASP C 151 -22.07 -21.97 4.39
N ILE C 152 -21.78 -20.67 4.56
CA ILE C 152 -20.38 -20.25 4.65
C ILE C 152 -19.71 -20.84 5.89
N ALA C 153 -20.35 -20.69 7.06
CA ALA C 153 -19.77 -21.20 8.31
C ALA C 153 -19.45 -22.69 8.21
N ALA C 154 -20.31 -23.45 7.53
CA ALA C 154 -20.04 -24.88 7.37
C ALA C 154 -18.79 -25.10 6.54
N ILE C 155 -18.65 -24.35 5.44
CA ILE C 155 -17.50 -24.51 4.56
C ILE C 155 -16.21 -24.16 5.30
N ALA C 156 -16.22 -23.07 6.04
CA ALA C 156 -15.04 -22.69 6.82
C ALA C 156 -14.64 -23.80 7.78
N LYS C 157 -15.58 -24.32 8.57
CA LYS C 157 -15.20 -25.38 9.51
C LYS C 157 -14.72 -26.62 8.78
N LEU C 158 -15.31 -26.93 7.63
CA LEU C 158 -14.80 -28.03 6.83
C LEU C 158 -13.38 -27.75 6.38
N ALA C 159 -13.11 -26.51 5.93
CA ALA C 159 -11.77 -26.16 5.48
C ALA C 159 -10.76 -26.20 6.62
N GLN C 160 -11.17 -25.73 7.81
CA GLN C 160 -10.25 -25.68 8.93
C GLN C 160 -9.89 -27.08 9.40
N ALA C 161 -10.82 -28.04 9.30
CA ALA C 161 -10.58 -29.41 9.71
C ALA C 161 -9.57 -30.13 8.83
N HIS C 162 -9.23 -29.57 7.67
CA HIS C 162 -8.34 -30.23 6.73
C HIS C 162 -7.23 -29.31 6.24
N ASP C 163 -6.96 -28.22 6.94
CA ASP C 163 -5.84 -27.33 6.62
C ASP C 163 -5.98 -26.74 5.22
N LEU C 164 -7.17 -26.28 4.90
CA LEU C 164 -7.44 -25.66 3.62
C LEU C 164 -7.72 -24.17 3.80
N LEU C 165 -7.40 -23.41 2.74
CA LEU C 165 -7.84 -22.03 2.65
C LEU C 165 -9.28 -21.99 2.15
N SER C 166 -10.16 -21.30 2.88
CA SER C 166 -11.48 -21.01 2.36
C SER C 166 -11.46 -19.63 1.73
N ILE C 167 -11.91 -19.54 0.47
CA ILE C 167 -11.95 -18.30 -0.30
C ILE C 167 -13.38 -18.06 -0.78
N ILE C 168 -13.97 -16.95 -0.37
CA ILE C 168 -15.34 -16.59 -0.78
C ILE C 168 -15.30 -15.33 -1.66
N ASP C 169 -15.87 -15.45 -2.86
CA ASP C 169 -16.19 -14.30 -3.72
C ASP C 169 -17.47 -13.64 -3.20
N ASN C 170 -17.34 -12.46 -2.59
CA ASN C 170 -18.46 -11.75 -1.98
C ASN C 170 -19.07 -10.69 -2.90
N THR C 171 -18.78 -10.75 -4.21
CA THR C 171 -19.21 -9.71 -5.15
C THR C 171 -20.71 -9.44 -5.08
N PHE C 172 -21.54 -10.48 -5.23
CA PHE C 172 -22.99 -10.27 -5.31
C PHE C 172 -23.58 -9.77 -3.99
N ALA C 173 -23.00 -10.13 -2.85
CA ALA C 173 -23.62 -9.68 -1.62
C ALA C 173 -23.16 -8.28 -1.19
N SER C 174 -21.82 -8.05 -1.14
CA SER C 174 -21.17 -6.87 -0.57
C SER C 174 -21.19 -6.92 0.96
N PRO C 175 -20.24 -6.23 1.62
CA PRO C 175 -20.17 -6.28 3.09
C PRO C 175 -21.41 -5.76 3.79
N TYR C 176 -22.30 -5.09 3.07
CA TYR C 176 -23.56 -4.68 3.70
C TYR C 176 -24.44 -5.89 3.97
N VAL C 177 -24.31 -6.92 3.14
CA VAL C 177 -25.20 -8.07 3.16
C VAL C 177 -24.54 -9.26 3.86
N GLN C 178 -23.23 -9.40 3.71
CA GLN C 178 -22.51 -10.64 4.06
C GLN C 178 -21.07 -10.31 4.41
N LYS C 179 -20.63 -10.73 5.60
CA LYS C 179 -19.25 -10.54 6.01
C LYS C 179 -18.61 -11.90 6.25
N PRO C 180 -18.21 -12.61 5.18
CA PRO C 180 -17.67 -13.96 5.32
C PRO C 180 -16.54 -14.11 6.34
N LEU C 181 -15.71 -13.09 6.55
CA LEU C 181 -14.64 -13.28 7.52
C LEU C 181 -15.19 -13.46 8.93
N ASP C 182 -16.38 -12.91 9.20
CA ASP C 182 -17.04 -13.13 10.47
C ASP C 182 -17.53 -14.57 10.64
N LEU C 183 -17.59 -15.36 9.57
CA LEU C 183 -18.00 -16.75 9.65
C LEU C 183 -16.83 -17.71 9.52
N GLY C 184 -15.59 -17.23 9.68
CA GLY C 184 -14.42 -18.07 9.74
C GLY C 184 -13.62 -18.23 8.45
N VAL C 185 -14.07 -17.61 7.35
CA VAL C 185 -13.39 -17.77 6.07
C VAL C 185 -12.01 -17.11 6.09
N ASP C 186 -11.06 -17.65 5.30
CA ASP C 186 -9.70 -17.09 5.29
C ASP C 186 -9.57 -15.85 4.39
N ILE C 187 -10.15 -15.88 3.20
CA ILE C 187 -10.00 -14.81 2.24
C ILE C 187 -11.35 -14.48 1.67
N VAL C 188 -11.65 -13.19 1.57
CA VAL C 188 -12.83 -12.70 0.89
C VAL C 188 -12.36 -11.80 -0.25
N LEU C 189 -13.01 -11.90 -1.41
CA LEU C 189 -12.64 -11.00 -2.49
C LEU C 189 -13.87 -10.49 -3.21
N HIS C 190 -13.66 -9.43 -4.00
CA HIS C 190 -14.73 -8.73 -4.70
C HIS C 190 -14.27 -8.32 -6.08
N SER C 191 -15.19 -8.38 -7.05
CA SER C 191 -15.11 -7.47 -8.20
C SER C 191 -15.72 -6.14 -7.76
N ALA C 192 -14.86 -5.15 -7.48
CA ALA C 192 -15.35 -3.82 -7.12
C ALA C 192 -16.15 -3.14 -8.23
N SER C 193 -16.11 -3.69 -9.45
CA SER C 193 -16.82 -3.21 -10.63
C SER C 193 -18.34 -3.30 -10.48
N ALA C 194 -18.83 -3.79 -9.34
CA ALA C 194 -20.26 -3.93 -9.07
C ALA C 194 -20.68 -2.98 -7.95
N TYR C 195 -21.25 -3.51 -6.85
CA TYR C 195 -21.91 -2.66 -5.84
C TYR C 195 -20.94 -1.73 -5.13
N LEU C 196 -19.70 -2.18 -4.90
CA LEU C 196 -18.76 -1.37 -4.14
C LEU C 196 -18.47 -0.06 -4.85
N GLY C 197 -18.15 -0.13 -6.15
CA GLY C 197 -18.12 1.07 -6.97
C GLY C 197 -19.50 1.67 -7.11
N GLY C 198 -20.44 0.86 -7.61
CA GLY C 198 -21.84 1.21 -7.63
C GLY C 198 -22.29 2.12 -8.76
N HIS C 199 -21.37 2.78 -9.45
CA HIS C 199 -21.78 3.82 -10.40
C HIS C 199 -21.51 3.43 -11.84
N SER C 200 -21.18 2.17 -12.08
CA SER C 200 -20.97 1.67 -13.44
C SER C 200 -19.79 2.36 -14.11
N ASP C 201 -18.84 2.83 -13.32
CA ASP C 201 -17.78 3.65 -13.89
C ASP C 201 -16.41 3.31 -13.31
N VAL C 202 -16.21 2.08 -12.85
CA VAL C 202 -14.88 1.69 -12.35
C VAL C 202 -14.75 0.18 -12.35
N ILE C 203 -13.63 -0.30 -12.87
CA ILE C 203 -13.27 -1.69 -12.88
C ILE C 203 -12.23 -1.87 -11.77
N GLY C 204 -12.39 -2.89 -10.94
CA GLY C 204 -11.46 -3.09 -9.84
C GLY C 204 -11.73 -4.38 -9.09
N GLY C 205 -10.72 -4.80 -8.33
CA GLY C 205 -10.85 -5.94 -7.44
C GLY C 205 -10.32 -5.60 -6.06
N LEU C 206 -10.88 -6.28 -5.05
CA LEU C 206 -10.49 -6.09 -3.66
C LEU C 206 -10.38 -7.44 -2.98
N VAL C 207 -9.37 -7.58 -2.13
CA VAL C 207 -9.14 -8.81 -1.36
C VAL C 207 -8.90 -8.41 0.08
N VAL C 208 -9.52 -9.14 1.00
CA VAL C 208 -9.29 -8.94 2.42
C VAL C 208 -8.98 -10.28 3.05
N THR C 209 -8.00 -10.28 3.93
CA THR C 209 -7.61 -11.47 4.68
C THR C 209 -7.84 -11.19 6.15
N LYS C 210 -8.09 -12.28 6.89
CA LYS C 210 -8.38 -12.18 8.32
C LYS C 210 -7.10 -11.99 9.14
N THR C 211 -6.10 -12.85 8.91
CA THR C 211 -4.84 -12.98 9.62
C THR C 211 -3.78 -12.12 8.96
N PRO C 212 -2.83 -11.59 9.72
CA PRO C 212 -1.78 -10.79 9.08
C PRO C 212 -0.83 -11.64 8.24
N ALA C 213 -0.61 -12.90 8.63
CA ALA C 213 0.29 -13.75 7.87
C ALA C 213 -0.20 -13.98 6.44
N LEU C 214 -1.48 -14.29 6.28
CA LEU C 214 -2.06 -14.39 4.94
C LEU C 214 -2.02 -13.04 4.23
N GLY C 215 -2.22 -11.95 4.96
CA GLY C 215 -2.05 -10.63 4.40
C GLY C 215 -0.67 -10.40 3.82
N GLU C 216 0.38 -10.72 4.59
CA GLU C 216 1.73 -10.57 4.05
C GLU C 216 1.91 -11.36 2.77
N LYS C 217 1.28 -12.54 2.68
CA LYS C 217 1.40 -13.35 1.47
C LYS C 217 0.66 -12.72 0.28
N ILE C 218 -0.54 -12.21 0.50
CA ILE C 218 -1.24 -11.52 -0.59
C ILE C 218 -0.53 -10.23 -0.95
N GLY C 219 -0.10 -9.46 0.05
CA GLY C 219 0.59 -8.21 -0.23
C GLY C 219 1.85 -8.42 -1.07
N TYR C 220 2.62 -9.46 -0.74
CA TYR C 220 3.82 -9.79 -1.51
C TYR C 220 3.48 -10.14 -2.95
N LEU C 221 2.43 -10.93 -3.15
CA LEU C 221 2.04 -11.26 -4.51
C LEU C 221 1.51 -10.03 -5.24
N GLN C 222 0.72 -9.21 -4.55
CA GLN C 222 0.18 -8.01 -5.18
C GLN C 222 1.31 -7.16 -5.73
N ASN C 223 2.36 -6.97 -4.93
CA ASN C 223 3.49 -6.17 -5.40
C ASN C 223 4.27 -6.89 -6.49
N ALA C 224 4.42 -8.21 -6.36
CA ALA C 224 5.29 -8.94 -7.30
C ALA C 224 4.62 -9.12 -8.66
N ILE C 225 3.30 -9.37 -8.68
CA ILE C 225 2.60 -9.49 -9.94
C ILE C 225 2.18 -8.11 -10.48
N GLY C 226 1.80 -7.19 -9.60
CA GLY C 226 1.63 -5.82 -10.04
C GLY C 226 0.32 -5.50 -10.70
N SER C 227 -0.75 -6.24 -10.43
CA SER C 227 -2.05 -5.88 -10.98
C SER C 227 -2.79 -4.94 -10.03
N ILE C 228 -2.16 -3.81 -9.75
CA ILE C 228 -2.69 -2.88 -8.75
C ILE C 228 -3.85 -2.08 -9.33
N LEU C 229 -4.72 -1.60 -8.44
CA LEU C 229 -5.68 -0.58 -8.79
C LEU C 229 -4.98 0.77 -8.85
N ALA C 230 -5.15 1.49 -9.97
CA ALA C 230 -4.42 2.74 -10.17
C ALA C 230 -4.91 3.82 -9.19
N PRO C 231 -4.14 4.88 -8.97
CA PRO C 231 -4.54 5.86 -7.95
C PRO C 231 -5.89 6.53 -8.21
N GLN C 232 -6.11 7.07 -9.41
CA GLN C 232 -7.39 7.72 -9.71
C GLN C 232 -8.56 6.80 -9.42
N GLU C 233 -8.44 5.53 -9.84
CA GLU C 233 -9.56 4.60 -9.72
C GLU C 233 -9.73 4.10 -8.30
N SER C 234 -8.64 3.97 -7.54
CA SER C 234 -8.80 3.73 -6.11
C SER C 234 -9.60 4.86 -5.48
N TRP C 235 -9.29 6.10 -5.84
CA TRP C 235 -10.01 7.21 -5.23
C TRP C 235 -11.48 7.17 -5.60
N LEU C 236 -11.78 6.82 -6.86
CA LEU C 236 -13.15 6.76 -7.31
C LEU C 236 -13.91 5.62 -6.64
N LEU C 237 -13.21 4.51 -6.40
CA LEU C 237 -13.82 3.39 -5.71
C LEU C 237 -14.22 3.78 -4.29
N GLN C 238 -13.29 4.38 -3.55
CA GLN C 238 -13.60 4.79 -2.19
C GLN C 238 -14.78 5.76 -2.17
N ARG C 239 -14.85 6.66 -3.16
CA ARG C 239 -15.96 7.61 -3.20
C ARG C 239 -17.29 6.90 -3.38
N GLY C 240 -17.35 5.94 -4.32
CA GLY C 240 -18.56 5.19 -4.50
C GLY C 240 -18.93 4.38 -3.27
N MET C 241 -17.92 3.78 -2.63
CA MET C 241 -18.20 2.94 -1.46
C MET C 241 -18.86 3.74 -0.35
N LYS C 242 -18.65 5.07 -0.31
CA LYS C 242 -19.23 5.85 0.77
C LYS C 242 -20.76 5.76 0.78
N THR C 243 -21.40 5.58 -0.38
CA THR C 243 -22.85 5.49 -0.40
C THR C 243 -23.34 4.05 -0.53
N LEU C 244 -22.48 3.08 -0.18
CA LEU C 244 -22.86 1.68 -0.31
C LEU C 244 -24.13 1.34 0.46
N ALA C 245 -24.25 1.77 1.73
CA ALA C 245 -25.42 1.40 2.52
C ALA C 245 -26.70 2.02 1.97
N LEU C 246 -26.66 3.32 1.65
CA LEU C 246 -27.83 3.95 1.04
C LEU C 246 -28.18 3.30 -0.30
N ARG C 247 -27.18 3.06 -1.14
CA ARG C 247 -27.48 2.38 -2.40
C ARG C 247 -28.03 0.99 -2.14
N MET C 248 -27.45 0.27 -1.19
CA MET C 248 -27.84 -1.12 -0.97
C MET C 248 -29.27 -1.23 -0.48
N GLN C 249 -29.68 -0.37 0.48
CA GLN C 249 -31.06 -0.38 0.96
C GLN C 249 -32.04 -0.21 -0.20
N ALA C 250 -31.73 0.73 -1.10
CA ALA C 250 -32.58 0.99 -2.25
C ALA C 250 -32.58 -0.20 -3.22
N HIS C 251 -31.39 -0.70 -3.55
CA HIS C 251 -31.29 -1.93 -4.35
C HIS C 251 -32.19 -3.02 -3.79
N LEU C 252 -32.15 -3.22 -2.47
CA LEU C 252 -32.80 -4.38 -1.87
C LEU C 252 -34.31 -4.22 -1.89
N ASN C 253 -34.80 -3.00 -1.65
CA ASN C 253 -36.24 -2.79 -1.67
C ASN C 253 -36.81 -2.96 -3.08
N ASN C 254 -36.09 -2.48 -4.09
CA ASN C 254 -36.57 -2.70 -5.46
C ASN C 254 -36.57 -4.17 -5.81
N ALA C 255 -35.56 -4.92 -5.36
CA ALA C 255 -35.50 -6.33 -5.72
C ALA C 255 -36.62 -7.12 -5.06
N ALA C 256 -36.95 -6.79 -3.80
CA ALA C 256 -38.13 -7.40 -3.18
C ALA C 256 -39.34 -7.22 -4.08
N LYS C 257 -39.60 -5.97 -4.50
CA LYS C 257 -40.78 -5.68 -5.30
C LYS C 257 -40.71 -6.33 -6.69
N ILE C 258 -39.51 -6.36 -7.29
CA ILE C 258 -39.36 -7.03 -8.58
C ILE C 258 -39.68 -8.52 -8.44
N PHE C 259 -39.32 -9.12 -7.30
CA PHE C 259 -39.55 -10.55 -7.15
C PHE C 259 -41.04 -10.87 -7.07
N THR C 260 -41.76 -10.15 -6.20
CA THR C 260 -43.22 -10.25 -6.11
C THR C 260 -43.87 -10.11 -7.49
N TYR C 261 -43.45 -9.10 -8.25
CA TYR C 261 -44.05 -8.83 -9.55
C TYR C 261 -43.74 -9.93 -10.56
N LEU C 262 -42.53 -10.49 -10.55
CA LEU C 262 -42.19 -11.51 -11.54
C LEU C 262 -42.94 -12.81 -11.27
N LYS C 263 -43.31 -13.07 -10.00
CA LYS C 263 -44.09 -14.25 -9.65
C LYS C 263 -45.56 -14.13 -10.04
N SER C 264 -46.13 -12.92 -9.97
CA SER C 264 -47.49 -12.67 -10.46
C SER C 264 -47.66 -12.92 -11.96
N HIS C 265 -46.57 -13.11 -12.71
CA HIS C 265 -46.65 -13.23 -14.16
C HIS C 265 -46.61 -14.70 -14.57
N PRO C 266 -47.63 -15.20 -15.27
CA PRO C 266 -47.58 -16.60 -15.74
C PRO C 266 -46.51 -16.83 -16.78
N ALA C 267 -46.03 -15.80 -17.49
CA ALA C 267 -45.00 -15.99 -18.51
C ALA C 267 -43.65 -16.40 -17.92
N VAL C 268 -43.45 -16.20 -16.63
CA VAL C 268 -42.23 -16.62 -15.96
C VAL C 268 -42.45 -18.01 -15.38
N THR C 269 -41.69 -19.00 -15.87
CA THR C 269 -41.83 -20.37 -15.39
C THR C 269 -40.93 -20.67 -14.18
N LYS C 270 -39.75 -20.07 -14.12
CA LYS C 270 -38.82 -20.32 -13.03
C LYS C 270 -38.19 -19.00 -12.59
N ILE C 271 -38.00 -18.83 -11.28
CA ILE C 271 -37.35 -17.65 -10.71
C ILE C 271 -36.22 -18.09 -9.78
N TYR C 272 -35.03 -17.55 -10.01
CA TYR C 272 -33.87 -17.73 -9.12
C TYR C 272 -33.71 -16.47 -8.28
N TYR C 273 -33.89 -16.60 -6.97
CA TYR C 273 -33.83 -15.46 -6.06
C TYR C 273 -33.69 -15.96 -4.62
N PRO C 274 -32.71 -15.44 -3.87
CA PRO C 274 -32.48 -15.98 -2.53
C PRO C 274 -33.63 -15.78 -1.57
N GLY C 275 -34.46 -14.76 -1.78
CA GLY C 275 -35.58 -14.53 -0.89
C GLY C 275 -36.82 -15.36 -1.17
N ASP C 276 -36.74 -16.26 -2.14
CA ASP C 276 -37.85 -17.15 -2.45
C ASP C 276 -38.05 -18.15 -1.31
N PRO C 277 -39.24 -18.19 -0.68
CA PRO C 277 -39.44 -19.16 0.41
C PRO C 277 -39.56 -20.60 -0.07
N ASP C 278 -39.97 -20.80 -1.33
CA ASP C 278 -39.96 -22.12 -1.97
C ASP C 278 -38.54 -22.62 -2.22
N ASN C 279 -37.59 -21.71 -2.37
CA ASN C 279 -36.17 -22.06 -2.47
C ASN C 279 -35.74 -22.86 -1.24
N PRO C 280 -35.10 -24.02 -1.40
CA PRO C 280 -34.53 -24.71 -0.22
C PRO C 280 -33.35 -23.98 0.39
N ASP C 281 -32.67 -23.12 -0.38
CA ASP C 281 -31.63 -22.26 0.17
C ASP C 281 -32.17 -21.29 1.23
N PHE C 282 -33.49 -21.10 1.30
CA PHE C 282 -34.08 -19.93 1.97
C PHE C 282 -33.64 -19.79 3.42
N SER C 283 -33.50 -20.91 4.13
CA SER C 283 -33.20 -20.79 5.55
C SER C 283 -31.77 -20.29 5.78
N ILE C 284 -30.81 -20.82 5.03
CA ILE C 284 -29.43 -20.38 5.21
C ILE C 284 -29.28 -18.95 4.72
N ALA C 285 -29.91 -18.63 3.58
CA ALA C 285 -29.98 -17.25 3.12
C ALA C 285 -30.39 -16.31 4.24
N LYS C 286 -31.49 -16.62 4.93
CA LYS C 286 -32.00 -15.70 5.95
C LYS C 286 -31.04 -15.58 7.13
N GLN C 287 -30.23 -16.59 7.36
CA GLN C 287 -29.39 -16.63 8.56
C GLN C 287 -28.08 -15.87 8.36
N GLN C 288 -27.43 -16.04 7.21
CA GLN C 288 -26.09 -15.48 7.01
C GLN C 288 -26.10 -14.22 6.16
N MET C 289 -27.23 -13.89 5.53
CA MET C 289 -27.35 -12.73 4.66
C MET C 289 -28.30 -11.72 5.28
N ASN C 290 -27.88 -10.46 5.31
CA ASN C 290 -28.72 -9.35 5.75
C ASN C 290 -29.39 -8.77 4.51
N GLY C 291 -30.61 -9.24 4.23
CA GLY C 291 -31.27 -9.01 2.96
C GLY C 291 -30.89 -10.05 1.91
N PHE C 292 -31.75 -10.18 0.89
CA PHE C 292 -31.62 -11.28 -0.06
C PHE C 292 -30.92 -10.90 -1.36
N GLY C 293 -30.19 -9.79 -1.38
CA GLY C 293 -29.51 -9.35 -2.57
C GLY C 293 -30.44 -8.65 -3.54
N ALA C 294 -29.85 -8.07 -4.57
CA ALA C 294 -30.62 -7.34 -5.57
C ALA C 294 -30.48 -7.97 -6.94
N MET C 295 -29.96 -9.20 -7.00
CA MET C 295 -29.92 -9.99 -8.21
C MET C 295 -31.15 -10.92 -8.28
N ILE C 296 -31.66 -11.09 -9.49
CA ILE C 296 -32.76 -12.00 -9.77
C ILE C 296 -32.54 -12.56 -11.16
N SER C 297 -32.67 -13.87 -11.30
CA SER C 297 -32.66 -14.47 -12.62
C SER C 297 -33.97 -15.23 -12.83
N PHE C 298 -34.33 -15.43 -14.10
CA PHE C 298 -35.59 -16.09 -14.38
C PHE C 298 -35.60 -16.58 -15.82
N GLU C 299 -36.53 -17.52 -16.08
CA GLU C 299 -36.80 -18.06 -17.42
C GLU C 299 -38.24 -17.74 -17.83
N LEU C 300 -38.45 -17.62 -19.14
CA LEU C 300 -39.77 -17.46 -19.73
C LEU C 300 -40.26 -18.81 -20.27
N GLN C 301 -41.57 -18.88 -20.56
CA GLN C 301 -42.17 -20.08 -21.13
C GLN C 301 -41.42 -20.47 -22.39
N PRO C 302 -41.24 -21.77 -22.65
CA PRO C 302 -40.32 -22.19 -23.73
C PRO C 302 -40.61 -21.55 -25.08
N GLY C 303 -41.85 -21.09 -25.27
CA GLY C 303 -42.17 -20.41 -26.53
C GLY C 303 -41.54 -19.04 -26.66
N MET C 304 -41.30 -18.35 -25.53
CA MET C 304 -41.06 -16.92 -25.53
C MET C 304 -39.59 -16.58 -25.70
N ASN C 305 -39.33 -15.52 -26.45
CA ASN C 305 -37.96 -15.15 -26.83
C ASN C 305 -37.36 -14.19 -25.80
N PRO C 306 -36.30 -14.59 -25.08
CA PRO C 306 -35.72 -13.66 -24.12
C PRO C 306 -35.03 -12.49 -24.81
N GLN C 307 -34.37 -12.77 -25.94
CA GLN C 307 -33.74 -11.69 -26.72
C GLN C 307 -34.75 -10.62 -27.07
N THR C 308 -35.96 -11.02 -27.46
CA THR C 308 -37.01 -10.04 -27.69
C THR C 308 -37.34 -9.30 -26.40
N PHE C 309 -37.43 -10.04 -25.29
CA PHE C 309 -37.84 -9.46 -24.02
C PHE C 309 -36.92 -8.32 -23.61
N VAL C 310 -35.60 -8.59 -23.59
CA VAL C 310 -34.65 -7.61 -23.08
C VAL C 310 -34.48 -6.43 -24.03
N GLU C 311 -34.62 -6.67 -25.34
CA GLU C 311 -34.45 -5.59 -26.31
C GLU C 311 -35.63 -4.62 -26.35
N HIS C 312 -36.70 -4.87 -25.61
CA HIS C 312 -37.83 -3.94 -25.57
C HIS C 312 -37.95 -3.21 -24.24
N LEU C 313 -36.93 -3.27 -23.38
CA LEU C 313 -36.87 -2.43 -22.19
C LEU C 313 -36.23 -1.08 -22.55
N GLN C 314 -36.73 -0.01 -21.93
CA GLN C 314 -36.22 1.33 -22.17
C GLN C 314 -35.61 2.02 -20.95
N VAL C 315 -35.88 1.58 -19.72
CA VAL C 315 -35.14 2.05 -18.55
C VAL C 315 -34.07 1.06 -18.13
N ILE C 316 -34.44 -0.22 -18.07
CA ILE C 316 -33.45 -1.25 -17.83
C ILE C 316 -32.55 -1.36 -19.05
N THR C 317 -31.26 -1.52 -18.81
CA THR C 317 -30.23 -1.50 -19.84
C THR C 317 -29.74 -2.92 -20.14
N LEU C 318 -29.69 -3.27 -21.42
CA LEU C 318 -29.16 -4.57 -21.82
C LEU C 318 -27.64 -4.45 -21.93
N ALA C 319 -26.93 -5.07 -20.99
CA ALA C 319 -25.47 -4.97 -20.96
C ALA C 319 -24.92 -6.00 -19.98
N GLU C 320 -23.60 -6.11 -19.98
CA GLU C 320 -22.91 -6.91 -18.98
C GLU C 320 -22.74 -6.09 -17.71
N SER C 321 -22.16 -6.71 -16.68
CA SER C 321 -21.95 -6.08 -15.39
C SER C 321 -23.24 -6.02 -14.58
N LEU C 322 -23.14 -5.57 -13.33
CA LEU C 322 -24.21 -5.67 -12.35
C LEU C 322 -23.87 -4.71 -11.22
N GLY C 323 -24.78 -4.56 -10.27
CA GLY C 323 -24.49 -3.77 -9.10
C GLY C 323 -24.40 -2.29 -9.31
N ALA C 324 -24.92 -1.78 -10.44
CA ALA C 324 -24.90 -0.35 -10.73
C ALA C 324 -26.22 0.30 -10.31
N LEU C 325 -26.19 1.63 -10.20
CA LEU C 325 -27.40 2.39 -9.89
C LEU C 325 -28.47 2.14 -10.93
N GLU C 326 -28.08 2.11 -12.21
CA GLU C 326 -29.00 1.78 -13.29
C GLU C 326 -29.25 0.27 -13.31
N SER C 327 -30.51 -0.11 -13.47
CA SER C 327 -30.84 -1.52 -13.65
C SER C 327 -30.14 -2.06 -14.89
N LEU C 328 -29.58 -3.24 -14.76
CA LEU C 328 -28.92 -3.91 -15.86
C LEU C 328 -29.56 -5.29 -16.01
N ILE C 329 -29.56 -5.78 -17.25
CA ILE C 329 -30.17 -7.06 -17.58
C ILE C 329 -29.35 -7.71 -18.69
N GLU C 330 -29.42 -9.04 -18.74
CA GLU C 330 -28.44 -9.79 -19.52
C GLU C 330 -28.98 -11.20 -19.77
N ILE C 331 -28.53 -11.81 -20.86
CA ILE C 331 -28.72 -13.24 -21.07
C ILE C 331 -27.37 -13.93 -20.89
N PRO C 332 -27.14 -14.63 -19.78
CA PRO C 332 -25.81 -15.18 -19.50
C PRO C 332 -25.23 -16.08 -20.56
N ALA C 333 -26.04 -16.93 -21.21
CA ALA C 333 -25.46 -17.90 -22.14
C ALA C 333 -24.91 -17.23 -23.40
N LEU C 334 -25.40 -16.03 -23.73
CA LEU C 334 -24.96 -15.27 -24.89
C LEU C 334 -23.93 -14.20 -24.54
N MET C 335 -23.65 -14.00 -23.25
CA MET C 335 -22.86 -12.87 -22.79
C MET C 335 -21.85 -13.32 -21.71
N THR C 336 -22.04 -12.91 -20.46
CA THR C 336 -21.05 -13.14 -19.40
C THR C 336 -20.62 -14.61 -19.26
N HIS C 337 -21.45 -15.58 -19.68
CA HIS C 337 -21.09 -16.98 -19.51
C HIS C 337 -20.94 -17.73 -20.84
N GLY C 338 -20.84 -17.01 -21.96
CA GLY C 338 -20.46 -17.65 -23.21
C GLY C 338 -19.05 -18.24 -23.23
N ALA C 339 -18.21 -17.89 -22.24
CA ALA C 339 -16.90 -18.50 -22.10
C ALA C 339 -16.97 -19.94 -21.59
N ILE C 340 -18.03 -20.32 -20.88
CA ILE C 340 -18.28 -21.72 -20.52
C ILE C 340 -18.94 -22.43 -21.71
N PRO C 341 -18.45 -23.60 -22.12
CA PRO C 341 -19.09 -24.30 -23.25
C PRO C 341 -20.52 -24.72 -22.92
N ARG C 342 -21.36 -24.76 -23.97
CA ARG C 342 -22.79 -25.01 -23.85
C ARG C 342 -23.07 -26.30 -23.10
N THR C 343 -22.32 -27.37 -23.40
CA THR C 343 -22.53 -28.65 -22.74
C THR C 343 -22.36 -28.53 -21.22
N ILE C 344 -21.33 -27.80 -20.77
CA ILE C 344 -21.10 -27.65 -19.34
C ILE C 344 -22.11 -26.68 -18.72
N ARG C 345 -22.60 -25.71 -19.50
CA ARG C 345 -23.58 -24.77 -18.98
C ARG C 345 -24.88 -25.46 -18.62
N LEU C 346 -25.45 -26.24 -19.55
CA LEU C 346 -26.72 -26.92 -19.29
C LEU C 346 -26.54 -28.06 -18.28
N GLN C 347 -25.39 -28.75 -18.33
CA GLN C 347 -25.10 -29.75 -17.31
C GLN C 347 -25.14 -29.15 -15.90
N ASN C 348 -24.86 -27.84 -15.77
CA ASN C 348 -24.81 -27.19 -14.47
C ASN C 348 -25.94 -26.19 -14.22
N GLY C 349 -27.02 -26.22 -15.02
CA GLY C 349 -28.23 -25.50 -14.68
C GLY C 349 -28.48 -24.17 -15.38
N ILE C 350 -27.61 -23.75 -16.29
CA ILE C 350 -27.72 -22.47 -17.00
C ILE C 350 -28.34 -22.76 -18.37
N LYS C 351 -29.66 -22.62 -18.48
CA LYS C 351 -30.33 -22.77 -19.76
C LYS C 351 -30.02 -21.56 -20.66
N ASP C 352 -30.16 -21.75 -21.97
CA ASP C 352 -29.87 -20.65 -22.89
C ASP C 352 -30.92 -19.56 -22.90
N GLU C 353 -32.08 -19.82 -22.32
CA GLU C 353 -33.18 -18.89 -22.19
C GLU C 353 -33.09 -18.06 -20.92
N LEU C 354 -32.05 -18.26 -20.10
CA LEU C 354 -32.02 -17.64 -18.78
C LEU C 354 -31.71 -16.15 -18.87
N ILE C 355 -32.45 -15.37 -18.10
CA ILE C 355 -32.28 -13.92 -18.03
C ILE C 355 -31.80 -13.55 -16.64
N ARG C 356 -30.71 -12.78 -16.58
CA ARG C 356 -30.21 -12.23 -15.33
C ARG C 356 -30.53 -10.74 -15.27
N LEU C 357 -31.14 -10.33 -14.16
CA LEU C 357 -31.53 -8.94 -13.91
C LEU C 357 -30.81 -8.42 -12.67
N SER C 358 -30.05 -7.34 -12.85
CA SER C 358 -29.43 -6.60 -11.77
C SER C 358 -30.37 -5.45 -11.43
N VAL C 359 -31.08 -5.57 -10.32
CA VAL C 359 -32.07 -4.57 -9.94
C VAL C 359 -31.37 -3.32 -9.40
N GLY C 360 -31.62 -2.18 -10.03
CA GLY C 360 -31.01 -0.91 -9.65
C GLY C 360 -31.81 -0.14 -8.63
N VAL C 361 -31.61 1.19 -8.59
CA VAL C 361 -32.22 2.03 -7.59
C VAL C 361 -33.25 3.01 -8.16
N GLU C 362 -33.63 2.84 -9.44
CA GLU C 362 -34.70 3.67 -10.01
C GLU C 362 -35.97 3.51 -9.19
N ALA C 363 -36.91 4.45 -9.38
CA ALA C 363 -38.23 4.28 -8.78
C ALA C 363 -38.81 2.92 -9.19
N SER C 364 -39.37 2.21 -8.20
CA SER C 364 -39.84 0.86 -8.49
C SER C 364 -40.96 0.87 -9.52
N ASP C 365 -41.76 1.94 -9.53
CA ASP C 365 -42.88 1.99 -10.48
C ASP C 365 -42.38 2.16 -11.89
N ASP C 366 -41.37 3.00 -12.10
CA ASP C 366 -40.77 3.11 -13.42
C ASP C 366 -40.15 1.79 -13.86
N LEU C 367 -39.74 0.95 -12.91
CA LEU C 367 -39.11 -0.33 -13.25
C LEU C 367 -40.14 -1.39 -13.62
N LEU C 368 -41.24 -1.48 -12.88
CA LEU C 368 -42.29 -2.43 -13.22
C LEU C 368 -42.90 -2.09 -14.57
N ALA C 369 -43.21 -0.81 -14.79
CA ALA C 369 -43.72 -0.37 -16.09
C ALA C 369 -42.77 -0.79 -17.20
N ASP C 370 -41.46 -0.73 -16.96
CA ASP C 370 -40.50 -1.09 -18.00
C ASP C 370 -40.52 -2.59 -18.25
N LEU C 371 -40.62 -3.38 -17.19
CA LEU C 371 -40.71 -4.82 -17.36
C LEU C 371 -42.01 -5.21 -18.08
N GLU C 372 -43.07 -4.43 -17.88
CA GLU C 372 -44.31 -4.71 -18.61
C GLU C 372 -44.16 -4.48 -20.12
N ARG C 373 -43.33 -3.52 -20.54
CA ARG C 373 -43.06 -3.38 -21.98
C ARG C 373 -42.42 -4.63 -22.55
N GLY C 374 -41.52 -5.27 -21.78
CA GLY C 374 -40.88 -6.47 -22.29
C GLY C 374 -41.82 -7.66 -22.35
N PHE C 375 -42.70 -7.78 -21.35
CA PHE C 375 -43.70 -8.84 -21.38
C PHE C 375 -44.68 -8.63 -22.53
N ALA C 376 -45.15 -7.39 -22.72
CA ALA C 376 -46.06 -7.08 -23.80
C ALA C 376 -45.48 -7.45 -25.17
N SER C 377 -44.17 -7.34 -25.34
CA SER C 377 -43.55 -7.58 -26.63
C SER C 377 -43.45 -9.07 -26.99
N ILE C 378 -43.75 -9.96 -26.05
CA ILE C 378 -43.76 -11.40 -26.32
C ILE C 378 -45.15 -11.92 -26.01
N GLN C 379 -46.14 -11.02 -26.10
CA GLN C 379 -47.57 -11.28 -25.85
C GLN C 379 -47.78 -12.10 -24.59
N ALA C 380 -47.61 -11.47 -23.42
CA ALA C 380 -47.65 -12.21 -22.16
C ALA C 380 -48.05 -11.35 -20.96
N ASP C 381 -48.59 -10.16 -21.15
CA ASP C 381 -48.84 -9.22 -20.06
C ASP C 381 -49.83 -9.73 -19.01
N MET D 1 4.30 8.56 -42.16
CA MET D 1 4.71 9.76 -41.42
C MET D 1 5.97 9.49 -40.61
N LYS D 2 6.66 10.55 -40.23
CA LYS D 2 7.86 10.39 -39.44
C LYS D 2 7.51 10.17 -37.96
N PHE D 3 8.49 9.65 -37.20
CA PHE D 3 8.25 9.22 -35.83
C PHE D 3 7.65 10.32 -34.97
N GLU D 4 8.18 11.54 -35.07
CA GLU D 4 7.65 12.65 -34.28
C GLU D 4 6.20 12.94 -34.64
N THR D 5 5.83 12.77 -35.91
CA THR D 5 4.44 12.98 -36.30
C THR D 5 3.55 11.85 -35.79
N GLN D 6 4.06 10.61 -35.79
CA GLN D 6 3.28 9.51 -35.23
C GLN D 6 2.99 9.68 -33.73
N LEU D 7 3.90 10.27 -32.98
CA LEU D 7 3.61 10.50 -31.57
C LEU D 7 2.38 11.41 -31.41
N ILE D 8 2.25 12.39 -32.29
CA ILE D 8 1.18 13.37 -32.15
C ILE D 8 -0.14 12.86 -32.75
N HIS D 9 -0.07 12.07 -33.83
CA HIS D 9 -1.23 11.72 -34.63
C HIS D 9 -1.46 10.24 -34.81
N GLY D 10 -0.52 9.39 -34.38
CA GLY D 10 -0.62 7.96 -34.62
C GLY D 10 -1.60 7.28 -33.68
N GLY D 11 -1.72 5.96 -33.87
CA GLY D 11 -2.69 5.21 -33.12
C GLY D 11 -4.07 5.78 -33.37
N ILE D 12 -4.85 5.88 -32.30
CA ILE D 12 -6.08 6.67 -32.26
C ILE D 12 -5.78 7.89 -31.42
N SER D 13 -5.87 9.07 -32.03
CA SER D 13 -5.50 10.31 -31.36
C SER D 13 -6.65 11.29 -31.35
N GLU D 14 -7.78 10.91 -31.93
CA GLU D 14 -8.90 11.81 -32.12
C GLU D 14 -10.17 11.06 -31.73
N ASP D 15 -11.22 11.82 -31.45
CA ASP D 15 -12.55 11.26 -31.33
C ASP D 15 -13.25 11.53 -32.66
N ALA D 16 -13.57 10.45 -33.40
CA ALA D 16 -14.14 10.62 -34.73
C ALA D 16 -15.52 11.29 -34.69
N THR D 17 -16.30 11.06 -33.63
CA THR D 17 -17.66 11.59 -33.60
C THR D 17 -17.67 13.11 -33.48
N THR D 18 -16.84 13.65 -32.60
CA THR D 18 -16.86 15.06 -32.27
C THR D 18 -15.74 15.85 -32.90
N GLY D 19 -14.69 15.17 -33.35
CA GLY D 19 -13.49 15.85 -33.78
C GLY D 19 -12.57 16.24 -32.64
N ALA D 20 -12.83 15.75 -31.42
CA ALA D 20 -12.06 16.17 -30.25
C ALA D 20 -10.59 15.80 -30.42
N THR D 21 -9.70 16.75 -30.11
CA THR D 21 -8.26 16.58 -30.29
C THR D 21 -7.61 15.82 -29.17
N SER D 22 -8.41 15.15 -28.36
CA SER D 22 -7.96 14.28 -27.30
C SER D 22 -8.92 13.09 -27.25
N VAL D 23 -8.40 11.91 -27.02
CA VAL D 23 -9.29 10.75 -26.92
C VAL D 23 -10.08 10.89 -25.63
N PRO D 24 -11.41 10.83 -25.67
CA PRO D 24 -12.18 11.00 -24.43
C PRO D 24 -11.86 9.87 -23.47
N ILE D 25 -12.00 10.15 -22.17
CA ILE D 25 -11.74 9.14 -21.14
C ILE D 25 -13.06 8.43 -20.87
N TYR D 26 -13.15 7.16 -21.26
CA TYR D 26 -14.37 6.39 -21.09
C TYR D 26 -14.31 5.70 -19.73
N MET D 27 -14.87 6.35 -18.71
CA MET D 27 -14.87 5.72 -17.39
C MET D 27 -15.88 4.60 -17.29
N ALA D 28 -16.83 4.52 -18.23
CA ALA D 28 -17.89 3.53 -18.17
C ALA D 28 -17.33 2.13 -18.03
N SER D 29 -17.85 1.38 -17.07
CA SER D 29 -17.46 -0.01 -16.96
C SER D 29 -18.15 -0.85 -18.03
N THR D 30 -19.39 -0.53 -18.38
CA THR D 30 -20.11 -1.36 -19.34
C THR D 30 -20.78 -0.51 -20.42
N PHE D 31 -21.31 -1.20 -21.43
CA PHE D 31 -21.83 -0.58 -22.64
C PHE D 31 -23.16 -1.21 -23.03
N ARG D 32 -24.18 -0.36 -23.18
CA ARG D 32 -25.50 -0.81 -23.62
C ARG D 32 -25.40 -1.38 -25.03
N GLN D 33 -25.98 -2.56 -25.22
CA GLN D 33 -26.02 -3.19 -26.53
C GLN D 33 -27.44 -3.09 -27.08
N THR D 34 -27.57 -2.80 -28.38
CA THR D 34 -28.90 -2.76 -28.99
C THR D 34 -29.35 -4.14 -29.41
N LYS D 35 -28.44 -4.93 -29.97
CA LYS D 35 -28.64 -6.35 -30.29
C LYS D 35 -27.39 -7.11 -29.86
N ILE D 36 -27.60 -8.27 -29.23
CA ILE D 36 -26.50 -8.93 -28.53
C ILE D 36 -25.39 -9.29 -29.50
N GLY D 37 -24.15 -8.92 -29.15
CA GLY D 37 -22.96 -9.32 -29.89
C GLY D 37 -22.52 -8.36 -30.99
N GLN D 38 -23.29 -7.34 -31.32
CA GLN D 38 -22.96 -6.43 -32.41
C GLN D 38 -22.40 -5.09 -31.93
N ASN D 39 -22.19 -4.93 -30.63
CA ASN D 39 -21.52 -3.76 -30.10
C ASN D 39 -20.03 -3.83 -30.39
N GLN D 40 -19.41 -2.67 -30.59
CA GLN D 40 -17.97 -2.64 -30.73
C GLN D 40 -17.28 -2.81 -29.38
N TYR D 41 -17.86 -2.24 -28.33
CA TYR D 41 -17.37 -2.37 -26.96
C TYR D 41 -18.46 -2.94 -26.07
N GLU D 42 -18.08 -3.86 -25.19
CA GLU D 42 -19.03 -4.58 -24.35
C GLU D 42 -18.76 -4.41 -22.87
N TYR D 43 -17.49 -4.43 -22.47
CA TYR D 43 -17.11 -4.38 -21.06
C TYR D 43 -15.73 -3.76 -20.97
N SER D 44 -15.58 -2.79 -20.06
CA SER D 44 -14.39 -1.96 -20.04
C SER D 44 -13.12 -2.79 -19.89
N ARG D 45 -13.16 -3.84 -19.07
CA ARG D 45 -11.98 -4.68 -18.92
C ARG D 45 -11.59 -5.32 -20.24
N THR D 46 -12.58 -5.75 -21.03
CA THR D 46 -12.30 -6.42 -22.28
C THR D 46 -11.80 -5.45 -23.34
N GLY D 47 -12.16 -4.18 -23.22
CA GLY D 47 -11.82 -3.19 -24.22
C GLY D 47 -12.62 -1.93 -23.98
N ASN D 48 -12.06 -0.78 -24.31
CA ASN D 48 -12.78 0.48 -24.26
C ASN D 48 -12.00 1.48 -25.09
N PRO D 49 -12.66 2.51 -25.61
CA PRO D 49 -11.96 3.41 -26.55
C PRO D 49 -10.69 4.02 -26.00
N THR D 50 -10.64 4.36 -24.70
CA THR D 50 -9.48 5.05 -24.15
C THR D 50 -8.26 4.14 -24.08
N ARG D 51 -8.43 2.91 -23.60
CA ARG D 51 -7.29 2.01 -23.54
C ARG D 51 -6.90 1.56 -24.95
N ALA D 52 -7.89 1.34 -25.83
CA ALA D 52 -7.55 0.94 -27.19
C ALA D 52 -6.70 2.00 -27.88
N ALA D 53 -6.86 3.27 -27.48
CA ALA D 53 -6.15 4.35 -28.16
C ALA D 53 -4.67 4.30 -27.83
N VAL D 54 -4.32 4.19 -26.55
CA VAL D 54 -2.90 4.07 -26.23
C VAL D 54 -2.36 2.75 -26.73
N GLU D 55 -3.22 1.72 -26.81
CA GLU D 55 -2.76 0.43 -27.31
C GLU D 55 -2.43 0.52 -28.79
N ALA D 56 -3.23 1.25 -29.57
CA ALA D 56 -2.92 1.46 -30.97
C ALA D 56 -1.62 2.25 -31.14
N LEU D 57 -1.37 3.22 -30.26
CA LEU D 57 -0.21 4.09 -30.40
C LEU D 57 1.08 3.31 -30.28
N ILE D 58 1.23 2.54 -29.20
CA ILE D 58 2.48 1.85 -28.99
C ILE D 58 2.71 0.83 -30.09
N ALA D 59 1.64 0.26 -30.64
CA ALA D 59 1.80 -0.66 -31.77
C ALA D 59 2.40 0.06 -32.96
N THR D 60 1.88 1.25 -33.27
CA THR D 60 2.43 2.08 -34.34
C THR D 60 3.91 2.38 -34.08
N LEU D 61 4.23 2.83 -32.86
CA LEU D 61 5.60 3.24 -32.54
C LEU D 61 6.57 2.07 -32.63
N GLU D 62 6.18 0.89 -32.17
CA GLU D 62 7.07 -0.27 -32.19
C GLU D 62 7.02 -1.03 -33.52
N HIS D 63 6.21 -0.59 -34.47
CA HIS D 63 6.01 -1.26 -35.76
C HIS D 63 5.47 -2.67 -35.58
N GLY D 64 4.58 -2.84 -34.58
CA GLY D 64 3.87 -4.09 -34.39
C GLY D 64 2.47 -4.02 -34.96
N SER D 65 1.76 -5.14 -34.84
CA SER D 65 0.39 -5.17 -35.32
C SER D 65 -0.64 -4.94 -34.22
N ALA D 66 -0.31 -5.22 -32.95
CA ALA D 66 -1.27 -5.09 -31.85
C ALA D 66 -0.54 -4.70 -30.58
N GLY D 67 -1.19 -3.85 -29.78
CA GLY D 67 -0.65 -3.43 -28.50
C GLY D 67 -1.58 -3.73 -27.34
N PHE D 68 -1.02 -3.79 -26.12
CA PHE D 68 -1.79 -4.20 -24.95
C PHE D 68 -1.27 -3.45 -23.75
N ALA D 69 -2.17 -2.80 -23.03
CA ALA D 69 -1.79 -1.94 -21.93
C ALA D 69 -2.16 -2.61 -20.61
N PHE D 70 -1.22 -2.59 -19.67
CA PHE D 70 -1.38 -3.31 -18.42
C PHE D 70 -1.19 -2.35 -17.25
N ALA D 71 -1.61 -2.82 -16.07
CA ALA D 71 -1.62 -1.99 -14.87
C ALA D 71 -0.22 -1.60 -14.43
N SER D 72 0.79 -2.31 -14.89
CA SER D 72 2.18 -2.05 -14.51
C SER D 72 3.05 -2.86 -15.44
N GLY D 73 4.33 -2.49 -15.51
CA GLY D 73 5.28 -3.29 -16.27
C GLY D 73 5.31 -4.72 -15.78
N SER D 74 5.31 -4.91 -14.46
CA SER D 74 5.34 -6.25 -13.89
C SER D 74 4.13 -7.07 -14.31
N ALA D 75 2.94 -6.47 -14.29
CA ALA D 75 1.74 -7.18 -14.73
C ALA D 75 1.83 -7.55 -16.21
N ALA D 76 2.41 -6.68 -17.03
CA ALA D 76 2.63 -7.03 -18.42
C ALA D 76 3.51 -8.27 -18.54
N ILE D 77 4.62 -8.29 -17.79
CA ILE D 77 5.51 -9.44 -17.83
C ILE D 77 4.78 -10.70 -17.34
N ASN D 78 4.01 -10.57 -16.26
CA ASN D 78 3.31 -11.73 -15.73
C ASN D 78 2.33 -12.29 -16.76
N THR D 79 1.69 -11.42 -17.52
CA THR D 79 0.74 -11.90 -18.53
C THR D 79 1.45 -12.60 -19.66
N VAL D 80 2.60 -12.07 -20.08
CA VAL D 80 3.32 -12.66 -21.21
C VAL D 80 3.82 -14.05 -20.86
N PHE D 81 4.34 -14.23 -19.64
CA PHE D 81 4.75 -15.56 -19.21
C PHE D 81 3.56 -16.49 -19.01
N SER D 82 2.36 -15.96 -18.83
CA SER D 82 1.20 -16.81 -18.85
C SER D 82 0.92 -17.45 -20.22
N LEU D 83 1.76 -17.20 -21.23
CA LEU D 83 1.67 -18.02 -22.42
C LEU D 83 2.21 -19.43 -22.19
N PHE D 84 3.03 -19.62 -21.16
CA PHE D 84 3.76 -20.87 -21.00
C PHE D 84 3.11 -21.76 -19.94
N SER D 85 3.50 -23.02 -19.94
CA SER D 85 2.86 -24.04 -19.11
C SER D 85 3.90 -24.76 -18.28
N ALA D 86 3.40 -25.53 -17.31
CA ALA D 86 4.25 -26.38 -16.49
C ALA D 86 5.04 -27.31 -17.39
N GLY D 87 6.36 -27.33 -17.18
CA GLY D 87 7.26 -28.12 -18.00
C GLY D 87 7.96 -27.36 -19.12
N ASP D 88 7.54 -26.13 -19.39
CA ASP D 88 8.25 -25.28 -20.33
C ASP D 88 9.54 -24.75 -19.70
N HIS D 89 10.54 -24.52 -20.54
CA HIS D 89 11.83 -23.99 -20.10
C HIS D 89 12.10 -22.68 -20.84
N ILE D 90 12.60 -21.69 -20.09
CA ILE D 90 12.80 -20.33 -20.58
C ILE D 90 14.26 -19.97 -20.40
N ILE D 91 14.86 -19.30 -21.38
CA ILE D 91 16.19 -18.74 -21.23
C ILE D 91 16.08 -17.27 -20.89
N VAL D 92 16.75 -16.86 -19.82
CA VAL D 92 16.65 -15.51 -19.29
C VAL D 92 18.05 -14.91 -19.27
N GLY D 93 18.12 -13.59 -19.47
CA GLY D 93 19.35 -12.89 -19.20
C GLY D 93 19.68 -12.90 -17.72
N ASN D 94 20.96 -12.74 -17.40
CA ASN D 94 21.36 -12.79 -16.00
C ASN D 94 21.47 -11.41 -15.35
N ASP D 95 21.26 -10.32 -16.11
CA ASP D 95 21.04 -8.99 -15.54
C ASP D 95 19.64 -8.56 -15.90
N VAL D 96 18.75 -8.53 -14.92
CA VAL D 96 17.35 -8.13 -15.11
C VAL D 96 16.91 -7.28 -13.93
N TYR D 97 15.76 -6.65 -14.10
CA TYR D 97 15.17 -5.88 -13.02
C TYR D 97 14.86 -6.83 -11.83
N GLY D 98 15.25 -6.39 -10.63
CA GLY D 98 15.02 -7.19 -9.45
C GLY D 98 13.61 -7.74 -9.34
N GLY D 99 12.62 -6.99 -9.83
CA GLY D 99 11.25 -7.48 -9.79
C GLY D 99 10.98 -8.59 -10.78
N THR D 100 11.71 -8.61 -11.90
CA THR D 100 11.55 -9.72 -12.82
C THR D 100 12.20 -10.98 -12.27
N PHE D 101 13.35 -10.82 -11.62
CA PHE D 101 13.95 -11.94 -10.91
C PHE D 101 13.00 -12.46 -9.83
N ARG D 102 12.30 -11.57 -9.14
CA ARG D 102 11.34 -11.99 -8.12
C ARG D 102 10.18 -12.75 -8.73
N LEU D 103 9.64 -12.26 -9.84
CA LEU D 103 8.53 -12.95 -10.47
C LEU D 103 8.93 -14.36 -10.89
N ILE D 104 10.14 -14.49 -11.44
CA ILE D 104 10.60 -15.78 -11.92
C ILE D 104 10.72 -16.76 -10.75
N ASP D 105 11.45 -16.36 -9.70
CA ASP D 105 11.80 -17.29 -8.62
C ASP D 105 10.65 -17.56 -7.67
N ALA D 106 9.83 -16.55 -7.40
CA ALA D 106 8.81 -16.64 -6.36
C ALA D 106 7.42 -16.96 -6.88
N VAL D 107 7.20 -16.90 -8.20
CA VAL D 107 5.89 -17.23 -8.76
C VAL D 107 5.98 -18.24 -9.90
N LEU D 108 6.74 -17.92 -10.94
CA LEU D 108 6.70 -18.72 -12.16
C LEU D 108 7.30 -20.11 -11.96
N LYS D 109 8.32 -20.22 -11.10
CA LYS D 109 8.89 -21.54 -10.83
C LYS D 109 7.92 -22.42 -10.07
N HIS D 110 7.03 -21.81 -9.28
CA HIS D 110 5.98 -22.56 -8.62
C HIS D 110 4.96 -23.10 -9.61
N PHE D 111 4.88 -22.52 -10.81
CA PHE D 111 3.96 -23.00 -11.82
C PHE D 111 4.56 -24.10 -12.68
N GLY D 112 5.76 -24.58 -12.34
CA GLY D 112 6.39 -25.61 -13.13
C GLY D 112 7.25 -25.12 -14.27
N MET D 113 7.48 -23.82 -14.39
CA MET D 113 8.35 -23.29 -15.43
C MET D 113 9.78 -23.32 -14.91
N THR D 114 10.73 -23.62 -15.80
CA THR D 114 12.13 -23.68 -15.42
C THR D 114 12.94 -22.68 -16.24
N PHE D 115 13.97 -22.14 -15.60
CA PHE D 115 14.73 -21.02 -16.14
C PHE D 115 16.21 -21.30 -16.01
N THR D 116 16.96 -20.83 -17.00
CA THR D 116 18.42 -20.82 -16.98
C THR D 116 18.87 -19.41 -17.31
N ALA D 117 19.67 -18.82 -16.41
CA ALA D 117 20.20 -17.49 -16.63
C ALA D 117 21.51 -17.56 -17.42
N VAL D 118 21.62 -16.71 -18.43
CA VAL D 118 22.74 -16.72 -19.35
C VAL D 118 23.16 -15.28 -19.56
N ASP D 119 24.44 -15.06 -19.85
CA ASP D 119 24.86 -13.76 -20.38
C ASP D 119 24.53 -13.74 -21.87
N THR D 120 23.47 -13.03 -22.24
CA THR D 120 23.05 -12.99 -23.63
C THR D 120 24.00 -12.19 -24.52
N ARG D 121 25.05 -11.57 -23.96
CA ARG D 121 26.10 -11.02 -24.80
C ARG D 121 26.92 -12.13 -25.48
N ASP D 122 26.86 -13.36 -24.98
CA ASP D 122 27.63 -14.49 -25.47
C ASP D 122 26.67 -15.46 -26.16
N LEU D 123 26.59 -15.38 -27.49
CA LEU D 123 25.59 -16.15 -28.21
C LEU D 123 25.91 -17.64 -28.24
N ALA D 124 27.18 -17.98 -28.08
CA ALA D 124 27.54 -19.38 -27.85
C ALA D 124 26.83 -19.90 -26.60
N ALA D 125 26.91 -19.15 -25.50
CA ALA D 125 26.32 -19.58 -24.24
C ALA D 125 24.80 -19.66 -24.35
N VAL D 126 24.19 -18.77 -25.14
CA VAL D 126 22.75 -18.83 -25.34
C VAL D 126 22.39 -20.12 -26.04
N GLU D 127 23.02 -20.41 -27.18
CA GLU D 127 22.66 -21.61 -27.94
C GLU D 127 22.94 -22.89 -27.13
N ALA D 128 23.99 -22.88 -26.31
CA ALA D 128 24.28 -24.03 -25.46
C ALA D 128 23.15 -24.30 -24.48
N ALA D 129 22.43 -23.25 -24.08
CA ALA D 129 21.42 -23.36 -23.04
C ALA D 129 20.09 -23.85 -23.59
N ILE D 130 19.94 -23.93 -24.90
CA ILE D 130 18.69 -24.34 -25.51
C ILE D 130 18.50 -25.84 -25.31
N THR D 131 17.34 -26.22 -24.78
CA THR D 131 16.99 -27.63 -24.60
C THR D 131 15.77 -27.96 -25.43
N PRO D 132 15.44 -29.25 -25.62
CA PRO D 132 14.22 -29.58 -26.39
C PRO D 132 12.93 -28.97 -25.83
N THR D 133 12.84 -28.75 -24.51
CA THR D 133 11.65 -28.17 -23.89
C THR D 133 11.72 -26.65 -23.73
N THR D 134 12.79 -26.02 -24.22
CA THR D 134 12.88 -24.57 -24.21
C THR D 134 11.85 -23.97 -25.14
N LYS D 135 11.26 -22.86 -24.70
CA LYS D 135 10.15 -22.24 -25.43
C LYS D 135 10.37 -20.78 -25.77
N ALA D 136 11.26 -20.08 -25.08
CA ALA D 136 11.40 -18.64 -25.28
C ALA D 136 12.75 -18.17 -24.78
N ILE D 137 13.15 -16.99 -25.27
CA ILE D 137 14.27 -16.24 -24.73
C ILE D 137 13.74 -14.89 -24.27
N TYR D 138 14.09 -14.50 -23.05
CA TYR D 138 13.65 -13.24 -22.44
C TYR D 138 14.87 -12.48 -21.97
N LEU D 139 15.01 -11.23 -22.42
CA LEU D 139 16.14 -10.43 -21.99
C LEU D 139 15.79 -8.94 -22.09
N GLU D 140 16.41 -8.15 -21.21
CA GLU D 140 16.38 -6.70 -21.31
C GLU D 140 17.65 -6.23 -22.01
N THR D 141 17.52 -5.23 -22.87
CA THR D 141 18.73 -4.58 -23.39
C THR D 141 18.39 -3.13 -23.67
N PRO D 142 19.13 -2.17 -23.08
CA PRO D 142 20.21 -2.40 -22.11
C PRO D 142 19.66 -2.87 -20.78
N THR D 143 20.49 -3.51 -19.97
CA THR D 143 20.03 -4.20 -18.78
C THR D 143 19.92 -3.25 -17.59
N ASN D 144 19.10 -3.68 -16.61
CA ASN D 144 18.89 -2.95 -15.38
C ASN D 144 19.65 -3.67 -14.27
N PRO D 145 20.73 -3.08 -13.72
CA PRO D 145 21.28 -1.75 -13.93
C PRO D 145 22.62 -1.67 -14.66
N LEU D 146 23.16 -2.76 -15.18
CA LEU D 146 24.52 -2.72 -15.72
C LEU D 146 24.58 -2.28 -17.18
N LEU D 147 23.45 -2.18 -17.86
CA LEU D 147 23.38 -1.63 -19.20
C LEU D 147 24.13 -2.49 -20.22
N HIS D 148 24.22 -3.79 -19.99
CA HIS D 148 24.76 -4.68 -21.01
C HIS D 148 23.92 -4.61 -22.29
N ILE D 149 24.59 -4.66 -23.44
CA ILE D 149 23.93 -4.62 -24.75
C ILE D 149 23.98 -6.00 -25.37
N THR D 150 22.83 -6.45 -25.88
CA THR D 150 22.67 -7.74 -26.53
C THR D 150 22.32 -7.52 -28.00
N ASP D 151 22.99 -8.24 -28.89
CA ASP D 151 22.68 -8.16 -30.31
C ASP D 151 21.28 -8.75 -30.54
N ILE D 152 20.30 -7.86 -30.68
CA ILE D 152 18.91 -8.30 -30.79
C ILE D 152 18.72 -9.17 -32.03
N ALA D 153 19.17 -8.68 -33.18
CA ALA D 153 18.93 -9.41 -34.43
C ALA D 153 19.50 -10.82 -34.36
N ALA D 154 20.66 -10.97 -33.73
CA ALA D 154 21.29 -12.28 -33.62
C ALA D 154 20.48 -13.22 -32.74
N ILE D 155 20.04 -12.73 -31.57
CA ILE D 155 19.15 -13.48 -30.68
C ILE D 155 17.89 -13.91 -31.42
N ALA D 156 17.35 -13.03 -32.26
CA ALA D 156 16.11 -13.35 -32.95
C ALA D 156 16.30 -14.46 -33.98
N LYS D 157 17.43 -14.45 -34.72
CA LYS D 157 17.67 -15.53 -35.67
C LYS D 157 17.87 -16.83 -34.93
N LEU D 158 18.68 -16.82 -33.88
CA LEU D 158 18.81 -17.98 -33.02
C LEU D 158 17.44 -18.50 -32.60
N ALA D 159 16.57 -17.59 -32.18
CA ALA D 159 15.24 -17.98 -31.72
C ALA D 159 14.40 -18.56 -32.85
N GLN D 160 14.42 -17.94 -34.04
CA GLN D 160 13.64 -18.47 -35.16
C GLN D 160 14.08 -19.88 -35.53
N ALA D 161 15.39 -20.14 -35.52
CA ALA D 161 15.96 -21.41 -35.92
C ALA D 161 15.60 -22.56 -34.98
N HIS D 162 15.03 -22.28 -33.81
CA HIS D 162 14.67 -23.35 -32.87
C HIS D 162 13.20 -23.29 -32.47
N ASP D 163 12.39 -22.48 -33.14
CA ASP D 163 10.96 -22.31 -32.83
C ASP D 163 10.76 -21.78 -31.40
N LEU D 164 11.53 -20.78 -31.03
CA LEU D 164 11.41 -20.13 -29.74
C LEU D 164 10.74 -18.77 -29.88
N LEU D 165 9.99 -18.38 -28.86
CA LEU D 165 9.62 -16.99 -28.72
C LEU D 165 10.84 -16.18 -28.30
N SER D 166 11.02 -15.03 -28.93
CA SER D 166 11.98 -14.04 -28.48
C SER D 166 11.21 -12.87 -27.87
N ILE D 167 11.58 -12.48 -26.65
CA ILE D 167 10.89 -11.46 -25.88
C ILE D 167 11.92 -10.46 -25.39
N ILE D 168 11.78 -9.21 -25.82
CA ILE D 168 12.69 -8.12 -25.47
C ILE D 168 11.94 -7.15 -24.55
N ASP D 169 12.50 -6.92 -23.36
CA ASP D 169 12.07 -5.82 -22.50
C ASP D 169 12.77 -4.55 -22.99
N ASN D 170 12.00 -3.67 -23.65
CA ASN D 170 12.53 -2.47 -24.28
C ASN D 170 12.40 -1.23 -23.40
N THR D 171 12.15 -1.42 -22.09
CA THR D 171 11.93 -0.28 -21.20
C THR D 171 13.05 0.76 -21.29
N PHE D 172 14.31 0.33 -21.12
CA PHE D 172 15.39 1.31 -20.96
C PHE D 172 15.64 2.10 -22.24
N ALA D 173 15.49 1.48 -23.39
CA ALA D 173 15.76 2.13 -24.65
C ALA D 173 14.64 3.06 -25.08
N SER D 174 13.38 2.55 -25.10
CA SER D 174 12.23 3.23 -25.67
C SER D 174 12.20 3.06 -27.19
N PRO D 175 11.02 3.03 -27.81
CA PRO D 175 10.96 2.90 -29.28
C PRO D 175 11.67 4.02 -30.02
N TYR D 176 11.92 5.16 -29.37
CA TYR D 176 12.70 6.21 -30.01
C TYR D 176 14.12 5.74 -30.28
N VAL D 177 14.69 4.97 -29.35
CA VAL D 177 16.06 4.47 -29.43
C VAL D 177 16.15 3.11 -30.13
N GLN D 178 15.18 2.22 -29.89
CA GLN D 178 15.33 0.83 -30.27
C GLN D 178 13.96 0.26 -30.61
N LYS D 179 13.80 -0.34 -31.79
CA LYS D 179 12.55 -0.98 -32.20
C LYS D 179 12.80 -2.47 -32.43
N PRO D 180 12.77 -3.28 -31.38
CA PRO D 180 13.16 -4.70 -31.52
C PRO D 180 12.32 -5.52 -32.51
N LEU D 181 11.04 -5.19 -32.73
CA LEU D 181 10.28 -5.98 -33.70
C LEU D 181 10.83 -5.82 -35.10
N ASP D 182 11.45 -4.68 -35.40
CA ASP D 182 12.17 -4.50 -36.66
C ASP D 182 13.39 -5.41 -36.78
N LEU D 183 13.80 -6.10 -35.72
CA LEU D 183 14.97 -6.95 -35.79
C LEU D 183 14.64 -8.43 -35.68
N GLY D 184 13.34 -8.79 -35.77
CA GLY D 184 12.89 -10.17 -35.84
C GLY D 184 12.26 -10.70 -34.58
N VAL D 185 12.24 -9.90 -33.51
CA VAL D 185 11.69 -10.33 -32.22
C VAL D 185 10.18 -10.53 -32.31
N ASP D 186 9.66 -11.49 -31.54
CA ASP D 186 8.23 -11.78 -31.56
C ASP D 186 7.42 -10.83 -30.68
N ILE D 187 7.93 -10.50 -29.50
CA ILE D 187 7.19 -9.76 -28.49
C ILE D 187 8.10 -8.71 -27.88
N VAL D 188 7.64 -7.47 -27.82
CA VAL D 188 8.35 -6.41 -27.11
C VAL D 188 7.44 -5.91 -25.99
N LEU D 189 8.04 -5.60 -24.83
CA LEU D 189 7.27 -5.01 -23.75
C LEU D 189 8.05 -3.87 -23.08
N HIS D 190 7.28 -3.01 -22.42
CA HIS D 190 7.82 -1.88 -21.68
C HIS D 190 7.17 -1.82 -20.32
N SER D 191 7.93 -1.29 -19.36
CA SER D 191 7.31 -0.66 -18.20
C SER D 191 7.06 0.77 -18.66
N ALA D 192 5.79 1.10 -18.95
CA ALA D 192 5.46 2.45 -19.36
C ALA D 192 5.70 3.45 -18.23
N SER D 193 5.93 2.97 -17.01
CA SER D 193 6.15 3.81 -15.85
C SER D 193 7.39 4.67 -15.98
N ALA D 194 8.25 4.37 -16.95
CA ALA D 194 9.50 5.06 -17.17
C ALA D 194 9.37 6.10 -18.28
N TYR D 195 10.10 5.91 -19.39
CA TYR D 195 10.19 6.93 -20.42
C TYR D 195 8.86 7.19 -21.11
N LEU D 196 8.09 6.13 -21.38
CA LEU D 196 6.90 6.30 -22.19
C LEU D 196 5.93 7.27 -21.54
N GLY D 197 5.68 7.12 -20.24
CA GLY D 197 4.94 8.14 -19.53
C GLY D 197 5.79 9.38 -19.30
N GLY D 198 7.03 9.17 -18.85
CA GLY D 198 8.03 10.21 -18.76
C GLY D 198 7.81 11.31 -17.73
N HIS D 199 6.67 11.35 -17.04
CA HIS D 199 6.39 12.44 -16.11
C HIS D 199 6.36 11.96 -14.66
N SER D 200 6.88 10.77 -14.38
CA SER D 200 6.97 10.28 -13.00
C SER D 200 5.59 10.22 -12.33
N ASP D 201 4.53 10.02 -13.12
CA ASP D 201 3.19 10.10 -12.55
C ASP D 201 2.23 9.05 -13.07
N VAL D 202 2.73 7.92 -13.58
CA VAL D 202 1.84 6.86 -14.05
C VAL D 202 2.57 5.53 -13.95
N ILE D 203 1.86 4.52 -13.48
CA ILE D 203 2.33 3.15 -13.46
C ILE D 203 1.56 2.41 -14.54
N GLY D 204 2.28 1.66 -15.37
CA GLY D 204 1.60 0.89 -16.41
C GLY D 204 2.60 0.07 -17.18
N GLY D 205 2.06 -0.86 -17.97
CA GLY D 205 2.90 -1.67 -18.83
C GLY D 205 2.30 -1.76 -20.22
N LEU D 206 3.18 -2.06 -21.17
CA LEU D 206 2.79 -2.16 -22.57
C LEU D 206 3.48 -3.36 -23.19
N VAL D 207 2.74 -4.07 -24.04
CA VAL D 207 3.23 -5.22 -24.80
C VAL D 207 2.83 -5.01 -26.26
N VAL D 208 3.74 -5.30 -27.20
CA VAL D 208 3.41 -5.23 -28.62
C VAL D 208 3.89 -6.50 -29.28
N THR D 209 3.03 -7.09 -30.10
CA THR D 209 3.34 -8.29 -30.87
C THR D 209 3.48 -7.95 -32.35
N LYS D 210 4.33 -8.73 -33.03
CA LYS D 210 4.56 -8.51 -34.46
C LYS D 210 3.41 -9.07 -35.30
N THR D 211 2.94 -10.26 -34.97
CA THR D 211 1.99 -11.00 -35.75
C THR D 211 0.61 -10.95 -35.12
N PRO D 212 -0.44 -11.16 -35.90
CA PRO D 212 -1.79 -11.14 -35.33
C PRO D 212 -2.12 -12.41 -34.57
N ALA D 213 -1.55 -13.54 -34.98
CA ALA D 213 -1.75 -14.78 -34.25
C ALA D 213 -1.28 -14.67 -32.80
N LEU D 214 -0.08 -14.11 -32.59
CA LEU D 214 0.42 -13.91 -31.24
C LEU D 214 -0.32 -12.79 -30.53
N GLY D 215 -0.81 -11.80 -31.27
CA GLY D 215 -1.66 -10.80 -30.66
C GLY D 215 -2.94 -11.40 -30.09
N GLU D 216 -3.55 -12.34 -30.80
CA GLU D 216 -4.75 -12.97 -30.28
C GLU D 216 -4.48 -13.72 -28.98
N LYS D 217 -3.29 -14.29 -28.82
CA LYS D 217 -3.04 -15.03 -27.58
C LYS D 217 -2.79 -14.07 -26.40
N ILE D 218 -2.02 -13.00 -26.62
CA ILE D 218 -1.81 -12.00 -25.58
C ILE D 218 -3.13 -11.33 -25.20
N GLY D 219 -3.91 -10.95 -26.21
CA GLY D 219 -5.16 -10.30 -25.91
C GLY D 219 -6.09 -11.19 -25.11
N TYR D 220 -6.07 -12.49 -25.40
CA TYR D 220 -6.92 -13.41 -24.65
C TYR D 220 -6.49 -13.49 -23.19
N LEU D 221 -5.17 -13.54 -22.94
CA LEU D 221 -4.68 -13.56 -21.57
C LEU D 221 -4.93 -12.23 -20.88
N GLN D 222 -4.78 -11.13 -21.62
CA GLN D 222 -5.05 -9.82 -21.03
C GLN D 222 -6.47 -9.79 -20.45
N ASN D 223 -7.46 -10.19 -21.26
CA ASN D 223 -8.84 -10.22 -20.80
C ASN D 223 -9.05 -11.26 -19.71
N ALA D 224 -8.37 -12.40 -19.82
CA ALA D 224 -8.60 -13.48 -18.87
C ALA D 224 -8.05 -13.14 -17.49
N ILE D 225 -6.84 -12.56 -17.45
CA ILE D 225 -6.21 -12.23 -16.18
C ILE D 225 -6.63 -10.85 -15.67
N GLY D 226 -6.94 -9.91 -16.57
CA GLY D 226 -7.53 -8.65 -16.18
C GLY D 226 -6.60 -7.62 -15.57
N SER D 227 -5.30 -7.72 -15.80
CA SER D 227 -4.34 -6.74 -15.28
C SER D 227 -4.29 -5.49 -16.18
N ILE D 228 -5.47 -4.93 -16.45
CA ILE D 228 -5.59 -3.89 -17.46
C ILE D 228 -5.15 -2.54 -16.90
N LEU D 229 -4.75 -1.65 -17.81
CA LEU D 229 -4.47 -0.26 -17.48
C LEU D 229 -5.76 0.56 -17.47
N ALA D 230 -6.04 1.20 -16.34
CA ALA D 230 -7.31 1.90 -16.16
C ALA D 230 -7.44 3.05 -17.16
N PRO D 231 -8.67 3.55 -17.37
CA PRO D 231 -8.86 4.58 -18.40
C PRO D 231 -8.16 5.91 -18.12
N GLN D 232 -8.23 6.42 -16.90
CA GLN D 232 -7.49 7.65 -16.62
C GLN D 232 -6.00 7.50 -16.91
N GLU D 233 -5.43 6.35 -16.53
CA GLU D 233 -3.99 6.18 -16.65
C GLU D 233 -3.59 5.89 -18.09
N SER D 234 -4.43 5.16 -18.83
CA SER D 234 -4.22 5.01 -20.26
C SER D 234 -4.17 6.36 -20.93
N TRP D 235 -5.10 7.25 -20.56
CA TRP D 235 -5.12 8.58 -21.15
C TRP D 235 -3.88 9.38 -20.77
N LEU D 236 -3.51 9.35 -19.49
CA LEU D 236 -2.30 10.02 -19.04
C LEU D 236 -1.07 9.46 -19.76
N LEU D 237 -1.03 8.14 -19.97
CA LEU D 237 0.13 7.53 -20.61
C LEU D 237 0.26 7.99 -22.05
N GLN D 238 -0.86 8.06 -22.78
CA GLN D 238 -0.81 8.54 -24.14
C GLN D 238 -0.34 9.98 -24.19
N ARG D 239 -0.91 10.82 -23.33
CA ARG D 239 -0.54 12.24 -23.30
C ARG D 239 0.97 12.40 -23.14
N GLY D 240 1.57 11.65 -22.21
CA GLY D 240 3.00 11.74 -22.02
C GLY D 240 3.78 11.20 -23.19
N MET D 241 3.27 10.15 -23.84
CA MET D 241 3.99 9.59 -24.97
C MET D 241 4.11 10.61 -26.09
N LYS D 242 3.14 11.53 -26.19
CA LYS D 242 3.17 12.50 -27.27
C LYS D 242 4.48 13.29 -27.29
N THR D 243 5.11 13.52 -26.13
CA THR D 243 6.38 14.23 -26.11
C THR D 243 7.58 13.32 -26.03
N LEU D 244 7.42 12.03 -26.36
CA LEU D 244 8.52 11.08 -26.16
C LEU D 244 9.78 11.54 -26.86
N ALA D 245 9.67 11.89 -28.15
CA ALA D 245 10.86 12.24 -28.91
C ALA D 245 11.51 13.49 -28.37
N LEU D 246 10.71 14.53 -28.09
CA LEU D 246 11.30 15.74 -27.55
C LEU D 246 12.01 15.47 -26.23
N ARG D 247 11.42 14.63 -25.39
CA ARG D 247 12.03 14.34 -24.09
C ARG D 247 13.29 13.52 -24.26
N MET D 248 13.23 12.50 -25.11
CA MET D 248 14.37 11.62 -25.34
C MET D 248 15.60 12.38 -25.83
N GLN D 249 15.44 13.31 -26.78
CA GLN D 249 16.59 14.10 -27.23
C GLN D 249 17.23 14.83 -26.06
N ALA D 250 16.42 15.46 -25.19
CA ALA D 250 17.01 16.13 -24.05
C ALA D 250 17.71 15.12 -23.14
N HIS D 251 17.03 14.00 -22.86
CA HIS D 251 17.62 12.94 -22.06
C HIS D 251 18.98 12.55 -22.60
N LEU D 252 19.05 12.24 -23.90
CA LEU D 252 20.27 11.67 -24.47
C LEU D 252 21.42 12.69 -24.50
N ASN D 253 21.12 13.94 -24.87
CA ASN D 253 22.14 14.99 -24.81
C ASN D 253 22.71 15.11 -23.40
N ASN D 254 21.84 15.14 -22.40
CA ASN D 254 22.29 15.31 -21.03
C ASN D 254 23.15 14.13 -20.60
N ALA D 255 22.78 12.91 -21.01
CA ALA D 255 23.56 11.74 -20.62
C ALA D 255 24.95 11.77 -21.24
N ALA D 256 25.03 12.13 -22.51
CA ALA D 256 26.33 12.27 -23.17
C ALA D 256 27.25 13.19 -22.38
N LYS D 257 26.72 14.33 -21.92
CA LYS D 257 27.54 15.24 -21.13
C LYS D 257 27.86 14.67 -19.75
N ILE D 258 26.91 13.95 -19.13
CA ILE D 258 27.16 13.36 -17.82
C ILE D 258 28.28 12.33 -17.92
N PHE D 259 28.26 11.52 -18.97
CA PHE D 259 29.30 10.50 -19.14
C PHE D 259 30.67 11.12 -19.19
N THR D 260 30.86 12.07 -20.11
CA THR D 260 32.11 12.80 -20.23
C THR D 260 32.54 13.39 -18.89
N TYR D 261 31.62 14.02 -18.16
CA TYR D 261 31.95 14.60 -16.86
C TYR D 261 32.33 13.52 -15.86
N LEU D 262 31.61 12.39 -15.84
CA LEU D 262 31.95 11.32 -14.91
C LEU D 262 33.32 10.75 -15.18
N LYS D 263 33.73 10.68 -16.45
CA LYS D 263 35.05 10.16 -16.77
C LYS D 263 36.17 11.11 -16.36
N SER D 264 35.90 12.42 -16.29
CA SER D 264 36.87 13.41 -15.84
C SER D 264 37.09 13.39 -14.33
N HIS D 265 36.50 12.43 -13.60
CA HIS D 265 36.63 12.40 -12.15
C HIS D 265 37.45 11.19 -11.73
N PRO D 266 38.53 11.37 -10.96
CA PRO D 266 39.28 10.20 -10.49
C PRO D 266 38.56 9.44 -9.40
N ALA D 267 37.58 10.07 -8.72
CA ALA D 267 36.73 9.40 -7.75
C ALA D 267 35.87 8.29 -8.36
N VAL D 268 35.77 8.21 -9.68
CA VAL D 268 34.94 7.22 -10.36
C VAL D 268 35.84 6.13 -10.93
N THR D 269 35.70 4.90 -10.43
CA THR D 269 36.54 3.78 -10.88
C THR D 269 35.96 3.05 -12.09
N LYS D 270 34.64 2.87 -12.14
CA LYS D 270 34.02 2.16 -13.24
C LYS D 270 32.75 2.88 -13.66
N ILE D 271 32.47 2.86 -14.96
CA ILE D 271 31.29 3.48 -15.52
C ILE D 271 30.63 2.49 -16.46
N TYR D 272 29.33 2.30 -16.30
CA TYR D 272 28.54 1.49 -17.21
C TYR D 272 27.67 2.45 -18.03
N TYR D 273 27.81 2.37 -19.35
CA TYR D 273 27.21 3.28 -20.32
C TYR D 273 27.39 2.74 -21.73
N PRO D 274 26.31 2.55 -22.47
CA PRO D 274 26.45 1.97 -23.82
C PRO D 274 27.27 2.84 -24.77
N GLY D 275 27.43 4.13 -24.49
CA GLY D 275 28.24 4.98 -25.32
C GLY D 275 29.71 5.03 -24.98
N ASP D 276 30.19 4.19 -24.07
CA ASP D 276 31.60 4.14 -23.77
C ASP D 276 32.35 3.44 -24.90
N PRO D 277 33.28 4.09 -25.59
CA PRO D 277 34.00 3.39 -26.66
C PRO D 277 34.91 2.28 -26.12
N ASP D 278 35.39 2.39 -24.88
CA ASP D 278 36.17 1.31 -24.28
C ASP D 278 35.33 0.07 -23.99
N ASN D 279 34.01 0.23 -23.91
CA ASN D 279 33.10 -0.87 -23.61
C ASN D 279 33.01 -1.81 -24.84
N PRO D 280 33.21 -3.12 -24.66
CA PRO D 280 33.14 -4.03 -25.84
C PRO D 280 31.75 -4.16 -26.44
N ASP D 281 30.71 -3.64 -25.78
CA ASP D 281 29.37 -3.58 -26.37
C ASP D 281 29.24 -2.48 -27.42
N PHE D 282 30.23 -1.59 -27.52
CA PHE D 282 30.01 -0.27 -28.12
C PHE D 282 29.62 -0.36 -29.59
N SER D 283 30.13 -1.35 -30.30
CA SER D 283 29.84 -1.46 -31.71
C SER D 283 28.41 -1.96 -31.95
N ILE D 284 27.97 -2.98 -31.22
CA ILE D 284 26.59 -3.43 -31.41
C ILE D 284 25.62 -2.36 -30.91
N ALA D 285 26.02 -1.60 -29.89
CA ALA D 285 25.18 -0.51 -29.41
C ALA D 285 24.95 0.53 -30.50
N LYS D 286 26.04 1.01 -31.13
CA LYS D 286 25.86 2.05 -32.13
C LYS D 286 25.11 1.53 -33.35
N GLN D 287 25.07 0.22 -33.56
CA GLN D 287 24.39 -0.28 -34.75
C GLN D 287 22.88 -0.42 -34.55
N GLN D 288 22.44 -0.90 -33.37
CA GLN D 288 21.02 -1.16 -33.18
C GLN D 288 20.29 -0.09 -32.35
N MET D 289 21.01 0.82 -31.71
CA MET D 289 20.39 1.84 -30.86
C MET D 289 20.53 3.22 -31.49
N ASN D 290 19.44 3.99 -31.53
CA ASN D 290 19.52 5.36 -32.02
C ASN D 290 19.88 6.24 -30.83
N GLY D 291 21.17 6.32 -30.57
CA GLY D 291 21.66 6.94 -29.36
C GLY D 291 21.96 5.91 -28.29
N PHE D 292 22.54 6.37 -27.19
CA PHE D 292 23.10 5.44 -26.22
C PHE D 292 22.30 5.32 -24.94
N GLY D 293 21.06 5.82 -24.91
CA GLY D 293 20.23 5.75 -23.73
C GLY D 293 20.61 6.84 -22.76
N ALA D 294 19.76 7.00 -21.72
CA ALA D 294 19.97 8.05 -20.73
C ALA D 294 20.22 7.48 -19.33
N MET D 295 20.54 6.20 -19.23
CA MET D 295 21.00 5.58 -17.99
C MET D 295 22.52 5.54 -17.93
N ILE D 296 23.07 5.71 -16.73
CA ILE D 296 24.50 5.51 -16.48
C ILE D 296 24.67 4.92 -15.08
N SER D 297 25.43 3.84 -14.96
CA SER D 297 25.80 3.36 -13.65
C SER D 297 27.31 3.49 -13.44
N PHE D 298 27.71 3.66 -12.18
CA PHE D 298 29.12 3.85 -11.86
C PHE D 298 29.43 3.49 -10.42
N GLU D 299 30.69 3.16 -10.18
CA GLU D 299 31.22 2.92 -8.85
C GLU D 299 32.20 4.03 -8.46
N LEU D 300 32.26 4.33 -7.17
CA LEU D 300 33.29 5.21 -6.61
C LEU D 300 34.46 4.40 -6.08
N GLN D 301 35.54 5.10 -5.72
CA GLN D 301 36.69 4.42 -5.13
C GLN D 301 36.27 3.67 -3.86
N PRO D 302 36.92 2.54 -3.57
CA PRO D 302 36.45 1.67 -2.48
C PRO D 302 36.34 2.34 -1.13
N GLY D 303 37.07 3.42 -0.87
CA GLY D 303 36.86 4.08 0.41
C GLY D 303 35.59 4.92 0.49
N MET D 304 34.87 5.12 -0.61
CA MET D 304 33.93 6.23 -0.75
C MET D 304 32.49 5.76 -0.58
N ASN D 305 31.74 6.49 0.25
CA ASN D 305 30.41 6.08 0.67
C ASN D 305 29.35 6.49 -0.35
N PRO D 306 28.76 5.55 -1.11
CA PRO D 306 27.75 5.96 -2.10
C PRO D 306 26.54 6.58 -1.47
N GLN D 307 26.12 6.08 -0.31
CA GLN D 307 25.00 6.69 0.39
C GLN D 307 25.28 8.16 0.69
N THR D 308 26.48 8.46 1.19
CA THR D 308 26.81 9.86 1.43
C THR D 308 26.68 10.68 0.16
N PHE D 309 27.16 10.13 -0.96
CA PHE D 309 27.11 10.85 -2.24
C PHE D 309 25.67 11.18 -2.63
N VAL D 310 24.83 10.15 -2.80
CA VAL D 310 23.49 10.37 -3.31
C VAL D 310 22.66 11.19 -2.35
N GLU D 311 22.99 11.19 -1.07
CA GLU D 311 22.19 11.95 -0.12
C GLU D 311 22.56 13.43 -0.10
N HIS D 312 23.62 13.83 -0.78
CA HIS D 312 24.00 15.23 -0.81
C HIS D 312 23.66 15.90 -2.13
N LEU D 313 23.01 15.19 -3.03
CA LEU D 313 22.45 15.82 -4.22
C LEU D 313 21.21 16.63 -3.84
N GLN D 314 20.96 17.70 -4.60
CA GLN D 314 19.85 18.61 -4.33
C GLN D 314 18.88 18.79 -5.49
N VAL D 315 19.32 18.57 -6.73
CA VAL D 315 18.44 18.56 -7.90
C VAL D 315 18.10 17.13 -8.28
N ILE D 316 19.13 16.27 -8.32
CA ILE D 316 18.93 14.85 -8.52
C ILE D 316 18.22 14.27 -7.30
N THR D 317 17.25 13.41 -7.55
CA THR D 317 16.33 12.92 -6.53
C THR D 317 16.70 11.48 -6.19
N LEU D 318 16.86 11.21 -4.91
CA LEU D 318 17.09 9.84 -4.46
C LEU D 318 15.74 9.13 -4.38
N ALA D 319 15.53 8.20 -5.31
CA ALA D 319 14.23 7.54 -5.48
C ALA D 319 14.42 6.33 -6.38
N GLU D 320 13.44 5.44 -6.35
CA GLU D 320 13.35 4.39 -7.34
C GLU D 320 12.73 4.96 -8.61
N SER D 321 12.61 4.11 -9.62
CA SER D 321 12.13 4.46 -10.96
C SER D 321 13.21 5.15 -11.80
N LEU D 322 12.84 5.49 -13.03
CA LEU D 322 13.76 6.02 -14.02
C LEU D 322 12.91 6.61 -15.13
N GLY D 323 13.58 7.25 -16.09
CA GLY D 323 12.91 7.80 -17.26
C GLY D 323 11.99 8.99 -17.03
N ALA D 324 12.07 9.64 -15.88
CA ALA D 324 11.24 10.79 -15.59
C ALA D 324 11.89 12.07 -16.11
N LEU D 325 11.09 13.15 -16.16
CA LEU D 325 11.67 14.45 -16.50
C LEU D 325 12.78 14.84 -15.53
N GLU D 326 12.62 14.48 -14.26
CA GLU D 326 13.61 14.82 -13.27
C GLU D 326 14.64 13.69 -13.12
N SER D 327 15.89 14.07 -12.88
CA SER D 327 16.93 13.08 -12.69
C SER D 327 16.67 12.29 -11.42
N LEU D 328 16.80 10.97 -11.52
CA LEU D 328 16.60 10.05 -10.42
C LEU D 328 17.88 9.28 -10.20
N ILE D 329 18.18 8.96 -8.95
CA ILE D 329 19.41 8.24 -8.63
C ILE D 329 19.14 7.25 -7.50
N GLU D 330 19.93 6.18 -7.49
CA GLU D 330 19.58 5.00 -6.70
C GLU D 330 20.82 4.14 -6.48
N ILE D 331 20.81 3.37 -5.39
CA ILE D 331 21.79 2.30 -5.24
C ILE D 331 21.05 0.99 -5.43
N PRO D 332 21.19 0.36 -6.59
CA PRO D 332 20.41 -0.88 -6.88
C PRO D 332 20.41 -1.92 -5.77
N ALA D 333 21.57 -2.17 -5.14
CA ALA D 333 21.68 -3.26 -4.17
C ALA D 333 20.83 -3.03 -2.93
N LEU D 334 20.66 -1.77 -2.54
CA LEU D 334 19.83 -1.45 -1.39
C LEU D 334 18.39 -1.15 -1.76
N MET D 335 18.07 -1.07 -3.06
CA MET D 335 16.76 -0.59 -3.49
C MET D 335 16.11 -1.47 -4.57
N THR D 336 16.18 -1.09 -5.84
CA THR D 336 15.42 -1.83 -6.85
C THR D 336 15.92 -3.25 -7.05
N HIS D 337 17.09 -3.61 -6.52
CA HIS D 337 17.58 -4.96 -6.73
C HIS D 337 17.78 -5.73 -5.42
N GLY D 338 17.34 -5.16 -4.29
CA GLY D 338 17.30 -5.92 -3.05
C GLY D 338 16.59 -7.26 -3.15
N ALA D 339 15.65 -7.39 -4.09
CA ALA D 339 14.94 -8.66 -4.23
C ALA D 339 15.85 -9.78 -4.67
N ILE D 340 16.98 -9.47 -5.31
CA ILE D 340 17.99 -10.46 -5.68
C ILE D 340 18.91 -10.69 -4.49
N PRO D 341 19.10 -11.93 -4.06
CA PRO D 341 20.04 -12.20 -2.96
C PRO D 341 21.44 -11.65 -3.21
N ARG D 342 22.10 -11.21 -2.13
CA ARG D 342 23.39 -10.53 -2.27
C ARG D 342 24.41 -11.41 -2.98
N THR D 343 24.45 -12.70 -2.63
CA THR D 343 25.41 -13.58 -3.27
C THR D 343 25.21 -13.63 -4.78
N ILE D 344 23.95 -13.67 -5.23
CA ILE D 344 23.66 -13.73 -6.67
C ILE D 344 23.94 -12.38 -7.32
N ARG D 345 23.52 -11.30 -6.67
CA ARG D 345 23.90 -9.96 -7.12
C ARG D 345 25.38 -9.88 -7.43
N LEU D 346 26.23 -10.35 -6.51
CA LEU D 346 27.65 -10.14 -6.66
C LEU D 346 28.26 -11.07 -7.71
N GLN D 347 27.74 -12.29 -7.87
CA GLN D 347 28.21 -13.17 -8.94
C GLN D 347 27.96 -12.57 -10.30
N ASN D 348 26.87 -11.84 -10.47
CA ASN D 348 26.48 -11.33 -11.77
C ASN D 348 26.81 -9.86 -11.94
N GLY D 349 27.62 -9.31 -11.06
CA GLY D 349 28.30 -8.05 -11.31
C GLY D 349 27.67 -6.82 -10.72
N ILE D 350 26.72 -6.96 -9.80
CA ILE D 350 26.09 -5.83 -9.16
C ILE D 350 26.76 -5.69 -7.79
N LYS D 351 27.65 -4.72 -7.67
CA LYS D 351 28.35 -4.46 -6.44
C LYS D 351 27.46 -3.65 -5.50
N ASP D 352 27.63 -3.87 -4.19
CA ASP D 352 26.83 -3.14 -3.22
C ASP D 352 27.00 -1.63 -3.33
N GLU D 353 28.07 -1.18 -3.99
CA GLU D 353 28.38 0.24 -4.03
C GLU D 353 27.97 0.88 -5.35
N LEU D 354 27.40 0.10 -6.27
CA LEU D 354 27.01 0.60 -7.57
C LEU D 354 25.92 1.66 -7.46
N ILE D 355 26.07 2.73 -8.25
CA ILE D 355 25.11 3.81 -8.32
C ILE D 355 24.45 3.80 -9.69
N ARG D 356 23.12 3.92 -9.73
CA ARG D 356 22.38 4.04 -10.97
C ARG D 356 21.80 5.43 -11.09
N LEU D 357 22.05 6.07 -12.23
CA LEU D 357 21.63 7.45 -12.46
C LEU D 357 20.74 7.45 -13.68
N SER D 358 19.52 7.94 -13.52
CA SER D 358 18.62 8.16 -14.64
C SER D 358 18.67 9.64 -14.94
N VAL D 359 19.27 10.00 -16.07
CA VAL D 359 19.56 11.40 -16.37
C VAL D 359 18.28 12.08 -16.86
N GLY D 360 17.87 13.14 -16.15
CA GLY D 360 16.68 13.88 -16.48
C GLY D 360 16.90 14.88 -17.61
N VAL D 361 15.98 15.82 -17.72
CA VAL D 361 16.04 16.84 -18.77
C VAL D 361 16.30 18.22 -18.18
N GLU D 362 16.70 18.32 -16.93
CA GLU D 362 17.08 19.61 -16.38
C GLU D 362 18.24 20.21 -17.17
N ALA D 363 18.52 21.48 -16.91
CA ALA D 363 19.68 22.12 -17.54
C ALA D 363 20.96 21.41 -17.10
N SER D 364 21.78 21.02 -18.08
CA SER D 364 22.95 20.20 -17.80
C SER D 364 23.92 20.91 -16.85
N ASP D 365 23.99 22.24 -16.90
CA ASP D 365 24.89 22.93 -15.99
C ASP D 365 24.42 22.81 -14.57
N ASP D 366 23.11 22.82 -14.36
CA ASP D 366 22.57 22.57 -13.03
C ASP D 366 22.82 21.13 -12.59
N LEU D 367 22.75 20.19 -13.52
CA LEU D 367 23.01 18.79 -13.18
C LEU D 367 24.45 18.58 -12.74
N LEU D 368 25.40 19.17 -13.47
CA LEU D 368 26.81 18.98 -13.14
C LEU D 368 27.17 19.68 -11.84
N ALA D 369 26.62 20.87 -11.62
CA ALA D 369 26.80 21.53 -10.33
C ALA D 369 26.27 20.66 -9.21
N ASP D 370 25.17 19.95 -9.45
CA ASP D 370 24.60 19.11 -8.41
C ASP D 370 25.50 17.90 -8.15
N LEU D 371 25.91 17.21 -9.21
CA LEU D 371 26.79 16.07 -9.03
C LEU D 371 28.06 16.44 -8.28
N GLU D 372 28.58 17.65 -8.47
CA GLU D 372 29.80 18.00 -7.77
C GLU D 372 29.55 18.26 -6.29
N ARG D 373 28.35 18.72 -5.91
CA ARG D 373 27.96 18.67 -4.51
C ARG D 373 28.09 17.28 -3.91
N GLY D 374 27.81 16.24 -4.71
CA GLY D 374 27.95 14.88 -4.21
C GLY D 374 29.40 14.45 -4.09
N PHE D 375 30.21 14.77 -5.11
CA PHE D 375 31.64 14.49 -5.01
C PHE D 375 32.27 15.27 -3.87
N ALA D 376 31.89 16.53 -3.71
CA ALA D 376 32.48 17.34 -2.64
C ALA D 376 32.25 16.72 -1.28
N SER D 377 31.10 16.08 -1.08
CA SER D 377 30.75 15.53 0.23
C SER D 377 31.51 14.25 0.56
N ILE D 378 32.23 13.67 -0.39
CA ILE D 378 33.08 12.51 -0.12
C ILE D 378 34.55 12.86 -0.34
N GLN D 379 34.88 14.16 -0.32
CA GLN D 379 36.22 14.71 -0.51
C GLN D 379 36.88 14.17 -1.78
N ALA D 380 36.27 14.52 -2.92
CA ALA D 380 36.60 13.88 -4.19
C ALA D 380 36.48 14.78 -5.41
N ASP D 381 36.19 16.07 -5.24
CA ASP D 381 35.96 16.99 -6.35
C ASP D 381 37.16 17.10 -7.29
N MET E 1 7.03 6.69 30.53
CA MET E 1 7.62 6.40 31.84
C MET E 1 9.15 6.39 31.79
N LYS E 2 9.76 6.73 32.92
CA LYS E 2 11.21 6.65 33.03
C LYS E 2 11.67 5.21 33.29
N PHE E 3 12.88 4.92 32.82
CA PHE E 3 13.51 3.60 32.94
C PHE E 3 13.28 2.91 34.29
N GLU E 4 13.60 3.63 35.38
CA GLU E 4 13.38 3.06 36.71
C GLU E 4 11.93 2.63 36.90
N THR E 5 10.98 3.42 36.40
CA THR E 5 9.57 3.06 36.56
C THR E 5 9.19 1.89 35.65
N GLN E 6 9.83 1.77 34.47
CA GLN E 6 9.57 0.60 33.62
C GLN E 6 10.12 -0.68 34.25
N LEU E 7 11.20 -0.59 35.03
CA LEU E 7 11.70 -1.81 35.67
C LEU E 7 10.64 -2.42 36.60
N ILE E 8 9.79 -1.58 37.16
CA ILE E 8 8.81 -2.03 38.15
C ILE E 8 7.43 -2.28 37.54
N HIS E 9 7.12 -1.68 36.39
CA HIS E 9 5.79 -1.75 35.82
C HIS E 9 5.76 -2.15 34.36
N GLY E 10 6.91 -2.18 33.69
CA GLY E 10 6.94 -2.45 32.26
C GLY E 10 6.72 -3.92 31.93
N GLY E 11 6.65 -4.18 30.62
CA GLY E 11 6.28 -5.50 30.15
C GLY E 11 4.95 -5.92 30.75
N ILE E 12 4.91 -7.13 31.30
CA ILE E 12 3.79 -7.58 32.13
C ILE E 12 4.33 -7.75 33.53
N SER E 13 3.76 -7.02 34.50
CA SER E 13 4.24 -7.07 35.88
C SER E 13 3.17 -7.45 36.88
N GLU E 14 1.95 -7.73 36.43
CA GLU E 14 0.85 -8.06 37.33
C GLU E 14 -0.04 -9.10 36.66
N ASP E 15 -0.82 -9.81 37.48
CA ASP E 15 -1.87 -10.69 37.00
C ASP E 15 -3.12 -9.85 36.74
N ALA E 16 -3.59 -9.88 35.49
CA ALA E 16 -4.73 -9.04 35.11
C ALA E 16 -6.02 -9.52 35.77
N THR E 17 -6.13 -10.82 36.06
CA THR E 17 -7.37 -11.37 36.60
C THR E 17 -7.56 -11.06 38.08
N THR E 18 -6.52 -11.28 38.89
CA THR E 18 -6.62 -11.15 40.33
C THR E 18 -6.15 -9.80 40.84
N GLY E 19 -5.33 -9.10 40.05
CA GLY E 19 -4.63 -7.92 40.51
C GLY E 19 -3.34 -8.21 41.28
N ALA E 20 -2.88 -9.46 41.26
CA ALA E 20 -1.66 -9.85 41.96
C ALA E 20 -0.49 -8.99 41.48
N THR E 21 0.28 -8.48 42.44
CA THR E 21 1.36 -7.55 42.14
C THR E 21 2.62 -8.25 41.70
N SER E 22 2.53 -9.54 41.44
CA SER E 22 3.60 -10.36 40.88
C SER E 22 2.97 -11.21 39.78
N VAL E 23 3.75 -11.51 38.75
CA VAL E 23 3.25 -12.46 37.74
C VAL E 23 3.26 -13.86 38.32
N PRO E 24 2.18 -14.62 38.22
CA PRO E 24 2.18 -15.95 38.82
C PRO E 24 3.09 -16.91 38.05
N ILE E 25 3.57 -17.90 38.77
CA ILE E 25 4.45 -18.89 38.17
C ILE E 25 3.58 -20.00 37.60
N TYR E 26 3.58 -20.13 36.28
CA TYR E 26 2.78 -21.14 35.62
C TYR E 26 3.67 -22.35 35.37
N MET E 27 3.66 -23.30 36.28
CA MET E 27 4.42 -24.52 36.08
C MET E 27 3.81 -25.42 35.01
N ALA E 28 2.50 -25.29 34.76
CA ALA E 28 1.79 -26.16 33.84
C ALA E 28 2.53 -26.36 32.53
N SER E 29 2.68 -27.61 32.11
CA SER E 29 3.30 -27.85 30.81
C SER E 29 2.30 -27.66 29.65
N THR E 30 1.00 -27.80 29.90
CA THR E 30 0.00 -27.73 28.83
C THR E 30 -1.27 -27.04 29.33
N PHE E 31 -2.16 -26.76 28.37
CA PHE E 31 -3.31 -25.89 28.61
C PHE E 31 -4.55 -26.49 27.97
N ARG E 32 -5.61 -26.59 28.76
CA ARG E 32 -6.88 -27.06 28.23
C ARG E 32 -7.36 -26.10 27.16
N GLN E 33 -7.72 -26.65 26.00
CA GLN E 33 -8.33 -25.88 24.94
C GLN E 33 -9.84 -26.13 24.94
N THR E 34 -10.62 -25.05 24.86
CA THR E 34 -12.07 -25.19 24.75
C THR E 34 -12.47 -25.51 23.32
N LYS E 35 -11.79 -24.88 22.35
CA LYS E 35 -11.92 -25.16 20.94
C LYS E 35 -10.53 -25.07 20.33
N ILE E 36 -10.23 -26.01 19.42
CA ILE E 36 -8.88 -26.15 18.87
C ILE E 36 -8.43 -24.87 18.17
N GLY E 37 -7.24 -24.40 18.51
CA GLY E 37 -6.65 -23.24 17.88
C GLY E 37 -6.93 -21.90 18.54
N GLN E 38 -7.88 -21.82 19.47
CA GLN E 38 -8.33 -20.55 20.00
C GLN E 38 -7.79 -20.23 21.38
N ASN E 39 -6.86 -21.02 21.90
CA ASN E 39 -6.25 -20.69 23.18
C ASN E 39 -5.15 -19.65 22.99
N GLN E 40 -4.94 -18.83 24.03
CA GLN E 40 -3.76 -17.98 24.02
C GLN E 40 -2.49 -18.80 24.24
N TYR E 41 -2.55 -19.76 25.14
CA TYR E 41 -1.42 -20.61 25.45
C TYR E 41 -1.79 -22.05 25.12
N GLU E 42 -0.87 -22.78 24.51
CA GLU E 42 -1.11 -24.18 24.23
C GLU E 42 -0.08 -25.12 24.86
N TYR E 43 1.20 -24.74 24.88
CA TYR E 43 2.24 -25.62 25.41
C TYR E 43 3.34 -24.79 26.05
N SER E 44 3.71 -25.16 27.29
CA SER E 44 4.55 -24.28 28.09
C SER E 44 5.83 -23.91 27.33
N ARG E 45 6.40 -24.83 26.54
CA ARG E 45 7.60 -24.52 25.77
C ARG E 45 7.33 -23.44 24.74
N THR E 46 6.22 -23.56 24.02
CA THR E 46 5.90 -22.62 22.95
C THR E 46 5.58 -21.25 23.51
N GLY E 47 4.98 -21.20 24.70
CA GLY E 47 4.78 -19.96 25.40
C GLY E 47 3.96 -20.18 26.66
N ASN E 48 4.14 -19.33 27.67
CA ASN E 48 3.37 -19.40 28.91
C ASN E 48 3.42 -18.04 29.56
N PRO E 49 2.46 -17.72 30.44
CA PRO E 49 2.43 -16.37 31.01
C PRO E 49 3.72 -15.96 31.72
N THR E 50 4.38 -16.89 32.42
CA THR E 50 5.52 -16.48 33.22
C THR E 50 6.69 -16.07 32.34
N ARG E 51 7.04 -16.87 31.33
CA ARG E 51 8.16 -16.48 30.48
C ARG E 51 7.81 -15.24 29.66
N ALA E 52 6.57 -15.15 29.18
CA ALA E 52 6.18 -14.01 28.37
C ALA E 52 6.37 -12.69 29.11
N ALA E 53 6.14 -12.69 30.44
CA ALA E 53 6.31 -11.47 31.23
C ALA E 53 7.75 -10.99 31.17
N VAL E 54 8.72 -11.88 31.41
CA VAL E 54 10.10 -11.44 31.40
C VAL E 54 10.54 -11.11 29.98
N GLU E 55 9.98 -11.80 28.99
CA GLU E 55 10.31 -11.50 27.61
C GLU E 55 9.80 -10.12 27.23
N ALA E 56 8.60 -9.76 27.69
CA ALA E 56 8.08 -8.42 27.44
C ALA E 56 8.92 -7.35 28.11
N LEU E 57 9.43 -7.62 29.32
CA LEU E 57 10.15 -6.60 30.07
C LEU E 57 11.47 -6.25 29.40
N ILE E 58 12.23 -7.27 29.01
CA ILE E 58 13.51 -6.98 28.36
C ILE E 58 13.27 -6.31 27.02
N ALA E 59 12.16 -6.63 26.33
CA ALA E 59 11.87 -5.94 25.08
C ALA E 59 11.61 -4.45 25.33
N THR E 60 10.94 -4.12 26.43
CA THR E 60 10.73 -2.71 26.75
C THR E 60 12.05 -2.02 27.08
N LEU E 61 12.86 -2.61 27.98
CA LEU E 61 14.09 -1.94 28.41
C LEU E 61 15.07 -1.76 27.25
N GLU E 62 15.06 -2.67 26.28
CA GLU E 62 15.98 -2.59 25.17
C GLU E 62 15.41 -1.80 24.00
N HIS E 63 14.18 -1.29 24.13
CA HIS E 63 13.46 -0.60 23.07
C HIS E 63 13.37 -1.45 21.80
N GLY E 64 12.97 -2.71 21.97
CA GLY E 64 12.79 -3.61 20.86
C GLY E 64 11.33 -4.03 20.73
N SER E 65 11.07 -4.86 19.72
CA SER E 65 9.71 -5.31 19.44
C SER E 65 9.35 -6.56 20.24
N ALA E 66 10.27 -7.52 20.33
CA ALA E 66 10.01 -8.83 20.89
C ALA E 66 11.19 -9.29 21.74
N GLY E 67 10.88 -9.98 22.84
CA GLY E 67 11.88 -10.55 23.72
C GLY E 67 11.79 -12.07 23.76
N PHE E 68 12.91 -12.72 24.05
CA PHE E 68 12.98 -14.18 23.99
C PHE E 68 13.94 -14.67 25.07
N ALA E 69 13.45 -15.52 25.96
CA ALA E 69 14.19 -15.98 27.12
C ALA E 69 14.68 -17.40 26.92
N PHE E 70 15.91 -17.67 27.34
CA PHE E 70 16.57 -18.91 26.99
C PHE E 70 17.18 -19.53 28.24
N ALA E 71 17.42 -20.85 28.17
CA ALA E 71 17.95 -21.56 29.32
C ALA E 71 19.31 -21.00 29.78
N SER E 72 20.08 -20.40 28.87
CA SER E 72 21.35 -19.77 29.23
C SER E 72 21.70 -18.76 28.15
N GLY E 73 22.73 -17.96 28.44
CA GLY E 73 23.29 -17.09 27.41
C GLY E 73 23.86 -17.87 26.24
N SER E 74 24.53 -18.99 26.53
CA SER E 74 25.05 -19.80 25.45
C SER E 74 23.91 -20.36 24.60
N ALA E 75 22.82 -20.78 25.25
CA ALA E 75 21.70 -21.31 24.47
C ALA E 75 21.08 -20.22 23.62
N ALA E 76 21.00 -18.99 24.14
CA ALA E 76 20.49 -17.88 23.33
C ALA E 76 21.36 -17.66 22.09
N ILE E 77 22.69 -17.65 22.28
CA ILE E 77 23.60 -17.53 21.15
C ILE E 77 23.37 -18.66 20.14
N ASN E 78 23.29 -19.91 20.63
CA ASN E 78 23.12 -21.04 19.72
C ASN E 78 21.86 -20.90 18.89
N THR E 79 20.77 -20.42 19.50
CA THR E 79 19.53 -20.25 18.76
C THR E 79 19.67 -19.16 17.71
N VAL E 80 20.31 -18.04 18.07
CA VAL E 80 20.50 -16.96 17.11
C VAL E 80 21.30 -17.43 15.91
N PHE E 81 22.39 -18.17 16.14
CA PHE E 81 23.18 -18.62 14.98
C PHE E 81 22.47 -19.67 14.15
N SER E 82 21.38 -20.25 14.67
CA SER E 82 20.64 -21.19 13.87
C SER E 82 19.82 -20.49 12.79
N LEU E 83 19.79 -19.15 12.80
CA LEU E 83 19.32 -18.41 11.64
C LEU E 83 20.13 -18.72 10.39
N PHE E 84 21.37 -19.18 10.53
CA PHE E 84 22.27 -19.26 9.40
C PHE E 84 22.36 -20.69 8.89
N SER E 85 22.99 -20.84 7.72
CA SER E 85 23.08 -22.11 7.03
C SER E 85 24.51 -22.40 6.61
N ALA E 86 24.72 -23.68 6.27
CA ALA E 86 25.99 -24.10 5.69
C ALA E 86 26.32 -23.22 4.50
N GLY E 87 27.57 -22.77 4.44
CA GLY E 87 28.02 -21.85 3.43
C GLY E 87 28.02 -20.40 3.86
N ASP E 88 27.31 -20.07 4.94
CA ASP E 88 27.25 -18.70 5.41
C ASP E 88 28.53 -18.35 6.16
N HIS E 89 28.93 -17.09 6.03
CA HIS E 89 30.15 -16.58 6.66
C HIS E 89 29.79 -15.46 7.64
N ILE E 90 30.48 -15.43 8.78
CA ILE E 90 30.14 -14.50 9.84
C ILE E 90 31.42 -13.82 10.29
N ILE E 91 31.32 -12.52 10.55
CA ILE E 91 32.39 -11.74 11.15
C ILE E 91 32.14 -11.66 12.65
N VAL E 92 33.16 -12.01 13.44
CA VAL E 92 33.08 -11.96 14.90
C VAL E 92 34.21 -11.08 15.43
N GLY E 93 33.94 -10.43 16.56
CA GLY E 93 34.99 -9.78 17.31
C GLY E 93 36.05 -10.77 17.76
N ASN E 94 37.29 -10.29 17.83
CA ASN E 94 38.38 -11.20 18.19
C ASN E 94 38.54 -11.36 19.69
N ASP E 95 37.80 -10.60 20.48
CA ASP E 95 37.74 -10.79 21.93
C ASP E 95 36.29 -11.11 22.30
N VAL E 96 35.98 -12.40 22.39
CA VAL E 96 34.66 -12.85 22.80
C VAL E 96 34.83 -13.76 24.01
N TYR E 97 33.72 -13.93 24.75
CA TYR E 97 33.69 -14.90 25.84
C TYR E 97 34.20 -16.25 25.34
N GLY E 98 35.02 -16.89 26.17
CA GLY E 98 35.61 -18.16 25.77
C GLY E 98 34.59 -19.15 25.28
N GLY E 99 33.42 -19.20 25.92
CA GLY E 99 32.36 -20.09 25.48
C GLY E 99 31.81 -19.78 24.09
N THR E 100 31.73 -18.49 23.73
CA THR E 100 31.33 -18.17 22.37
C THR E 100 32.39 -18.63 21.38
N PHE E 101 33.66 -18.50 21.74
CA PHE E 101 34.73 -19.09 20.95
C PHE E 101 34.50 -20.58 20.77
N ARG E 102 34.10 -21.27 21.85
CA ARG E 102 33.97 -22.71 21.81
C ARG E 102 32.82 -23.16 20.90
N LEU E 103 31.64 -22.57 21.10
CA LEU E 103 30.49 -22.86 20.25
C LEU E 103 30.86 -22.76 18.77
N ILE E 104 31.56 -21.68 18.40
CA ILE E 104 31.91 -21.44 16.99
C ILE E 104 32.81 -22.55 16.47
N ASP E 105 33.94 -22.79 17.13
CA ASP E 105 34.92 -23.71 16.58
C ASP E 105 34.48 -25.17 16.71
N ALA E 106 33.77 -25.53 17.76
CA ALA E 106 33.45 -26.92 18.02
C ALA E 106 32.09 -27.35 17.49
N VAL E 107 31.23 -26.40 17.11
CA VAL E 107 29.87 -26.75 16.69
C VAL E 107 29.53 -26.10 15.37
N LEU E 108 29.40 -24.77 15.37
CA LEU E 108 28.93 -24.06 14.18
C LEU E 108 29.80 -24.34 12.97
N LYS E 109 31.11 -24.53 13.18
CA LYS E 109 31.98 -24.85 12.07
C LYS E 109 31.69 -26.24 11.49
N HIS E 110 31.17 -27.17 12.31
CA HIS E 110 30.75 -28.46 11.78
C HIS E 110 29.48 -28.34 10.95
N PHE E 111 28.74 -27.24 11.09
CA PHE E 111 27.53 -27.03 10.32
C PHE E 111 27.78 -26.32 9.02
N GLY E 112 29.04 -26.16 8.61
CA GLY E 112 29.38 -25.48 7.37
C GLY E 112 29.41 -23.96 7.43
N MET E 113 29.33 -23.36 8.62
CA MET E 113 29.52 -21.92 8.73
C MET E 113 31.01 -21.60 8.88
N THR E 114 31.43 -20.47 8.31
CA THR E 114 32.80 -20.01 8.42
C THR E 114 32.83 -18.66 9.13
N PHE E 115 33.99 -18.34 9.70
CA PHE E 115 34.13 -17.21 10.59
C PHE E 115 35.47 -16.52 10.40
N THR E 116 35.46 -15.19 10.45
CA THR E 116 36.68 -14.40 10.52
C THR E 116 36.60 -13.52 11.75
N ALA E 117 37.60 -13.65 12.63
CA ALA E 117 37.73 -12.80 13.80
C ALA E 117 38.45 -11.50 13.43
N VAL E 118 37.88 -10.37 13.85
CA VAL E 118 38.31 -9.03 13.45
C VAL E 118 38.29 -8.13 14.67
N ASP E 119 39.23 -7.20 14.76
CA ASP E 119 39.18 -6.20 15.83
C ASP E 119 38.14 -5.17 15.41
N THR E 120 36.94 -5.26 16.00
CA THR E 120 35.86 -4.39 15.56
C THR E 120 36.03 -2.94 15.99
N ARG E 121 37.15 -2.59 16.67
CA ARG E 121 37.52 -1.18 16.81
C ARG E 121 38.04 -0.57 15.51
N ASP E 122 38.51 -1.39 14.58
CA ASP E 122 39.08 -0.94 13.31
C ASP E 122 38.04 -1.19 12.21
N LEU E 123 37.20 -0.18 11.95
CA LEU E 123 36.09 -0.36 11.01
C LEU E 123 36.57 -0.69 9.61
N ALA E 124 37.76 -0.21 9.23
CA ALA E 124 38.29 -0.57 7.92
C ALA E 124 38.55 -2.06 7.84
N ALA E 125 39.04 -2.65 8.93
CA ALA E 125 39.29 -4.10 8.93
C ALA E 125 37.99 -4.88 8.90
N VAL E 126 36.91 -4.33 9.47
CA VAL E 126 35.61 -4.97 9.40
C VAL E 126 35.07 -4.93 7.97
N GLU E 127 35.18 -3.80 7.29
CA GLU E 127 34.71 -3.75 5.92
C GLU E 127 35.56 -4.65 5.03
N ALA E 128 36.85 -4.76 5.32
CA ALA E 128 37.68 -5.65 4.52
C ALA E 128 37.27 -7.10 4.71
N ALA E 129 36.69 -7.45 5.86
CA ALA E 129 36.32 -8.83 6.11
C ALA E 129 34.99 -9.25 5.50
N ILE E 130 34.21 -8.31 4.95
CA ILE E 130 32.92 -8.63 4.35
C ILE E 130 33.14 -9.35 3.03
N THR E 131 32.55 -10.54 2.87
CA THR E 131 32.72 -11.36 1.68
C THR E 131 31.37 -11.61 1.02
N PRO E 132 31.35 -12.08 -0.23
CA PRO E 132 30.06 -12.35 -0.89
C PRO E 132 29.10 -13.24 -0.10
N THR E 133 29.61 -14.15 0.72
CA THR E 133 28.74 -15.02 1.50
C THR E 133 28.59 -14.56 2.95
N THR E 134 29.11 -13.39 3.30
CA THR E 134 28.96 -12.90 4.66
C THR E 134 27.50 -12.60 4.95
N LYS E 135 27.04 -12.98 6.15
CA LYS E 135 25.64 -12.79 6.52
C LYS E 135 25.42 -11.96 7.78
N ALA E 136 26.44 -11.73 8.60
CA ALA E 136 26.21 -11.01 9.85
C ALA E 136 27.52 -10.65 10.49
N ILE E 137 27.45 -9.67 11.40
CA ILE E 137 28.55 -9.26 12.26
C ILE E 137 28.11 -9.49 13.70
N TYR E 138 28.95 -10.16 14.48
CA TYR E 138 28.65 -10.48 15.87
C TYR E 138 29.77 -9.95 16.75
N LEU E 139 29.43 -9.15 17.76
CA LEU E 139 30.46 -8.64 18.64
C LEU E 139 29.93 -8.32 20.03
N GLU E 140 30.81 -8.36 21.01
CA GLU E 140 30.52 -7.85 22.34
C GLU E 140 31.08 -6.43 22.48
N THR E 141 30.39 -5.62 23.24
CA THR E 141 31.04 -4.38 23.66
C THR E 141 30.39 -3.95 24.97
N PRO E 142 31.19 -3.75 26.04
CA PRO E 142 32.63 -3.96 26.12
C PRO E 142 33.01 -5.44 26.03
N THR E 143 34.23 -5.76 25.57
CA THR E 143 34.59 -7.16 25.31
C THR E 143 34.99 -7.87 26.60
N ASN E 144 34.90 -9.20 26.54
CA ASN E 144 35.28 -10.06 27.65
C ASN E 144 36.61 -10.73 27.32
N PRO E 145 37.70 -10.43 28.05
CA PRO E 145 37.69 -9.58 29.24
C PRO E 145 38.43 -8.26 29.10
N LEU E 146 38.88 -7.92 27.89
CA LEU E 146 39.70 -6.73 27.71
C LEU E 146 38.89 -5.43 27.68
N LEU E 147 37.57 -5.51 27.60
CA LEU E 147 36.70 -4.32 27.68
C LEU E 147 36.94 -3.34 26.52
N HIS E 148 37.32 -3.86 25.35
CA HIS E 148 37.42 -3.01 24.16
C HIS E 148 36.05 -2.46 23.76
N ILE E 149 36.01 -1.20 23.35
CA ILE E 149 34.77 -0.51 23.02
C ILE E 149 34.66 -0.38 21.50
N THR E 150 33.55 -0.83 20.95
CA THR E 150 33.29 -0.76 19.52
C THR E 150 32.19 0.27 19.26
N ASP E 151 32.35 1.04 18.17
CA ASP E 151 31.35 2.03 17.80
C ASP E 151 30.13 1.29 17.24
N ILE E 152 29.08 1.17 18.05
CA ILE E 152 27.94 0.37 17.65
C ILE E 152 27.26 0.99 16.43
N ALA E 153 26.96 2.29 16.49
CA ALA E 153 26.29 2.96 15.39
C ALA E 153 27.03 2.76 14.07
N ALA E 154 28.37 2.82 14.12
CA ALA E 154 29.15 2.64 12.90
C ALA E 154 29.03 1.22 12.36
N ILE E 155 29.07 0.22 13.26
CA ILE E 155 28.94 -1.17 12.84
C ILE E 155 27.59 -1.42 12.18
N ALA E 156 26.53 -0.84 12.74
CA ALA E 156 25.20 -1.02 12.18
C ALA E 156 25.08 -0.41 10.78
N LYS E 157 25.56 0.83 10.60
CA LYS E 157 25.53 1.45 9.28
C LYS E 157 26.32 0.63 8.28
N LEU E 158 27.42 0.02 8.73
CA LEU E 158 28.19 -0.81 7.85
C LEU E 158 27.44 -2.09 7.48
N ALA E 159 26.73 -2.68 8.44
CA ALA E 159 25.94 -3.87 8.15
C ALA E 159 24.78 -3.55 7.22
N GLN E 160 24.12 -2.41 7.40
CA GLN E 160 22.98 -2.07 6.57
C GLN E 160 23.39 -1.87 5.12
N ALA E 161 24.60 -1.31 4.91
CA ALA E 161 25.13 -1.07 3.57
C ALA E 161 25.42 -2.36 2.81
N HIS E 162 25.42 -3.52 3.49
CA HIS E 162 25.77 -4.78 2.85
C HIS E 162 24.79 -5.90 3.17
N ASP E 163 23.57 -5.57 3.62
CA ASP E 163 22.52 -6.57 3.91
C ASP E 163 22.99 -7.61 4.91
N LEU E 164 23.61 -7.15 6.00
CA LEU E 164 24.04 -8.05 7.06
C LEU E 164 23.21 -7.83 8.32
N LEU E 165 23.04 -8.90 9.08
CA LEU E 165 22.51 -8.79 10.44
C LEU E 165 23.62 -8.30 11.36
N SER E 166 23.30 -7.32 12.20
CA SER E 166 24.20 -6.90 13.26
C SER E 166 23.69 -7.47 14.59
N ILE E 167 24.52 -8.28 15.24
CA ILE E 167 24.21 -8.90 16.52
C ILE E 167 25.20 -8.38 17.57
N ILE E 168 24.67 -7.74 18.63
CA ILE E 168 25.50 -7.17 19.69
C ILE E 168 25.18 -7.89 21.00
N ASP E 169 26.20 -8.53 21.59
CA ASP E 169 26.12 -9.12 22.93
C ASP E 169 26.25 -8.00 23.95
N ASN E 170 25.16 -7.71 24.67
CA ASN E 170 25.10 -6.57 25.58
C ASN E 170 25.28 -6.97 27.05
N THR E 171 25.83 -8.17 27.30
CA THR E 171 25.90 -8.67 28.68
C THR E 171 26.58 -7.67 29.62
N PHE E 172 27.77 -7.19 29.25
CA PHE E 172 28.55 -6.39 30.20
C PHE E 172 27.92 -5.02 30.46
N ALA E 173 27.31 -4.41 29.45
CA ALA E 173 26.73 -3.09 29.69
C ALA E 173 25.40 -3.17 30.45
N SER E 174 24.45 -3.98 29.93
CA SER E 174 23.03 -4.02 30.31
C SER E 174 22.26 -2.85 29.71
N PRO E 175 20.93 -2.94 29.61
CA PRO E 175 20.16 -1.83 29.03
C PRO E 175 20.31 -0.54 29.80
N TYR E 176 20.75 -0.59 31.05
CA TYR E 176 20.93 0.63 31.83
C TYR E 176 22.08 1.47 31.28
N VAL E 177 23.12 0.81 30.82
CA VAL E 177 24.28 1.50 30.27
C VAL E 177 24.13 1.76 28.78
N GLN E 178 23.53 0.82 28.04
CA GLN E 178 23.67 0.73 26.59
C GLN E 178 22.42 0.10 25.98
N LYS E 179 21.91 0.71 24.92
CA LYS E 179 20.72 0.21 24.23
C LYS E 179 21.01 0.09 22.73
N PRO E 180 21.70 -0.99 22.31
CA PRO E 180 22.13 -1.07 20.91
C PRO E 180 21.02 -0.95 19.87
N LEU E 181 19.80 -1.37 20.17
CA LEU E 181 18.75 -1.27 19.15
C LEU E 181 18.45 0.19 18.80
N ASP E 182 18.64 1.10 19.76
CA ASP E 182 18.56 2.54 19.49
C ASP E 182 19.67 3.01 18.54
N LEU E 183 20.71 2.22 18.33
CA LEU E 183 21.78 2.60 17.44
C LEU E 183 21.74 1.88 16.09
N GLY E 184 20.66 1.16 15.78
CA GLY E 184 20.47 0.58 14.46
C GLY E 184 20.73 -0.90 14.37
N VAL E 185 21.32 -1.50 15.40
CA VAL E 185 21.61 -2.92 15.42
C VAL E 185 20.33 -3.76 15.28
N ASP E 186 20.46 -4.96 14.71
CA ASP E 186 19.29 -5.82 14.48
C ASP E 186 18.93 -6.67 15.70
N ILE E 187 19.91 -7.30 16.34
CA ILE E 187 19.66 -8.22 17.44
C ILE E 187 20.58 -7.87 18.59
N VAL E 188 20.02 -7.74 19.77
CA VAL E 188 20.80 -7.58 20.98
C VAL E 188 20.54 -8.81 21.86
N LEU E 189 21.59 -9.35 22.48
CA LEU E 189 21.40 -10.51 23.33
C LEU E 189 22.20 -10.34 24.60
N HIS E 190 21.82 -11.12 25.62
CA HIS E 190 22.40 -11.01 26.95
C HIS E 190 22.59 -12.40 27.49
N SER E 191 23.63 -12.55 28.32
CA SER E 191 23.64 -13.58 29.35
C SER E 191 22.99 -12.96 30.59
N ALA E 192 21.70 -13.26 30.80
CA ALA E 192 20.99 -12.81 31.99
C ALA E 192 21.61 -13.35 33.28
N SER E 193 22.55 -14.28 33.16
CA SER E 193 23.24 -14.86 34.31
C SER E 193 24.15 -13.83 34.97
N ALA E 194 24.18 -12.62 34.41
CA ALA E 194 25.01 -11.54 34.95
C ALA E 194 24.15 -10.47 35.61
N TYR E 195 24.17 -9.25 35.05
CA TYR E 195 23.61 -8.08 35.73
C TYR E 195 22.10 -8.10 35.77
N LEU E 196 21.45 -8.65 34.74
CA LEU E 196 20.00 -8.61 34.70
C LEU E 196 19.42 -9.44 35.84
N GLY E 197 19.93 -10.67 36.02
CA GLY E 197 19.62 -11.47 37.19
C GLY E 197 20.11 -10.80 38.45
N GLY E 198 21.42 -10.53 38.51
CA GLY E 198 22.01 -9.66 39.52
C GLY E 198 22.32 -10.29 40.86
N HIS E 199 21.87 -11.52 41.12
CA HIS E 199 21.95 -12.07 42.46
C HIS E 199 22.75 -13.37 42.50
N SER E 200 23.51 -13.66 41.43
CA SER E 200 24.33 -14.87 41.32
C SER E 200 23.50 -16.14 41.57
N ASP E 201 22.28 -16.16 41.04
CA ASP E 201 21.41 -17.31 41.33
C ASP E 201 20.46 -17.64 40.18
N VAL E 202 20.77 -17.23 38.97
CA VAL E 202 19.95 -17.51 37.80
C VAL E 202 20.89 -17.67 36.62
N ILE E 203 20.69 -18.74 35.85
CA ILE E 203 21.30 -18.89 34.55
C ILE E 203 20.21 -18.65 33.52
N GLY E 204 20.50 -17.85 32.51
CA GLY E 204 19.51 -17.57 31.50
C GLY E 204 20.09 -16.69 30.41
N GLY E 205 19.38 -16.68 29.28
CA GLY E 205 19.72 -15.80 28.18
C GLY E 205 18.49 -15.05 27.71
N LEU E 206 18.73 -13.88 27.10
CA LEU E 206 17.66 -13.08 26.52
C LEU E 206 18.11 -12.60 25.15
N VAL E 207 17.13 -12.47 24.26
CA VAL E 207 17.33 -11.92 22.93
C VAL E 207 16.22 -10.93 22.68
N VAL E 208 16.56 -9.81 22.05
CA VAL E 208 15.56 -8.82 21.67
C VAL E 208 15.89 -8.38 20.24
N THR E 209 14.86 -8.36 19.41
CA THR E 209 14.94 -7.92 18.02
C THR E 209 14.23 -6.59 17.89
N LYS E 210 14.64 -5.83 16.87
CA LYS E 210 14.05 -4.52 16.59
C LYS E 210 12.73 -4.65 15.85
N THR E 211 12.72 -5.43 14.78
CA THR E 211 11.64 -5.58 13.84
C THR E 211 10.78 -6.78 14.23
N PRO E 212 9.54 -6.85 13.76
CA PRO E 212 8.72 -8.00 14.09
C PRO E 212 9.03 -9.20 13.21
N ALA E 213 9.54 -8.94 12.00
CA ALA E 213 9.85 -10.03 11.09
C ALA E 213 11.02 -10.86 11.61
N LEU E 214 12.01 -10.21 12.24
CA LEU E 214 13.10 -10.96 12.83
C LEU E 214 12.66 -11.61 14.14
N GLY E 215 11.72 -10.98 14.83
CA GLY E 215 11.14 -11.60 16.01
C GLY E 215 10.41 -12.88 15.67
N GLU E 216 9.68 -12.90 14.55
CA GLU E 216 9.04 -14.15 14.15
C GLU E 216 10.08 -15.23 13.86
N LYS E 217 11.22 -14.88 13.27
CA LYS E 217 12.24 -15.89 12.99
C LYS E 217 12.92 -16.39 14.25
N ILE E 218 13.27 -15.48 15.17
CA ILE E 218 13.88 -15.92 16.43
C ILE E 218 12.89 -16.77 17.21
N GLY E 219 11.64 -16.32 17.31
CA GLY E 219 10.67 -17.06 18.09
C GLY E 219 10.38 -18.44 17.55
N TYR E 220 10.34 -18.56 16.21
CA TYR E 220 10.16 -19.86 15.60
C TYR E 220 11.29 -20.80 15.99
N LEU E 221 12.54 -20.33 15.88
CA LEU E 221 13.66 -21.15 16.31
C LEU E 221 13.62 -21.39 17.81
N GLN E 222 13.22 -20.39 18.59
CA GLN E 222 13.15 -20.58 20.03
C GLN E 222 12.24 -21.74 20.38
N ASN E 223 11.10 -21.84 19.69
CA ASN E 223 10.19 -22.93 19.94
C ASN E 223 10.72 -24.24 19.36
N ALA E 224 11.29 -24.19 18.16
CA ALA E 224 11.67 -25.43 17.47
C ALA E 224 12.89 -26.08 18.14
N ILE E 225 13.85 -25.27 18.59
CA ILE E 225 15.00 -25.84 19.29
C ILE E 225 14.67 -26.05 20.76
N GLY E 226 13.86 -25.18 21.35
CA GLY E 226 13.37 -25.47 22.67
C GLY E 226 14.35 -25.23 23.81
N SER E 227 15.34 -24.37 23.65
CA SER E 227 16.18 -23.99 24.79
C SER E 227 15.52 -22.87 25.61
N ILE E 228 14.31 -23.14 26.10
CA ILE E 228 13.57 -22.09 26.79
C ILE E 228 14.09 -21.90 28.21
N LEU E 229 13.85 -20.70 28.74
CA LEU E 229 14.03 -20.45 30.17
C LEU E 229 12.78 -20.92 30.92
N ALA E 230 12.97 -21.78 31.92
CA ALA E 230 11.86 -22.41 32.62
C ALA E 230 11.05 -21.38 33.42
N PRO E 231 9.80 -21.71 33.78
CA PRO E 231 8.96 -20.67 34.43
C PRO E 231 9.50 -20.19 35.76
N GLN E 232 10.05 -21.07 36.60
CA GLN E 232 10.56 -20.61 37.88
C GLN E 232 11.67 -19.60 37.68
N GLU E 233 12.56 -19.85 36.73
CA GLU E 233 13.72 -19.01 36.60
C GLU E 233 13.39 -17.72 35.84
N SER E 234 12.44 -17.79 34.90
CA SER E 234 11.93 -16.57 34.30
C SER E 234 11.37 -15.63 35.36
N TRP E 235 10.63 -16.19 36.32
CA TRP E 235 10.08 -15.34 37.36
C TRP E 235 11.18 -14.73 38.22
N LEU E 236 12.20 -15.51 38.54
CA LEU E 236 13.30 -15.00 39.35
C LEU E 236 14.12 -13.97 38.61
N LEU E 237 14.27 -14.16 37.30
CA LEU E 237 14.99 -13.19 36.49
C LEU E 237 14.28 -11.84 36.52
N GLN E 238 12.97 -11.84 36.32
CA GLN E 238 12.24 -10.57 36.32
C GLN E 238 12.34 -9.91 37.70
N ARG E 239 12.33 -10.71 38.76
CA ARG E 239 12.44 -10.14 40.09
C ARG E 239 13.79 -9.47 40.29
N GLY E 240 14.88 -10.13 39.86
CA GLY E 240 16.17 -9.47 39.90
C GLY E 240 16.22 -8.23 39.03
N MET E 241 15.64 -8.30 37.83
CA MET E 241 15.66 -7.17 36.92
C MET E 241 15.02 -5.94 37.52
N LYS E 242 14.09 -6.11 38.45
CA LYS E 242 13.42 -4.95 39.02
C LYS E 242 14.40 -3.98 39.68
N THR E 243 15.51 -4.48 40.24
CA THR E 243 16.49 -3.62 40.90
C THR E 243 17.69 -3.30 40.02
N LEU E 244 17.57 -3.52 38.70
CA LEU E 244 18.68 -3.26 37.78
C LEU E 244 19.28 -1.87 37.99
N ALA E 245 18.44 -0.82 38.00
CA ALA E 245 18.97 0.54 38.08
C ALA E 245 19.62 0.82 39.42
N LEU E 246 18.94 0.47 40.52
CA LEU E 246 19.56 0.64 41.83
C LEU E 246 20.85 -0.15 41.93
N ARG E 247 20.85 -1.38 41.43
CA ARG E 247 22.08 -2.16 41.51
C ARG E 247 23.16 -1.53 40.64
N MET E 248 22.78 -1.09 39.44
CA MET E 248 23.76 -0.58 38.49
C MET E 248 24.45 0.69 39.01
N GLN E 249 23.67 1.65 39.57
CA GLN E 249 24.26 2.85 40.14
C GLN E 249 25.37 2.49 41.11
N ALA E 250 25.07 1.59 42.05
CA ALA E 250 26.03 1.14 43.05
C ALA E 250 27.23 0.46 42.38
N HIS E 251 26.97 -0.40 41.40
CA HIS E 251 28.05 -1.03 40.64
C HIS E 251 28.97 0.02 40.02
N LEU E 252 28.39 1.04 39.39
CA LEU E 252 29.18 2.00 38.62
C LEU E 252 29.96 2.93 39.53
N ASN E 253 29.36 3.34 40.65
CA ASN E 253 30.07 4.18 41.61
C ASN E 253 31.25 3.43 42.21
N ASN E 254 31.03 2.19 42.62
CA ASN E 254 32.13 1.40 43.17
C ASN E 254 33.23 1.21 42.14
N ALA E 255 32.86 0.93 40.90
CA ALA E 255 33.86 0.70 39.85
C ALA E 255 34.74 1.92 39.66
N ALA E 256 34.14 3.11 39.62
CA ALA E 256 34.92 4.34 39.49
C ALA E 256 35.98 4.41 40.58
N LYS E 257 35.58 4.22 41.84
CA LYS E 257 36.52 4.25 42.95
C LYS E 257 37.60 3.17 42.84
N ILE E 258 37.21 1.96 42.43
CA ILE E 258 38.18 0.87 42.28
C ILE E 258 39.22 1.21 41.21
N PHE E 259 38.78 1.83 40.10
CA PHE E 259 39.71 2.15 39.02
C PHE E 259 40.76 3.16 39.47
N THR E 260 40.30 4.25 40.08
CA THR E 260 41.20 5.21 40.71
C THR E 260 42.18 4.53 41.66
N TYR E 261 41.67 3.63 42.50
CA TYR E 261 42.51 2.98 43.50
C TYR E 261 43.59 2.11 42.85
N LEU E 262 43.22 1.34 41.83
CA LEU E 262 44.22 0.52 41.16
C LEU E 262 45.20 1.38 40.35
N LYS E 263 44.80 2.62 40.03
CA LYS E 263 45.70 3.56 39.37
C LYS E 263 46.85 3.98 40.28
N SER E 264 46.58 4.15 41.57
CA SER E 264 47.59 4.59 42.53
C SER E 264 48.55 3.48 42.98
N HIS E 265 48.46 2.26 42.42
CA HIS E 265 49.31 1.15 42.87
C HIS E 265 50.39 0.87 41.84
N PRO E 266 51.66 1.02 42.18
CA PRO E 266 52.73 0.68 41.22
C PRO E 266 52.73 -0.77 40.79
N ALA E 267 52.23 -1.70 41.63
CA ALA E 267 52.22 -3.12 41.28
C ALA E 267 51.34 -3.41 40.06
N VAL E 268 50.38 -2.55 39.76
CA VAL E 268 49.54 -2.69 38.57
C VAL E 268 50.26 -1.98 37.42
N THR E 269 50.70 -2.75 36.43
CA THR E 269 51.31 -2.19 35.22
C THR E 269 50.29 -1.74 34.19
N LYS E 270 49.22 -2.52 33.98
CA LYS E 270 48.22 -2.23 32.97
C LYS E 270 46.83 -2.34 33.59
N ILE E 271 45.91 -1.46 33.18
CA ILE E 271 44.51 -1.54 33.54
C ILE E 271 43.68 -1.48 32.26
N TYR E 272 42.69 -2.36 32.17
CA TYR E 272 41.66 -2.27 31.14
C TYR E 272 40.38 -1.78 31.81
N TYR E 273 39.87 -0.64 31.36
CA TYR E 273 38.68 -0.03 31.91
C TYR E 273 38.16 1.00 30.92
N PRO E 274 36.87 0.95 30.55
CA PRO E 274 36.36 1.90 29.54
C PRO E 274 36.37 3.34 30.01
N GLY E 275 36.39 3.57 31.31
CA GLY E 275 36.45 4.93 31.81
C GLY E 275 37.83 5.55 31.82
N ASP E 276 38.85 4.80 31.40
CA ASP E 276 40.22 5.34 31.35
C ASP E 276 40.30 6.41 30.26
N PRO E 277 40.71 7.64 30.59
CA PRO E 277 40.86 8.66 29.54
C PRO E 277 42.11 8.49 28.69
N ASP E 278 43.14 7.82 29.23
CA ASP E 278 44.29 7.41 28.43
C ASP E 278 43.90 6.40 27.34
N ASN E 279 42.90 5.57 27.63
CA ASN E 279 42.33 4.63 26.67
C ASN E 279 41.94 5.37 25.39
N PRO E 280 42.31 4.87 24.21
CA PRO E 280 41.80 5.50 22.96
C PRO E 280 40.34 5.23 22.74
N ASP E 281 39.77 4.22 23.43
CA ASP E 281 38.34 3.93 23.40
C ASP E 281 37.51 5.01 24.09
N PHE E 282 38.13 5.88 24.88
CA PHE E 282 37.40 6.68 25.87
C PHE E 282 36.33 7.54 25.23
N SER E 283 36.66 8.19 24.11
CA SER E 283 35.71 9.07 23.46
C SER E 283 34.43 8.33 23.10
N ILE E 284 34.56 7.20 22.39
CA ILE E 284 33.38 6.46 21.95
C ILE E 284 32.62 5.90 23.15
N ALA E 285 33.36 5.45 24.17
CA ALA E 285 32.72 4.96 25.38
C ALA E 285 31.75 5.99 25.95
N LYS E 286 32.21 7.23 26.10
CA LYS E 286 31.38 8.24 26.76
C LYS E 286 30.17 8.63 25.91
N GLN E 287 30.24 8.46 24.59
CA GLN E 287 29.15 8.88 23.71
C GLN E 287 28.02 7.85 23.62
N GLN E 288 28.33 6.56 23.68
CA GLN E 288 27.32 5.54 23.50
C GLN E 288 27.02 4.75 24.77
N MET E 289 27.79 4.96 25.84
CA MET E 289 27.54 4.29 27.11
C MET E 289 27.15 5.31 28.16
N ASN E 290 26.20 4.94 29.02
CA ASN E 290 25.76 5.78 30.12
C ASN E 290 26.45 5.28 31.39
N GLY E 291 27.69 5.71 31.57
CA GLY E 291 28.58 5.09 32.53
C GLY E 291 29.56 4.15 31.84
N PHE E 292 30.54 3.68 32.61
CA PHE E 292 31.63 2.90 32.00
C PHE E 292 31.61 1.43 32.41
N GLY E 293 30.51 0.96 32.99
CA GLY E 293 30.44 -0.43 33.39
C GLY E 293 31.12 -0.65 34.74
N ALA E 294 31.04 -1.90 35.19
CA ALA E 294 31.53 -2.26 36.52
C ALA E 294 32.55 -3.38 36.42
N MET E 295 33.09 -3.59 35.23
CA MET E 295 34.17 -4.53 34.97
C MET E 295 35.50 -3.79 34.89
N ILE E 296 36.55 -4.38 35.46
CA ILE E 296 37.92 -3.92 35.30
C ILE E 296 38.82 -5.13 35.20
N SER E 297 39.71 -5.13 34.21
CA SER E 297 40.78 -6.13 34.16
C SER E 297 42.11 -5.42 34.28
N PHE E 298 43.11 -6.14 34.80
CA PHE E 298 44.40 -5.52 35.01
C PHE E 298 45.47 -6.60 35.14
N GLU E 299 46.73 -6.17 35.03
CA GLU E 299 47.89 -7.04 35.18
C GLU E 299 48.79 -6.49 36.28
N LEU E 300 49.48 -7.41 36.97
CA LEU E 300 50.50 -7.06 37.93
C LEU E 300 51.87 -7.07 37.26
N GLN E 301 52.87 -6.55 37.98
CA GLN E 301 54.26 -6.61 37.54
C GLN E 301 54.66 -8.06 37.29
N PRO E 302 55.49 -8.31 36.28
CA PRO E 302 55.76 -9.71 35.88
C PRO E 302 56.16 -10.64 37.02
N GLY E 303 56.82 -10.13 38.06
CA GLY E 303 57.22 -11.03 39.14
C GLY E 303 56.12 -11.49 40.07
N MET E 304 54.93 -10.91 39.97
CA MET E 304 53.89 -11.03 40.97
C MET E 304 52.89 -12.12 40.59
N ASN E 305 52.48 -12.92 41.58
CA ASN E 305 51.62 -14.07 41.32
C ASN E 305 50.15 -13.68 41.40
N PRO E 306 49.41 -13.67 40.28
CA PRO E 306 47.97 -13.36 40.38
C PRO E 306 47.20 -14.39 41.21
N GLN E 307 47.57 -15.68 41.08
CA GLN E 307 46.96 -16.71 41.91
C GLN E 307 47.11 -16.38 43.39
N THR E 308 48.32 -16.01 43.81
CA THR E 308 48.50 -15.56 45.19
C THR E 308 47.60 -14.37 45.48
N PHE E 309 47.52 -13.42 44.55
CA PHE E 309 46.72 -12.22 44.78
C PHE E 309 45.26 -12.57 45.06
N VAL E 310 44.63 -13.31 44.15
CA VAL E 310 43.20 -13.54 44.27
C VAL E 310 42.87 -14.51 45.39
N GLU E 311 43.79 -15.42 45.73
CA GLU E 311 43.52 -16.38 46.80
C GLU E 311 43.60 -15.75 48.19
N HIS E 312 43.99 -14.49 48.31
CA HIS E 312 44.07 -13.82 49.60
C HIS E 312 42.99 -12.76 49.79
N LEU E 313 42.06 -12.65 48.84
CA LEU E 313 40.90 -11.79 49.04
C LEU E 313 39.87 -12.48 49.93
N GLN E 314 39.25 -11.71 50.82
CA GLN E 314 38.31 -12.23 51.80
C GLN E 314 36.87 -11.81 51.56
N VAL E 315 36.63 -10.67 50.91
CA VAL E 315 35.31 -10.20 50.54
C VAL E 315 35.02 -10.47 49.07
N ILE E 316 35.95 -10.06 48.19
CA ILE E 316 35.87 -10.45 46.80
C ILE E 316 36.02 -11.96 46.70
N THR E 317 35.20 -12.58 45.87
CA THR E 317 35.10 -14.02 45.76
C THR E 317 35.76 -14.50 44.48
N LEU E 318 36.72 -15.42 44.60
CA LEU E 318 37.35 -16.05 43.46
C LEU E 318 36.39 -17.08 42.87
N ALA E 319 35.89 -16.80 41.67
CA ALA E 319 34.89 -17.65 41.01
C ALA E 319 34.63 -17.11 39.61
N GLU E 320 33.91 -17.91 38.82
CA GLU E 320 33.45 -17.50 37.51
C GLU E 320 32.18 -16.64 37.62
N SER E 321 31.68 -16.21 36.46
CA SER E 321 30.51 -15.33 36.37
C SER E 321 30.87 -13.92 36.80
N LEU E 322 29.89 -13.03 36.74
CA LEU E 322 30.10 -11.59 36.82
C LEU E 322 28.71 -10.98 36.92
N GLY E 323 28.67 -9.69 37.24
CA GLY E 323 27.41 -9.00 37.29
C GLY E 323 26.59 -9.28 38.52
N ALA E 324 27.16 -9.92 39.54
CA ALA E 324 26.46 -10.25 40.78
C ALA E 324 26.62 -9.12 41.80
N LEU E 325 25.66 -9.07 42.74
CA LEU E 325 25.76 -8.13 43.87
C LEU E 325 27.13 -8.22 44.53
N GLU E 326 27.60 -9.44 44.78
CA GLU E 326 28.90 -9.61 45.42
C GLU E 326 30.02 -9.53 44.38
N SER E 327 31.15 -8.97 44.79
CA SER E 327 32.29 -8.85 43.90
C SER E 327 32.87 -10.21 43.54
N LEU E 328 33.25 -10.36 42.29
CA LEU E 328 33.75 -11.62 41.79
C LEU E 328 35.06 -11.34 41.07
N ILE E 329 36.00 -12.26 41.19
CA ILE E 329 37.32 -12.09 40.58
C ILE E 329 37.75 -13.42 40.00
N GLU E 330 38.62 -13.36 39.00
CA GLU E 330 38.89 -14.51 38.16
C GLU E 330 40.18 -14.27 37.39
N ILE E 331 40.85 -15.36 37.01
CA ILE E 331 41.98 -15.28 36.08
C ILE E 331 41.56 -15.93 34.76
N PRO E 332 41.20 -15.14 33.75
CA PRO E 332 40.61 -15.72 32.53
C PRO E 332 41.38 -16.87 31.90
N ALA E 333 42.69 -16.73 31.74
CA ALA E 333 43.46 -17.77 31.06
C ALA E 333 43.34 -19.12 31.76
N LEU E 334 43.13 -19.11 33.09
CA LEU E 334 42.95 -20.34 33.86
C LEU E 334 41.50 -20.74 34.02
N MET E 335 40.55 -19.90 33.61
CA MET E 335 39.14 -20.11 33.93
C MET E 335 38.22 -19.86 32.72
N THR E 336 37.51 -18.73 32.69
CA THR E 336 36.45 -18.53 31.70
C THR E 336 36.96 -18.53 30.25
N HIS E 337 38.27 -18.51 30.03
CA HIS E 337 38.82 -18.44 28.68
C HIS E 337 39.84 -19.53 28.40
N GLY E 338 39.95 -20.54 29.28
CA GLY E 338 40.77 -21.71 28.99
C GLY E 338 40.27 -22.56 27.83
N ALA E 339 39.05 -22.29 27.33
CA ALA E 339 38.55 -22.94 26.13
C ALA E 339 39.21 -22.41 24.86
N ILE E 340 39.70 -21.18 24.88
CA ILE E 340 40.53 -20.67 23.78
C ILE E 340 41.93 -21.22 23.97
N PRO E 341 42.59 -21.71 22.92
CA PRO E 341 43.97 -22.22 23.08
C PRO E 341 44.94 -21.09 23.37
N ARG E 342 45.95 -21.41 24.20
CA ARG E 342 46.87 -20.39 24.73
C ARG E 342 47.49 -19.54 23.63
N THR E 343 47.83 -20.15 22.49
CA THR E 343 48.45 -19.38 21.41
C THR E 343 47.49 -18.36 20.83
N ILE E 344 46.23 -18.74 20.61
CA ILE E 344 45.27 -17.76 20.10
C ILE E 344 44.96 -16.70 21.15
N ARG E 345 44.93 -17.09 22.43
CA ARG E 345 44.78 -16.14 23.53
C ARG E 345 45.85 -15.05 23.46
N LEU E 346 47.12 -15.45 23.37
CA LEU E 346 48.22 -14.50 23.51
C LEU E 346 48.30 -13.54 22.33
N GLN E 347 47.98 -14.02 21.12
CA GLN E 347 48.00 -13.15 19.96
C GLN E 347 46.89 -12.10 20.01
N ASN E 348 45.81 -12.38 20.74
CA ASN E 348 44.67 -11.49 20.84
C ASN E 348 44.61 -10.74 22.17
N GLY E 349 45.74 -10.65 22.90
CA GLY E 349 45.91 -9.73 24.00
C GLY E 349 45.65 -10.26 25.40
N ILE E 350 45.28 -11.53 25.54
CA ILE E 350 44.93 -12.10 26.84
C ILE E 350 46.16 -12.83 27.35
N LYS E 351 46.93 -12.16 28.21
CA LYS E 351 48.10 -12.78 28.81
C LYS E 351 47.70 -13.65 29.99
N ASP E 352 48.55 -14.63 30.32
CA ASP E 352 48.21 -15.56 31.38
C ASP E 352 48.14 -14.89 32.75
N GLU E 353 48.61 -13.66 32.89
CA GLU E 353 48.71 -12.99 34.19
C GLU E 353 47.55 -12.04 34.44
N LEU E 354 46.57 -11.97 33.52
CA LEU E 354 45.52 -10.98 33.58
C LEU E 354 44.42 -11.39 34.55
N ILE E 355 43.97 -10.42 35.36
CA ILE E 355 42.94 -10.61 36.36
C ILE E 355 41.70 -9.82 35.95
N ARG E 356 40.53 -10.46 36.06
CA ARG E 356 39.27 -9.83 35.73
C ARG E 356 38.46 -9.64 37.02
N LEU E 357 38.01 -8.41 37.25
CA LEU E 357 37.28 -8.06 38.46
C LEU E 357 35.88 -7.60 38.09
N SER E 358 34.88 -8.29 38.62
CA SER E 358 33.48 -7.86 38.58
C SER E 358 33.23 -7.08 39.86
N VAL E 359 33.19 -5.74 39.75
CA VAL E 359 33.00 -4.92 40.93
C VAL E 359 31.56 -5.00 41.41
N GLY E 360 31.36 -5.49 42.65
CA GLY E 360 30.04 -5.65 43.24
C GLY E 360 29.50 -4.38 43.85
N VAL E 361 28.52 -4.53 44.76
CA VAL E 361 27.88 -3.38 45.40
C VAL E 361 28.18 -3.31 46.90
N GLU E 362 29.19 -4.03 47.38
CA GLU E 362 29.60 -3.87 48.77
C GLU E 362 30.04 -2.43 49.02
N ALA E 363 30.20 -2.08 50.30
CA ALA E 363 30.72 -0.75 50.62
C ALA E 363 32.10 -0.59 50.02
N SER E 364 32.33 0.58 49.40
CA SER E 364 33.60 0.84 48.73
C SER E 364 34.78 0.64 49.69
N ASP E 365 34.62 1.08 50.96
CA ASP E 365 35.72 0.95 51.91
C ASP E 365 36.08 -0.50 52.18
N ASP E 366 35.07 -1.39 52.27
CA ASP E 366 35.36 -2.79 52.53
C ASP E 366 36.01 -3.44 51.32
N LEU E 367 35.75 -2.94 50.11
CA LEU E 367 36.36 -3.50 48.92
C LEU E 367 37.82 -3.09 48.81
N LEU E 368 38.11 -1.80 49.04
CA LEU E 368 39.50 -1.33 48.99
C LEU E 368 40.35 -2.03 50.05
N ALA E 369 39.83 -2.17 51.27
CA ALA E 369 40.53 -2.94 52.30
C ALA E 369 40.84 -4.35 51.81
N ASP E 370 39.93 -4.94 51.04
CA ASP E 370 40.11 -6.32 50.63
C ASP E 370 41.17 -6.42 49.53
N LEU E 371 41.15 -5.47 48.60
CA LEU E 371 42.19 -5.42 47.57
C LEU E 371 43.58 -5.21 48.18
N GLU E 372 43.66 -4.41 49.25
CA GLU E 372 44.94 -4.17 49.91
C GLU E 372 45.50 -5.45 50.53
N ARG E 373 44.64 -6.35 51.02
CA ARG E 373 45.13 -7.66 51.45
C ARG E 373 45.74 -8.43 50.29
N GLY E 374 45.13 -8.35 49.11
CA GLY E 374 45.71 -9.02 47.96
C GLY E 374 47.08 -8.47 47.61
N PHE E 375 47.22 -7.14 47.68
CA PHE E 375 48.52 -6.52 47.40
C PHE E 375 49.54 -6.86 48.48
N ALA E 376 49.15 -6.81 49.76
CA ALA E 376 50.05 -7.16 50.83
C ALA E 376 50.58 -8.58 50.70
N SER E 377 49.81 -9.48 50.09
CA SER E 377 50.25 -10.87 50.01
C SER E 377 51.24 -11.13 48.87
N ILE E 378 51.51 -10.13 48.02
CA ILE E 378 52.54 -10.25 47.00
C ILE E 378 53.54 -9.11 47.15
N GLN E 379 53.68 -8.59 48.37
CA GLN E 379 54.68 -7.57 48.75
C GLN E 379 54.64 -6.35 47.82
N ALA E 380 53.50 -5.64 47.84
CA ALA E 380 53.31 -4.57 46.86
C ALA E 380 52.43 -3.41 47.33
N ASP E 381 52.03 -3.37 48.60
CA ASP E 381 51.07 -2.37 49.11
C ASP E 381 51.52 -0.91 48.93
N MET F 1 19.80 -53.33 43.40
CA MET F 1 18.44 -53.13 43.89
C MET F 1 17.42 -53.21 42.75
N LYS F 2 16.15 -53.39 43.11
CA LYS F 2 15.11 -53.48 42.11
C LYS F 2 14.68 -52.08 41.63
N PHE F 3 14.06 -52.05 40.44
CA PHE F 3 13.69 -50.80 39.79
C PHE F 3 12.95 -49.86 40.73
N GLU F 4 11.93 -50.36 41.44
CA GLU F 4 11.15 -49.52 42.33
C GLU F 4 12.04 -48.89 43.41
N THR F 5 12.98 -49.67 43.94
CA THR F 5 13.90 -49.13 44.91
C THR F 5 14.84 -48.08 44.31
N GLN F 6 15.25 -48.27 43.05
CA GLN F 6 16.15 -47.29 42.42
C GLN F 6 15.46 -45.93 42.21
N LEU F 7 14.17 -45.91 41.96
CA LEU F 7 13.49 -44.62 41.84
C LEU F 7 13.59 -43.84 43.13
N ILE F 8 13.50 -44.52 44.26
CA ILE F 8 13.47 -43.82 45.55
C ILE F 8 14.89 -43.46 45.98
N HIS F 9 15.89 -44.26 45.59
CA HIS F 9 17.22 -44.20 46.19
C HIS F 9 18.36 -44.12 45.20
N GLY F 10 18.16 -44.40 43.93
CA GLY F 10 19.25 -44.43 42.98
C GLY F 10 19.72 -43.04 42.62
N GLY F 11 20.69 -42.99 41.70
CA GLY F 11 21.29 -41.72 41.33
C GLY F 11 21.91 -41.09 42.56
N ILE F 12 21.69 -39.78 42.72
CA ILE F 12 21.98 -39.07 43.97
C ILE F 12 20.64 -38.64 44.54
N SER F 13 20.32 -39.19 45.71
CA SER F 13 18.99 -39.01 46.29
C SER F 13 18.95 -38.32 47.63
N GLU F 14 20.10 -38.07 48.24
CA GLU F 14 20.15 -37.35 49.50
C GLU F 14 21.33 -36.40 49.46
N ASP F 15 21.40 -35.50 50.44
CA ASP F 15 22.55 -34.63 50.60
C ASP F 15 23.54 -35.32 51.54
N ALA F 16 24.73 -35.63 51.03
CA ALA F 16 25.71 -36.35 51.85
C ALA F 16 26.03 -35.59 53.12
N THR F 17 26.13 -34.25 53.04
CA THR F 17 26.61 -33.48 54.18
C THR F 17 25.59 -33.45 55.31
N THR F 18 24.36 -33.05 55.02
CA THR F 18 23.35 -32.93 56.08
C THR F 18 22.58 -34.20 56.31
N GLY F 19 22.57 -35.11 55.34
CA GLY F 19 21.67 -36.24 55.38
C GLY F 19 20.27 -35.90 54.94
N ALA F 20 20.08 -34.75 54.29
CA ALA F 20 18.77 -34.34 53.82
C ALA F 20 18.16 -35.40 52.91
N THR F 21 16.91 -35.80 53.19
CA THR F 21 16.30 -36.86 52.39
C THR F 21 15.81 -36.36 51.03
N SER F 22 16.29 -35.20 50.59
CA SER F 22 16.01 -34.68 49.26
C SER F 22 17.24 -33.89 48.84
N VAL F 23 17.60 -33.97 47.55
CA VAL F 23 18.76 -33.19 47.07
C VAL F 23 18.43 -31.71 47.12
N PRO F 24 19.28 -30.88 47.73
CA PRO F 24 18.99 -29.44 47.81
C PRO F 24 18.96 -28.80 46.44
N ILE F 25 18.19 -27.73 46.33
CA ILE F 25 18.11 -26.98 45.08
C ILE F 25 19.20 -25.94 45.14
N TYR F 26 20.20 -26.06 44.28
CA TYR F 26 21.34 -25.16 44.25
C TYR F 26 21.05 -24.12 43.18
N MET F 27 20.44 -23.00 43.58
CA MET F 27 20.15 -21.92 42.65
C MET F 27 21.40 -21.18 42.21
N ALA F 28 22.49 -21.34 42.94
CA ALA F 28 23.68 -20.54 42.73
C ALA F 28 24.18 -20.69 41.30
N SER F 29 24.47 -19.55 40.66
CA SER F 29 25.07 -19.58 39.34
C SER F 29 26.54 -19.97 39.40
N THR F 30 27.23 -19.66 40.49
CA THR F 30 28.67 -19.87 40.52
C THR F 30 29.10 -20.33 41.91
N PHE F 31 30.37 -20.75 42.01
CA PHE F 31 30.91 -21.41 43.20
C PHE F 31 32.29 -20.87 43.52
N ARG F 32 32.45 -20.31 44.73
CA ARG F 32 33.77 -19.89 45.23
C ARG F 32 34.76 -21.04 45.10
N GLN F 33 35.91 -20.77 44.49
CA GLN F 33 37.01 -21.71 44.46
C GLN F 33 38.08 -21.33 45.48
N THR F 34 38.71 -22.33 46.09
CA THR F 34 39.82 -22.08 47.00
C THR F 34 41.15 -22.10 46.27
N LYS F 35 41.41 -23.17 45.50
CA LYS F 35 42.49 -23.24 44.54
C LYS F 35 41.89 -23.44 43.16
N ILE F 36 42.42 -22.73 42.16
CA ILE F 36 41.83 -22.78 40.82
C ILE F 36 41.88 -24.20 40.28
N GLY F 37 40.75 -24.67 39.75
CA GLY F 37 40.64 -25.99 39.14
C GLY F 37 40.41 -27.14 40.11
N GLN F 38 40.31 -26.89 41.41
CA GLN F 38 40.17 -27.95 42.40
C GLN F 38 38.74 -28.11 42.88
N ASN F 39 37.81 -27.28 42.41
CA ASN F 39 36.43 -27.36 42.83
C ASN F 39 35.70 -28.49 42.12
N GLN F 40 34.83 -29.17 42.84
CA GLN F 40 33.94 -30.12 42.18
C GLN F 40 33.00 -29.40 41.21
N TYR F 41 32.48 -28.24 41.62
CA TYR F 41 31.56 -27.43 40.82
C TYR F 41 32.13 -26.02 40.63
N GLU F 42 32.00 -25.52 39.41
CA GLU F 42 32.57 -24.23 39.05
C GLU F 42 31.53 -23.24 38.56
N TYR F 43 30.61 -23.68 37.70
CA TYR F 43 29.61 -22.82 37.09
C TYR F 43 28.36 -23.63 36.86
N SER F 44 27.20 -23.08 37.26
CA SER F 44 25.97 -23.86 37.32
C SER F 44 25.62 -24.48 35.96
N ARG F 45 25.86 -23.76 34.86
CA ARG F 45 25.57 -24.33 33.54
C ARG F 45 26.47 -25.52 33.25
N THR F 46 27.72 -25.48 33.70
CA THR F 46 28.61 -26.61 33.46
C THR F 46 28.24 -27.80 34.33
N GLY F 47 27.74 -27.53 35.54
CA GLY F 47 27.31 -28.58 36.44
C GLY F 47 26.95 -28.01 37.79
N ASN F 48 26.04 -28.66 38.49
CA ASN F 48 25.65 -28.28 39.83
C ASN F 48 25.01 -29.48 40.50
N PRO F 49 24.95 -29.52 41.84
CA PRO F 49 24.49 -30.76 42.50
C PRO F 49 23.07 -31.15 42.15
N THR F 50 22.15 -30.18 41.98
CA THR F 50 20.76 -30.52 41.75
C THR F 50 20.57 -31.23 40.42
N ARG F 51 21.07 -30.63 39.33
CA ARG F 51 20.93 -31.25 38.03
C ARG F 51 21.70 -32.55 37.97
N ALA F 52 22.92 -32.56 38.52
CA ALA F 52 23.69 -33.79 38.56
C ALA F 52 22.89 -34.92 39.18
N ALA F 53 22.01 -34.60 40.14
CA ALA F 53 21.24 -35.63 40.81
C ALA F 53 20.27 -36.32 39.84
N VAL F 54 19.42 -35.54 39.16
CA VAL F 54 18.47 -36.15 38.23
C VAL F 54 19.23 -36.79 37.07
N GLU F 55 20.40 -36.26 36.72
CA GLU F 55 21.17 -36.86 35.62
C GLU F 55 21.69 -38.24 36.02
N ALA F 56 22.14 -38.38 37.27
CA ALA F 56 22.55 -39.70 37.76
C ALA F 56 21.38 -40.67 37.79
N LEU F 57 20.19 -40.20 38.17
CA LEU F 57 19.04 -41.09 38.31
C LEU F 57 18.63 -41.65 36.95
N ILE F 58 18.53 -40.80 35.94
CA ILE F 58 18.08 -41.33 34.66
C ILE F 58 19.12 -42.28 34.08
N ALA F 59 20.40 -42.04 34.35
CA ALA F 59 21.41 -42.99 33.89
C ALA F 59 21.25 -44.35 34.57
N THR F 60 20.93 -44.34 35.87
CA THR F 60 20.69 -45.60 36.57
C THR F 60 19.50 -46.33 35.98
N LEU F 61 18.40 -45.61 35.72
CA LEU F 61 17.16 -46.24 35.30
C LEU F 61 17.27 -46.83 33.91
N GLU F 62 17.96 -46.15 33.02
CA GLU F 62 18.17 -46.62 31.65
C GLU F 62 19.37 -47.54 31.54
N HIS F 63 20.02 -47.87 32.66
CA HIS F 63 21.20 -48.75 32.70
C HIS F 63 22.31 -48.21 31.80
N GLY F 64 22.53 -46.90 31.84
CA GLY F 64 23.60 -46.26 31.11
C GLY F 64 24.70 -45.78 32.05
N SER F 65 25.70 -45.15 31.45
CA SER F 65 26.84 -44.67 32.20
C SER F 65 26.74 -43.20 32.58
N ALA F 66 26.12 -42.36 31.76
CA ALA F 66 26.02 -40.93 32.06
C ALA F 66 24.68 -40.39 31.59
N GLY F 67 24.14 -39.45 32.37
CA GLY F 67 22.89 -38.79 32.03
C GLY F 67 23.08 -37.29 31.83
N PHE F 68 22.18 -36.70 31.04
CA PHE F 68 22.25 -35.29 30.69
C PHE F 68 20.85 -34.72 30.61
N ALA F 69 20.63 -33.62 31.34
CA ALA F 69 19.34 -32.99 31.46
C ALA F 69 19.31 -31.71 30.66
N PHE F 70 18.21 -31.50 29.92
CA PHE F 70 18.07 -30.37 29.00
C PHE F 70 16.77 -29.63 29.27
N ALA F 71 16.70 -28.41 28.73
CA ALA F 71 15.56 -27.52 28.98
C ALA F 71 14.26 -28.07 28.42
N SER F 72 14.31 -29.00 27.49
CA SER F 72 13.12 -29.57 26.88
C SER F 72 13.57 -30.80 26.10
N GLY F 73 12.61 -31.68 25.83
CA GLY F 73 12.87 -32.78 24.90
C GLY F 73 13.47 -32.28 23.60
N SER F 74 12.90 -31.21 23.05
CA SER F 74 13.36 -30.70 21.76
C SER F 74 14.81 -30.25 21.84
N ALA F 75 15.19 -29.61 22.95
CA ALA F 75 16.57 -29.18 23.10
C ALA F 75 17.51 -30.37 23.27
N ALA F 76 17.06 -31.41 23.97
CA ALA F 76 17.83 -32.65 24.03
C ALA F 76 18.11 -33.18 22.63
N ILE F 77 17.07 -33.26 21.79
CA ILE F 77 17.25 -33.74 20.43
C ILE F 77 18.21 -32.83 19.67
N ASN F 78 18.07 -31.51 19.84
CA ASN F 78 18.94 -30.59 19.12
C ASN F 78 20.41 -30.78 19.52
N THR F 79 20.67 -31.08 20.80
CA THR F 79 22.04 -31.25 21.22
C THR F 79 22.62 -32.55 20.66
N VAL F 80 21.81 -33.61 20.66
CA VAL F 80 22.28 -34.89 20.17
C VAL F 80 22.67 -34.81 18.69
N PHE F 81 21.86 -34.13 17.88
CA PHE F 81 22.17 -33.97 16.47
C PHE F 81 23.33 -33.03 16.25
N SER F 82 23.65 -32.19 17.23
CA SER F 82 24.88 -31.43 17.11
C SER F 82 26.13 -32.31 17.19
N LEU F 83 25.98 -33.62 17.40
CA LEU F 83 27.10 -34.52 17.18
C LEU F 83 27.54 -34.55 15.72
N PHE F 84 26.67 -34.20 14.77
CA PHE F 84 26.93 -34.50 13.37
C PHE F 84 27.31 -33.25 12.59
N SER F 85 27.83 -33.48 11.39
CA SER F 85 28.43 -32.41 10.60
C SER F 85 27.76 -32.34 9.24
N ALA F 86 27.94 -31.19 8.59
CA ALA F 86 27.52 -31.03 7.21
C ALA F 86 28.11 -32.15 6.37
N GLY F 87 27.28 -32.70 5.49
CA GLY F 87 27.63 -33.87 4.71
C GLY F 87 27.21 -35.18 5.33
N ASP F 88 26.90 -35.20 6.63
CA ASP F 88 26.43 -36.42 7.27
C ASP F 88 24.99 -36.74 6.85
N HIS F 89 24.72 -38.04 6.74
CA HIS F 89 23.39 -38.55 6.39
C HIS F 89 22.83 -39.30 7.60
N ILE F 90 21.56 -39.07 7.90
CA ILE F 90 20.90 -39.73 9.03
C ILE F 90 19.65 -40.41 8.51
N ILE F 91 19.38 -41.61 9.04
CA ILE F 91 18.15 -42.34 8.76
C ILE F 91 17.18 -42.12 9.90
N VAL F 92 15.95 -41.71 9.59
CA VAL F 92 14.96 -41.41 10.62
C VAL F 92 13.69 -42.19 10.33
N GLY F 93 12.97 -42.52 11.39
CA GLY F 93 11.64 -43.07 11.22
C GLY F 93 10.73 -42.06 10.59
N ASN F 94 9.72 -42.56 9.88
CA ASN F 94 8.81 -41.69 9.15
C ASN F 94 7.59 -41.29 9.97
N ASP F 95 7.44 -41.83 11.19
CA ASP F 95 6.45 -41.35 12.17
C ASP F 95 7.23 -40.81 13.36
N VAL F 96 7.28 -39.48 13.47
CA VAL F 96 7.95 -38.83 14.58
C VAL F 96 7.06 -37.71 15.07
N TYR F 97 7.37 -37.23 16.27
CA TYR F 97 6.71 -36.06 16.79
C TYR F 97 6.84 -34.91 15.80
N GLY F 98 5.77 -34.13 15.66
CA GLY F 98 5.78 -33.02 14.72
C GLY F 98 6.98 -32.10 14.88
N GLY F 99 7.43 -31.90 16.12
CA GLY F 99 8.56 -31.01 16.35
C GLY F 99 9.89 -31.59 15.93
N THR F 100 10.05 -32.91 16.02
CA THR F 100 11.26 -33.51 15.48
C THR F 100 11.31 -33.32 13.96
N PHE F 101 10.18 -33.54 13.30
CA PHE F 101 10.11 -33.27 11.87
C PHE F 101 10.47 -31.83 11.56
N ARG F 102 9.96 -30.89 12.36
CA ARG F 102 10.26 -29.48 12.15
C ARG F 102 11.74 -29.20 12.33
N LEU F 103 12.33 -29.67 13.42
CA LEU F 103 13.75 -29.47 13.65
C LEU F 103 14.59 -29.96 12.48
N ILE F 104 14.28 -31.16 11.97
CA ILE F 104 15.04 -31.71 10.85
C ILE F 104 14.93 -30.80 9.61
N ASP F 105 13.70 -30.44 9.21
CA ASP F 105 13.49 -29.74 7.94
C ASP F 105 13.85 -28.27 8.01
N ALA F 106 13.61 -27.63 9.14
CA ALA F 106 13.76 -26.19 9.25
C ALA F 106 15.09 -25.76 9.87
N VAL F 107 15.87 -26.70 10.40
CA VAL F 107 17.15 -26.34 11.00
C VAL F 107 18.27 -27.27 10.56
N LEU F 108 18.15 -28.56 10.85
CA LEU F 108 19.27 -29.48 10.65
C LEU F 108 19.65 -29.60 9.17
N LYS F 109 18.68 -29.55 8.26
CA LYS F 109 19.04 -29.60 6.85
C LYS F 109 19.76 -28.33 6.42
N HIS F 110 19.51 -27.21 7.10
CA HIS F 110 20.25 -25.98 6.82
C HIS F 110 21.71 -26.11 7.21
N PHE F 111 22.03 -27.03 8.12
CA PHE F 111 23.40 -27.26 8.55
C PHE F 111 24.13 -28.26 7.68
N GLY F 112 23.53 -28.71 6.56
CA GLY F 112 24.15 -29.67 5.68
C GLY F 112 23.92 -31.12 6.02
N MET F 113 23.20 -31.41 7.12
CA MET F 113 22.77 -32.78 7.36
C MET F 113 21.71 -33.19 6.34
N THR F 114 21.68 -34.46 5.99
CA THR F 114 20.66 -34.98 5.08
C THR F 114 20.00 -36.19 5.71
N PHE F 115 18.76 -36.41 5.29
CA PHE F 115 17.87 -37.32 5.99
C PHE F 115 17.05 -38.12 4.98
N THR F 116 16.79 -39.37 5.34
CA THR F 116 15.94 -40.28 4.60
C THR F 116 14.96 -40.89 5.58
N ALA F 117 13.66 -40.73 5.32
CA ALA F 117 12.62 -41.24 6.21
C ALA F 117 12.22 -42.65 5.80
N VAL F 118 12.09 -43.52 6.79
CA VAL F 118 11.97 -44.95 6.55
C VAL F 118 11.03 -45.54 7.60
N ASP F 119 10.19 -46.48 7.19
CA ASP F 119 9.44 -47.29 8.15
C ASP F 119 10.43 -48.22 8.84
N THR F 120 10.84 -47.88 10.05
CA THR F 120 11.86 -48.70 10.68
C THR F 120 11.35 -50.07 11.08
N ARG F 121 10.06 -50.34 10.95
CA ARG F 121 9.58 -51.72 11.09
C ARG F 121 10.04 -52.62 9.96
N ASP F 122 10.44 -52.04 8.82
CA ASP F 122 10.93 -52.78 7.66
C ASP F 122 12.46 -52.75 7.66
N LEU F 123 13.06 -53.76 8.30
CA LEU F 123 14.52 -53.81 8.38
C LEU F 123 15.18 -53.77 7.01
N ALA F 124 14.56 -54.40 6.01
CA ALA F 124 15.16 -54.36 4.67
C ALA F 124 15.19 -52.94 4.12
N ALA F 125 14.11 -52.18 4.30
CA ALA F 125 14.11 -50.78 3.87
C ALA F 125 15.12 -49.97 4.66
N VAL F 126 15.28 -50.26 5.95
CA VAL F 126 16.30 -49.57 6.72
C VAL F 126 17.67 -49.77 6.07
N GLU F 127 18.01 -51.02 5.77
CA GLU F 127 19.36 -51.23 5.28
C GLU F 127 19.54 -50.75 3.85
N ALA F 128 18.47 -50.77 3.05
CA ALA F 128 18.55 -50.16 1.73
C ALA F 128 18.89 -48.67 1.81
N ALA F 129 18.65 -48.04 2.96
CA ALA F 129 18.87 -46.60 3.09
C ALA F 129 20.29 -46.25 3.49
N ILE F 130 21.03 -47.22 4.03
CA ILE F 130 22.38 -46.95 4.52
C ILE F 130 23.29 -46.61 3.34
N THR F 131 23.96 -45.48 3.44
CA THR F 131 24.90 -45.04 2.42
C THR F 131 26.29 -44.93 3.06
N PRO F 132 27.36 -44.77 2.27
CA PRO F 132 28.69 -44.59 2.87
C PRO F 132 28.84 -43.35 3.76
N THR F 133 27.98 -42.34 3.62
CA THR F 133 28.05 -41.17 4.50
C THR F 133 27.02 -41.19 5.63
N THR F 134 26.22 -42.25 5.74
CA THR F 134 25.28 -42.37 6.83
C THR F 134 26.03 -42.54 8.15
N LYS F 135 25.57 -41.83 9.19
CA LYS F 135 26.23 -41.86 10.50
C LYS F 135 25.34 -42.28 11.66
N ALA F 136 24.02 -42.34 11.49
CA ALA F 136 23.17 -42.64 12.63
C ALA F 136 21.80 -43.08 12.14
N ILE F 137 21.10 -43.79 13.01
CA ILE F 137 19.67 -44.11 12.87
C ILE F 137 18.95 -43.52 14.08
N TYR F 138 17.84 -42.83 13.82
CA TYR F 138 17.08 -42.16 14.86
C TYR F 138 15.61 -42.56 14.73
N LEU F 139 15.04 -43.13 15.79
CA LEU F 139 13.62 -43.46 15.72
C LEU F 139 12.98 -43.38 17.11
N GLU F 140 11.67 -43.21 17.12
CA GLU F 140 10.86 -43.37 18.32
C GLU F 140 10.20 -44.74 18.32
N THR F 141 10.07 -45.34 19.50
CA THR F 141 9.20 -46.50 19.59
C THR F 141 8.62 -46.66 20.98
N PRO F 142 7.27 -46.67 21.12
CA PRO F 142 6.25 -46.48 20.09
C PRO F 142 6.30 -45.09 19.43
N THR F 143 5.89 -45.00 18.17
CA THR F 143 5.92 -43.72 17.45
C THR F 143 4.79 -42.81 17.88
N ASN F 144 5.00 -41.51 17.64
CA ASN F 144 4.04 -40.45 17.95
C ASN F 144 3.43 -39.99 16.63
N PRO F 145 2.14 -40.24 16.35
CA PRO F 145 1.07 -40.77 17.19
C PRO F 145 0.56 -42.15 16.83
N LEU F 146 1.16 -42.82 15.84
CA LEU F 146 0.59 -44.08 15.38
C LEU F 146 1.04 -45.28 16.21
N LEU F 147 1.97 -45.08 17.15
CA LEU F 147 2.39 -46.12 18.08
C LEU F 147 3.04 -47.31 17.38
N HIS F 148 3.66 -47.11 16.21
CA HIS F 148 4.38 -48.20 15.56
C HIS F 148 5.52 -48.70 16.44
N ILE F 149 5.72 -50.01 16.48
CA ILE F 149 6.76 -50.63 17.29
C ILE F 149 7.89 -51.11 16.39
N THR F 150 9.11 -50.67 16.69
CA THR F 150 10.31 -51.11 15.99
C THR F 150 11.09 -52.09 16.86
N ASP F 151 11.59 -53.18 16.25
CA ASP F 151 12.47 -54.13 16.94
C ASP F 151 13.80 -53.43 17.26
N ILE F 152 13.95 -52.96 18.49
CA ILE F 152 15.13 -52.17 18.85
C ILE F 152 16.40 -52.99 18.69
N ALA F 153 16.43 -54.20 19.24
CA ALA F 153 17.64 -55.01 19.17
C ALA F 153 18.04 -55.28 17.72
N ALA F 154 17.05 -55.44 16.84
CA ALA F 154 17.38 -55.64 15.43
C ALA F 154 18.08 -54.42 14.86
N ILE F 155 17.50 -53.24 15.08
CA ILE F 155 18.06 -51.98 14.60
C ILE F 155 19.46 -51.76 15.17
N ALA F 156 19.65 -52.04 16.46
CA ALA F 156 20.96 -51.87 17.06
C ALA F 156 22.00 -52.76 16.37
N LYS F 157 21.62 -53.99 15.99
CA LYS F 157 22.56 -54.88 15.32
C LYS F 157 22.90 -54.38 13.93
N LEU F 158 21.88 -53.95 13.20
CA LEU F 158 22.12 -53.29 11.92
C LEU F 158 23.14 -52.19 12.06
N ALA F 159 22.96 -51.36 13.09
CA ALA F 159 23.77 -50.17 13.24
C ALA F 159 25.21 -50.52 13.62
N GLN F 160 25.37 -51.46 14.56
CA GLN F 160 26.71 -51.92 14.92
C GLN F 160 27.47 -52.42 13.70
N ALA F 161 26.79 -53.17 12.83
CA ALA F 161 27.39 -53.75 11.63
C ALA F 161 27.80 -52.71 10.58
N HIS F 162 27.37 -51.46 10.71
CA HIS F 162 27.71 -50.43 9.74
C HIS F 162 28.38 -49.24 10.40
N ASP F 163 28.94 -49.45 11.60
CA ASP F 163 29.50 -48.39 12.45
C ASP F 163 28.63 -47.12 12.43
N LEU F 164 27.35 -47.28 12.74
CA LEU F 164 26.41 -46.18 12.89
C LEU F 164 26.02 -46.00 14.36
N LEU F 165 25.66 -44.79 14.73
CA LEU F 165 25.02 -44.57 16.02
C LEU F 165 23.55 -44.93 15.95
N SER F 166 23.06 -45.65 16.96
CA SER F 166 21.63 -45.87 17.11
C SER F 166 21.12 -44.94 18.20
N ILE F 167 20.03 -44.24 17.90
CA ILE F 167 19.45 -43.23 18.80
C ILE F 167 17.96 -43.50 18.92
N ILE F 168 17.51 -43.81 20.12
CA ILE F 168 16.10 -44.13 20.36
C ILE F 168 15.48 -43.04 21.24
N ASP F 169 14.38 -42.46 20.75
CA ASP F 169 13.55 -41.56 21.56
C ASP F 169 12.56 -42.42 22.33
N ASN F 170 12.76 -42.55 23.64
CA ASN F 170 12.05 -43.46 24.51
C ASN F 170 10.93 -42.77 25.29
N THR F 171 10.42 -41.64 24.80
CA THR F 171 9.48 -40.84 25.58
C THR F 171 8.21 -41.63 25.91
N PHE F 172 7.50 -42.11 24.88
CA PHE F 172 6.24 -42.83 25.08
C PHE F 172 6.40 -44.04 25.98
N ALA F 173 7.57 -44.68 25.97
CA ALA F 173 7.70 -45.91 26.73
C ALA F 173 8.05 -45.64 28.19
N SER F 174 9.11 -44.86 28.45
CA SER F 174 9.65 -44.68 29.79
C SER F 174 10.52 -45.88 30.16
N PRO F 175 11.56 -45.65 30.94
CA PRO F 175 12.45 -46.76 31.33
C PRO F 175 11.75 -47.88 32.09
N TYR F 176 10.56 -47.63 32.64
CA TYR F 176 9.80 -48.70 33.28
C TYR F 176 9.34 -49.73 32.25
N VAL F 177 9.00 -49.26 31.05
CA VAL F 177 8.47 -50.15 30.02
C VAL F 177 9.58 -50.69 29.12
N GLN F 178 10.60 -49.87 28.84
CA GLN F 178 11.56 -50.15 27.78
C GLN F 178 12.92 -49.55 28.12
N LYS F 179 13.97 -50.33 27.97
CA LYS F 179 15.34 -49.90 28.27
C LYS F 179 16.21 -50.14 27.04
N PRO F 180 16.14 -49.24 26.05
CA PRO F 180 16.86 -49.47 24.78
C PRO F 180 18.35 -49.72 24.91
N LEU F 181 19.04 -49.09 25.87
CA LEU F 181 20.47 -49.32 25.99
C LEU F 181 20.79 -50.79 26.28
N ASP F 182 19.89 -51.48 26.97
CA ASP F 182 20.03 -52.93 27.19
C ASP F 182 19.92 -53.72 25.90
N LEU F 183 19.42 -53.14 24.82
CA LEU F 183 19.29 -53.87 23.56
C LEU F 183 20.41 -53.53 22.59
N GLY F 184 21.41 -52.75 23.02
CA GLY F 184 22.57 -52.44 22.21
C GLY F 184 22.58 -51.06 21.58
N VAL F 185 21.62 -50.20 21.95
CA VAL F 185 21.52 -48.88 21.35
C VAL F 185 22.60 -47.98 21.95
N ASP F 186 23.02 -46.96 21.18
CA ASP F 186 24.07 -46.08 21.65
C ASP F 186 23.54 -44.92 22.51
N ILE F 187 22.44 -44.29 22.12
CA ILE F 187 21.90 -43.11 22.81
C ILE F 187 20.40 -43.31 23.02
N VAL F 188 19.93 -43.03 24.22
CA VAL F 188 18.49 -42.98 24.49
C VAL F 188 18.16 -41.59 25.02
N LEU F 189 17.03 -41.04 24.58
CA LEU F 189 16.63 -39.72 25.04
C LEU F 189 15.14 -39.71 25.33
N HIS F 190 14.73 -38.77 26.17
CA HIS F 190 13.33 -38.59 26.51
C HIS F 190 12.94 -37.13 26.48
N SER F 191 11.69 -36.88 26.10
CA SER F 191 11.02 -35.68 26.57
C SER F 191 10.59 -35.98 28.01
N ALA F 192 11.32 -35.43 28.98
CA ALA F 192 10.94 -35.61 30.37
C ALA F 192 9.62 -34.94 30.69
N SER F 193 9.13 -34.04 29.81
CA SER F 193 7.84 -33.38 29.97
C SER F 193 6.67 -34.33 30.07
N ALA F 194 6.85 -35.59 29.69
CA ALA F 194 5.77 -36.58 29.70
C ALA F 194 5.81 -37.44 30.96
N TYR F 195 6.10 -38.73 30.77
CA TYR F 195 5.92 -39.70 31.83
C TYR F 195 6.88 -39.49 32.98
N LEU F 196 8.13 -39.10 32.66
CA LEU F 196 9.14 -39.03 33.71
C LEU F 196 8.78 -37.97 34.74
N GLY F 197 8.40 -36.77 34.30
CA GLY F 197 7.86 -35.79 35.24
C GLY F 197 6.51 -36.22 35.78
N GLY F 198 5.61 -36.65 34.89
CA GLY F 198 4.37 -37.28 35.26
C GLY F 198 3.24 -36.36 35.72
N HIS F 199 3.53 -35.10 36.06
CA HIS F 199 2.58 -34.26 36.75
C HIS F 199 2.10 -33.07 35.93
N SER F 200 2.32 -33.07 34.61
CA SER F 200 1.89 -31.99 33.74
C SER F 200 2.47 -30.63 34.17
N ASP F 201 3.61 -30.62 34.85
CA ASP F 201 4.09 -29.37 35.42
C ASP F 201 5.60 -29.14 35.23
N VAL F 202 6.24 -29.83 34.29
CA VAL F 202 7.65 -29.58 34.01
C VAL F 202 7.89 -29.85 32.54
N ILE F 203 8.78 -29.06 31.96
CA ILE F 203 9.27 -29.22 30.61
C ILE F 203 10.75 -29.53 30.71
N GLY F 204 11.20 -30.59 30.05
CA GLY F 204 12.58 -31.01 30.18
C GLY F 204 12.92 -32.13 29.25
N GLY F 205 14.23 -32.32 29.05
CA GLY F 205 14.73 -33.41 28.24
C GLY F 205 15.81 -34.16 28.98
N LEU F 206 15.96 -35.43 28.64
CA LEU F 206 16.98 -36.28 29.22
C LEU F 206 17.66 -37.07 28.10
N VAL F 207 18.94 -37.35 28.29
CA VAL F 207 19.75 -38.14 27.36
C VAL F 207 20.65 -39.04 28.19
N VAL F 208 20.74 -40.32 27.81
CA VAL F 208 21.63 -41.25 28.48
C VAL F 208 22.46 -41.97 27.43
N THR F 209 23.76 -42.08 27.68
CA THR F 209 24.66 -42.79 26.79
C THR F 209 25.10 -44.08 27.47
N LYS F 210 25.36 -45.10 26.64
CA LYS F 210 25.84 -46.37 27.18
C LYS F 210 27.30 -46.27 27.61
N THR F 211 28.17 -45.76 26.74
CA THR F 211 29.61 -45.72 26.96
C THR F 211 30.04 -44.36 27.50
N PRO F 212 31.21 -44.28 28.14
CA PRO F 212 31.64 -43.00 28.69
C PRO F 212 32.26 -42.11 27.63
N ALA F 213 32.79 -42.72 26.56
CA ALA F 213 33.33 -41.94 25.45
C ALA F 213 32.24 -41.08 24.80
N LEU F 214 31.12 -41.70 24.44
CA LEU F 214 29.98 -40.96 23.90
C LEU F 214 29.39 -40.04 24.96
N GLY F 215 29.47 -40.42 26.23
CA GLY F 215 29.10 -39.52 27.30
C GLY F 215 29.89 -38.23 27.28
N GLU F 216 31.21 -38.33 27.10
CA GLU F 216 32.03 -37.13 27.08
C GLU F 216 31.65 -36.22 25.92
N LYS F 217 31.29 -36.80 24.78
CA LYS F 217 30.86 -36.00 23.65
C LYS F 217 29.54 -35.26 23.93
N ILE F 218 28.53 -35.96 24.47
CA ILE F 218 27.26 -35.31 24.77
C ILE F 218 27.43 -34.26 25.85
N GLY F 219 28.26 -34.54 26.85
CA GLY F 219 28.45 -33.57 27.91
C GLY F 219 29.19 -32.34 27.43
N TYR F 220 30.09 -32.52 26.46
CA TYR F 220 30.78 -31.37 25.90
C TYR F 220 29.81 -30.48 25.16
N LEU F 221 28.93 -31.07 24.35
CA LEU F 221 27.92 -30.30 23.64
C LEU F 221 26.91 -29.68 24.61
N GLN F 222 26.53 -30.43 25.66
CA GLN F 222 25.57 -29.90 26.61
C GLN F 222 26.07 -28.58 27.19
N ASN F 223 27.32 -28.57 27.65
CA ASN F 223 27.89 -27.36 28.23
C ASN F 223 28.15 -26.28 27.17
N ALA F 224 28.48 -26.68 25.93
CA ALA F 224 28.80 -25.70 24.90
C ALA F 224 27.54 -24.98 24.39
N ILE F 225 26.49 -25.74 24.09
CA ILE F 225 25.27 -25.17 23.59
C ILE F 225 24.40 -24.59 24.71
N GLY F 226 24.48 -25.14 25.92
CA GLY F 226 23.88 -24.51 27.09
C GLY F 226 22.39 -24.73 27.30
N SER F 227 21.76 -25.63 26.58
CA SER F 227 20.33 -25.90 26.76
C SER F 227 20.06 -26.75 28.00
N ILE F 228 20.45 -26.24 29.16
CA ILE F 228 20.42 -27.02 30.40
C ILE F 228 19.04 -26.94 31.05
N LEU F 229 18.70 -28.00 31.77
CA LEU F 229 17.56 -27.97 32.66
C LEU F 229 17.92 -27.19 33.93
N ALA F 230 17.07 -26.23 34.30
CA ALA F 230 17.33 -25.38 35.45
C ALA F 230 17.18 -26.16 36.76
N PRO F 231 17.74 -25.64 37.86
CA PRO F 231 17.78 -26.44 39.10
C PRO F 231 16.42 -26.69 39.71
N GLN F 232 15.52 -25.69 39.74
CA GLN F 232 14.18 -25.93 40.24
C GLN F 232 13.52 -27.06 39.48
N GLU F 233 13.61 -27.02 38.15
CA GLU F 233 12.93 -28.00 37.31
C GLU F 233 13.66 -29.34 37.34
N SER F 234 14.99 -29.35 37.47
CA SER F 234 15.67 -30.63 37.67
C SER F 234 15.21 -31.28 38.95
N TRP F 235 15.08 -30.49 40.02
CA TRP F 235 14.56 -31.04 41.27
C TRP F 235 13.15 -31.55 41.12
N LEU F 236 12.28 -30.76 40.47
CA LEU F 236 10.90 -31.20 40.28
C LEU F 236 10.83 -32.46 39.43
N LEU F 237 11.66 -32.55 38.40
CA LEU F 237 11.68 -33.73 37.54
C LEU F 237 12.05 -34.97 38.34
N GLN F 238 13.06 -34.86 39.20
CA GLN F 238 13.43 -36.01 40.01
C GLN F 238 12.29 -36.38 40.95
N ARG F 239 11.67 -35.39 41.59
CA ARG F 239 10.54 -35.68 42.46
C ARG F 239 9.47 -36.47 41.73
N GLY F 240 9.12 -36.02 40.52
CA GLY F 240 8.16 -36.76 39.72
C GLY F 240 8.62 -38.17 39.37
N MET F 241 9.91 -38.32 39.06
CA MET F 241 10.38 -39.63 38.65
C MET F 241 10.21 -40.65 39.77
N LYS F 242 10.26 -40.22 41.03
CA LYS F 242 10.22 -41.17 42.12
C LYS F 242 8.98 -42.07 42.04
N THR F 243 7.85 -41.52 41.60
CA THR F 243 6.61 -42.28 41.48
C THR F 243 6.43 -42.93 40.12
N LEU F 244 7.48 -43.03 39.31
CA LEU F 244 7.30 -43.48 37.93
C LEU F 244 6.66 -44.86 37.87
N ALA F 245 7.18 -45.82 38.64
CA ALA F 245 6.65 -47.18 38.60
C ALA F 245 5.18 -47.21 39.00
N LEU F 246 4.84 -46.54 40.11
CA LEU F 246 3.46 -46.54 40.59
C LEU F 246 2.52 -45.89 39.58
N ARG F 247 2.92 -44.75 39.02
CA ARG F 247 2.07 -44.09 38.04
C ARG F 247 1.94 -44.95 36.79
N MET F 248 3.04 -45.51 36.32
CA MET F 248 3.04 -46.26 35.07
C MET F 248 2.09 -47.46 35.12
N GLN F 249 2.15 -48.26 36.18
CA GLN F 249 1.24 -49.41 36.22
C GLN F 249 -0.21 -48.96 36.30
N ALA F 250 -0.47 -47.83 36.96
CA ALA F 250 -1.81 -47.25 36.87
C ALA F 250 -2.14 -46.86 35.43
N HIS F 251 -1.22 -46.19 34.76
CA HIS F 251 -1.43 -45.82 33.36
C HIS F 251 -1.74 -47.06 32.52
N LEU F 252 -0.93 -48.11 32.70
CA LEU F 252 -1.03 -49.29 31.83
C LEU F 252 -2.31 -50.06 32.08
N ASN F 253 -2.74 -50.16 33.33
CA ASN F 253 -3.98 -50.87 33.61
C ASN F 253 -5.16 -50.16 32.97
N ASN F 254 -5.17 -48.82 33.05
CA ASN F 254 -6.29 -48.07 32.50
C ASN F 254 -6.30 -48.19 30.98
N ALA F 255 -5.14 -48.11 30.34
CA ALA F 255 -5.13 -48.15 28.89
C ALA F 255 -5.68 -49.48 28.38
N ALA F 256 -5.31 -50.58 29.05
CA ALA F 256 -5.86 -51.89 28.69
C ALA F 256 -7.39 -51.90 28.76
N LYS F 257 -7.97 -51.27 29.80
CA LYS F 257 -9.42 -51.20 29.89
C LYS F 257 -9.99 -50.27 28.83
N ILE F 258 -9.33 -49.15 28.56
CA ILE F 258 -9.80 -48.24 27.51
C ILE F 258 -9.79 -48.94 26.16
N PHE F 259 -8.73 -49.72 25.90
CA PHE F 259 -8.67 -50.40 24.61
C PHE F 259 -9.85 -51.33 24.42
N THR F 260 -10.08 -52.21 25.39
CA THR F 260 -11.26 -53.09 25.38
C THR F 260 -12.55 -52.31 25.13
N TYR F 261 -12.74 -51.23 25.88
CA TYR F 261 -13.95 -50.43 25.75
C TYR F 261 -14.09 -49.82 24.36
N LEU F 262 -12.98 -49.35 23.79
CA LEU F 262 -13.05 -48.75 22.46
C LEU F 262 -13.34 -49.79 21.39
N LYS F 263 -12.88 -51.03 21.57
CA LYS F 263 -13.11 -52.00 20.50
C LYS F 263 -14.55 -52.53 20.50
N SER F 264 -15.31 -52.25 21.54
CA SER F 264 -16.70 -52.62 21.61
C SER F 264 -17.63 -51.52 21.11
N HIS F 265 -17.08 -50.42 20.58
CA HIS F 265 -17.90 -49.34 20.04
C HIS F 265 -17.82 -49.39 18.52
N PRO F 266 -18.95 -49.60 17.84
CA PRO F 266 -18.90 -49.66 16.37
C PRO F 266 -18.56 -48.32 15.74
N ALA F 267 -18.69 -47.23 16.50
CA ALA F 267 -18.30 -45.91 16.01
C ALA F 267 -16.81 -45.80 15.75
N VAL F 268 -16.01 -46.73 16.26
CA VAL F 268 -14.56 -46.72 16.13
C VAL F 268 -14.17 -47.68 15.01
N THR F 269 -13.61 -47.16 13.92
CA THR F 269 -13.23 -48.01 12.78
C THR F 269 -11.83 -48.60 12.90
N LYS F 270 -10.88 -47.85 13.46
CA LYS F 270 -9.49 -48.28 13.54
C LYS F 270 -8.91 -47.84 14.87
N ILE F 271 -8.12 -48.71 15.49
CA ILE F 271 -7.47 -48.43 16.77
C ILE F 271 -5.99 -48.69 16.62
N TYR F 272 -5.18 -47.79 17.12
CA TYR F 272 -3.75 -48.00 17.19
C TYR F 272 -3.40 -48.22 18.65
N TYR F 273 -2.95 -49.43 18.97
CA TYR F 273 -2.60 -49.81 20.34
C TYR F 273 -1.67 -51.01 20.32
N PRO F 274 -0.46 -50.88 20.84
CA PRO F 274 0.50 -51.98 20.74
C PRO F 274 0.01 -53.28 21.36
N GLY F 275 -0.91 -53.22 22.32
CA GLY F 275 -1.47 -54.41 22.91
C GLY F 275 -2.59 -55.05 22.15
N ASP F 276 -2.89 -54.56 20.94
CA ASP F 276 -3.94 -55.15 20.12
C ASP F 276 -3.42 -56.45 19.50
N PRO F 277 -4.06 -57.60 19.77
CA PRO F 277 -3.56 -58.86 19.20
C PRO F 277 -3.71 -58.97 17.70
N ASP F 278 -4.55 -58.13 17.07
CA ASP F 278 -4.64 -58.07 15.62
C ASP F 278 -3.65 -57.10 15.01
N ASN F 279 -3.03 -56.28 15.83
CA ASN F 279 -1.94 -55.43 15.38
C ASN F 279 -0.72 -56.29 15.04
N PRO F 280 -0.10 -56.11 13.86
CA PRO F 280 1.11 -56.90 13.57
C PRO F 280 2.31 -56.54 14.42
N ASP F 281 2.27 -55.46 15.19
CA ASP F 281 3.37 -55.11 16.08
C ASP F 281 3.23 -55.75 17.44
N PHE F 282 2.16 -56.52 17.66
CA PHE F 282 1.83 -57.01 18.98
C PHE F 282 2.92 -57.90 19.57
N SER F 283 3.49 -58.80 18.76
CA SER F 283 4.41 -59.76 19.34
C SER F 283 5.74 -59.10 19.72
N ILE F 284 6.24 -58.19 18.89
CA ILE F 284 7.47 -57.50 19.25
C ILE F 284 7.23 -56.56 20.43
N ALA F 285 6.06 -55.91 20.48
CA ALA F 285 5.71 -55.13 21.66
C ALA F 285 5.74 -55.98 22.93
N LYS F 286 5.15 -57.18 22.88
CA LYS F 286 5.14 -58.03 24.06
C LYS F 286 6.53 -58.54 24.43
N GLN F 287 7.42 -58.68 23.44
CA GLN F 287 8.78 -59.15 23.71
C GLN F 287 9.66 -58.05 24.31
N GLN F 288 9.58 -56.82 23.83
CA GLN F 288 10.56 -55.82 24.24
C GLN F 288 9.99 -54.77 25.19
N MET F 289 8.69 -54.74 25.42
CA MET F 289 8.09 -53.77 26.32
C MET F 289 7.48 -54.47 27.53
N ASN F 290 7.76 -53.92 28.71
CA ASN F 290 7.12 -54.36 29.93
C ASN F 290 5.76 -53.67 30.00
N GLY F 291 4.82 -54.18 29.24
CA GLY F 291 3.56 -53.47 29.11
C GLY F 291 3.45 -52.74 27.78
N PHE F 292 2.22 -52.47 27.38
CA PHE F 292 1.93 -52.06 26.01
C PHE F 292 1.85 -50.54 25.84
N GLY F 293 2.25 -49.76 26.84
CA GLY F 293 2.10 -48.33 26.79
C GLY F 293 0.71 -47.88 27.20
N ALA F 294 0.57 -46.57 27.40
CA ALA F 294 -0.67 -45.96 27.86
C ALA F 294 -1.26 -45.00 26.85
N MET F 295 -0.76 -45.03 25.62
CA MET F 295 -1.32 -44.24 24.52
C MET F 295 -2.21 -45.12 23.66
N ILE F 296 -3.29 -44.52 23.14
CA ILE F 296 -4.15 -45.16 22.17
C ILE F 296 -4.57 -44.11 21.15
N SER F 297 -4.41 -44.40 19.87
CA SER F 297 -4.97 -43.54 18.84
C SER F 297 -6.10 -44.27 18.15
N PHE F 298 -7.08 -43.51 17.65
CA PHE F 298 -8.20 -44.14 16.99
C PHE F 298 -8.89 -43.16 16.06
N GLU F 299 -9.60 -43.72 15.09
CA GLU F 299 -10.45 -43.02 14.13
C GLU F 299 -11.90 -43.41 14.35
N LEU F 300 -12.79 -42.46 14.10
CA LEU F 300 -14.22 -42.69 14.11
C LEU F 300 -14.71 -42.93 12.67
N GLN F 301 -15.96 -43.46 12.57
CA GLN F 301 -16.70 -43.60 11.30
C GLN F 301 -16.57 -42.32 10.48
N PRO F 302 -16.47 -42.43 9.15
CA PRO F 302 -16.24 -41.22 8.33
C PRO F 302 -17.27 -40.11 8.54
N GLY F 303 -18.50 -40.42 8.91
CA GLY F 303 -19.40 -39.30 9.14
C GLY F 303 -19.15 -38.48 10.41
N MET F 304 -18.35 -38.97 11.34
CA MET F 304 -18.35 -38.48 12.72
C MET F 304 -17.22 -37.48 12.99
N ASN F 305 -17.58 -36.34 13.59
CA ASN F 305 -16.69 -35.23 13.82
C ASN F 305 -15.81 -35.43 15.04
N PRO F 306 -14.50 -35.64 14.85
CA PRO F 306 -13.61 -35.81 16.00
C PRO F 306 -13.60 -34.59 16.90
N GLN F 307 -13.73 -33.40 16.31
CA GLN F 307 -13.75 -32.18 17.09
C GLN F 307 -14.94 -32.15 18.05
N THR F 308 -16.13 -32.48 17.55
CA THR F 308 -17.27 -32.60 18.45
C THR F 308 -16.97 -33.55 19.61
N PHE F 309 -16.39 -34.73 19.28
CA PHE F 309 -16.13 -35.77 20.27
C PHE F 309 -15.23 -35.25 21.39
N VAL F 310 -14.01 -34.81 21.03
CA VAL F 310 -13.06 -34.43 22.06
C VAL F 310 -13.50 -33.19 22.82
N GLU F 311 -14.38 -32.38 22.24
CA GLU F 311 -14.83 -31.20 22.96
C GLU F 311 -15.99 -31.46 23.90
N HIS F 312 -16.56 -32.66 23.87
CA HIS F 312 -17.63 -33.00 24.80
C HIS F 312 -17.15 -33.87 25.96
N LEU F 313 -15.85 -34.14 26.04
CA LEU F 313 -15.30 -34.81 27.19
C LEU F 313 -15.18 -33.84 28.36
N GLN F 314 -15.26 -34.38 29.58
CA GLN F 314 -15.34 -33.59 30.79
C GLN F 314 -14.31 -33.94 31.85
N VAL F 315 -13.72 -35.12 31.80
CA VAL F 315 -12.61 -35.51 32.64
C VAL F 315 -11.32 -35.55 31.84
N ILE F 316 -11.43 -36.07 30.62
CA ILE F 316 -10.33 -36.04 29.69
C ILE F 316 -10.15 -34.62 29.19
N THR F 317 -8.91 -34.14 29.19
CA THR F 317 -8.59 -32.76 28.89
C THR F 317 -8.10 -32.65 27.45
N LEU F 318 -8.73 -31.77 26.68
CA LEU F 318 -8.28 -31.50 25.32
C LEU F 318 -7.07 -30.56 25.39
N ALA F 319 -5.91 -31.05 24.99
CA ALA F 319 -4.65 -30.34 25.20
C ALA F 319 -3.54 -31.08 24.47
N GLU F 320 -2.45 -30.36 24.23
CA GLU F 320 -1.24 -31.03 23.79
C GLU F 320 -0.62 -31.76 24.98
N SER F 321 0.50 -32.47 24.73
CA SER F 321 1.25 -33.22 25.73
C SER F 321 0.60 -34.57 26.05
N LEU F 322 1.29 -35.37 26.85
CA LEU F 322 0.94 -36.75 27.14
C LEU F 322 1.67 -37.15 28.40
N GLY F 323 1.42 -38.37 28.86
CA GLY F 323 2.15 -38.89 30.00
C GLY F 323 1.84 -38.24 31.33
N ALA F 324 0.72 -37.53 31.44
CA ALA F 324 0.37 -36.86 32.69
C ALA F 324 -0.57 -37.73 33.54
N LEU F 325 -0.59 -37.46 34.86
CA LEU F 325 -1.57 -38.08 35.74
C LEU F 325 -3.00 -37.94 35.17
N GLU F 326 -3.31 -36.79 34.59
CA GLU F 326 -4.62 -36.55 34.05
C GLU F 326 -4.67 -36.94 32.58
N SER F 327 -5.78 -37.54 32.17
CA SER F 327 -5.93 -37.94 30.77
C SER F 327 -5.93 -36.74 29.85
N LEU F 328 -5.23 -36.90 28.73
CA LEU F 328 -5.08 -35.88 27.71
C LEU F 328 -5.49 -36.46 26.38
N ILE F 329 -6.12 -35.64 25.54
CA ILE F 329 -6.61 -36.07 24.25
C ILE F 329 -6.41 -34.93 23.26
N GLU F 330 -6.24 -35.30 21.99
CA GLU F 330 -5.64 -34.43 21.00
C GLU F 330 -6.04 -34.91 19.62
N ILE F 331 -6.03 -34.00 18.64
CA ILE F 331 -6.18 -34.41 17.26
C ILE F 331 -4.86 -34.07 16.57
N PRO F 332 -3.97 -35.04 16.39
CA PRO F 332 -2.60 -34.73 15.95
C PRO F 332 -2.49 -33.84 14.71
N ALA F 333 -3.30 -34.07 13.68
CA ALA F 333 -3.18 -33.28 12.45
C ALA F 333 -3.48 -31.81 12.66
N LEU F 334 -4.30 -31.46 13.64
CA LEU F 334 -4.62 -30.08 13.93
C LEU F 334 -3.81 -29.50 15.08
N MET F 335 -2.99 -30.31 15.74
CA MET F 335 -2.29 -29.86 16.94
C MET F 335 -0.80 -30.23 16.89
N THR F 336 -0.39 -31.29 17.57
CA THR F 336 1.04 -31.58 17.73
C THR F 336 1.73 -31.92 16.41
N HIS F 337 0.98 -32.32 15.39
CA HIS F 337 1.58 -32.66 14.11
C HIS F 337 1.21 -31.70 12.98
N GLY F 338 0.66 -30.54 13.30
CA GLY F 338 0.47 -29.49 12.31
C GLY F 338 1.76 -29.05 11.64
N ALA F 339 2.91 -29.25 12.29
CA ALA F 339 4.15 -28.81 11.68
C ALA F 339 4.50 -29.63 10.45
N ILE F 340 3.95 -30.84 10.32
CA ILE F 340 4.17 -31.68 9.16
C ILE F 340 3.12 -31.30 8.12
N PRO F 341 3.50 -31.06 6.88
CA PRO F 341 2.51 -30.72 5.84
C PRO F 341 1.48 -31.83 5.66
N ARG F 342 0.25 -31.43 5.33
CA ARG F 342 -0.83 -32.39 5.24
C ARG F 342 -0.50 -33.53 4.28
N THR F 343 0.04 -33.21 3.12
CA THR F 343 0.35 -34.25 2.13
C THR F 343 1.29 -35.31 2.70
N ILE F 344 2.27 -34.89 3.50
CA ILE F 344 3.22 -35.83 4.10
C ILE F 344 2.59 -36.61 5.24
N ARG F 345 1.85 -35.91 6.12
CA ARG F 345 1.01 -36.56 7.11
C ARG F 345 0.23 -37.72 6.51
N LEU F 346 -0.51 -37.45 5.42
CA LEU F 346 -1.45 -38.44 4.92
C LEU F 346 -0.73 -39.62 4.25
N GLN F 347 0.36 -39.36 3.55
CA GLN F 347 1.02 -40.50 2.92
C GLN F 347 1.81 -41.32 3.92
N ASN F 348 2.02 -40.81 5.13
CA ASN F 348 2.67 -41.58 6.17
C ASN F 348 1.70 -42.07 7.23
N GLY F 349 0.40 -42.03 6.95
CA GLY F 349 -0.59 -42.73 7.73
C GLY F 349 -1.31 -41.95 8.81
N ILE F 350 -1.10 -40.63 8.91
CA ILE F 350 -1.80 -39.80 9.89
C ILE F 350 -2.99 -39.17 9.18
N LYS F 351 -4.17 -39.71 9.42
CA LYS F 351 -5.39 -39.12 8.85
C LYS F 351 -5.77 -37.85 9.60
N ASP F 352 -6.51 -36.97 8.92
CA ASP F 352 -6.92 -35.70 9.52
C ASP F 352 -7.79 -35.91 10.74
N GLU F 353 -8.54 -37.00 10.82
CA GLU F 353 -9.50 -37.20 11.88
C GLU F 353 -8.97 -38.13 12.96
N LEU F 354 -7.70 -38.49 12.90
CA LEU F 354 -7.12 -39.32 13.95
C LEU F 354 -7.17 -38.62 15.30
N ILE F 355 -7.47 -39.40 16.33
CA ILE F 355 -7.50 -38.92 17.72
C ILE F 355 -6.43 -39.66 18.51
N ARG F 356 -5.69 -38.93 19.33
CA ARG F 356 -4.63 -39.51 20.15
C ARG F 356 -4.97 -39.31 21.62
N LEU F 357 -5.09 -40.41 22.34
CA LEU F 357 -5.51 -40.37 23.73
C LEU F 357 -4.33 -40.78 24.61
N SER F 358 -4.02 -39.93 25.58
CA SER F 358 -3.03 -40.23 26.61
C SER F 358 -3.83 -40.59 27.85
N VAL F 359 -3.82 -41.88 28.19
CA VAL F 359 -4.65 -42.41 29.27
C VAL F 359 -3.98 -42.10 30.59
N GLY F 360 -4.65 -41.32 31.44
CA GLY F 360 -4.15 -40.98 32.76
C GLY F 360 -4.46 -42.04 33.80
N VAL F 361 -4.48 -41.60 35.07
CA VAL F 361 -4.62 -42.54 36.18
C VAL F 361 -5.93 -42.35 36.91
N GLU F 362 -6.83 -41.50 36.42
CA GLU F 362 -8.16 -41.40 37.01
C GLU F 362 -8.80 -42.77 37.08
N ALA F 363 -9.78 -42.93 37.97
CA ALA F 363 -10.57 -44.16 38.03
C ALA F 363 -11.12 -44.52 36.64
N SER F 364 -10.93 -45.78 36.25
CA SER F 364 -11.34 -46.22 34.92
C SER F 364 -12.84 -46.06 34.71
N ASP F 365 -13.64 -46.22 35.77
CA ASP F 365 -15.07 -46.07 35.59
C ASP F 365 -15.44 -44.62 35.27
N ASP F 366 -14.71 -43.66 35.83
CA ASP F 366 -14.95 -42.28 35.45
C ASP F 366 -14.46 -42.00 34.02
N LEU F 367 -13.42 -42.70 33.58
CA LEU F 367 -12.91 -42.49 32.24
C LEU F 367 -13.84 -43.07 31.20
N LEU F 368 -14.45 -44.23 31.47
CA LEU F 368 -15.36 -44.83 30.50
C LEU F 368 -16.65 -44.05 30.41
N ALA F 369 -17.14 -43.57 31.54
CA ALA F 369 -18.29 -42.68 31.53
C ALA F 369 -18.00 -41.44 30.71
N ASP F 370 -16.78 -40.92 30.81
CA ASP F 370 -16.45 -39.69 30.12
C ASP F 370 -16.39 -39.92 28.61
N LEU F 371 -15.75 -41.01 28.19
CA LEU F 371 -15.70 -41.31 26.76
C LEU F 371 -17.09 -41.51 26.19
N GLU F 372 -18.02 -42.03 26.99
CA GLU F 372 -19.40 -42.19 26.55
C GLU F 372 -20.05 -40.85 26.24
N ARG F 373 -19.72 -39.81 27.04
CA ARG F 373 -20.19 -38.46 26.72
C ARG F 373 -19.76 -38.04 25.32
N GLY F 374 -18.52 -38.38 24.93
CA GLY F 374 -18.05 -38.04 23.59
C GLY F 374 -18.76 -38.81 22.51
N PHE F 375 -18.99 -40.10 22.73
CA PHE F 375 -19.77 -40.89 21.78
C PHE F 375 -21.22 -40.42 21.72
N ALA F 376 -21.81 -40.12 22.87
CA ALA F 376 -23.18 -39.63 22.88
C ALA F 376 -23.35 -38.36 22.06
N SER F 377 -22.33 -37.49 22.05
CA SER F 377 -22.46 -36.23 21.34
C SER F 377 -22.34 -36.37 19.83
N ILE F 378 -21.94 -37.52 19.30
CA ILE F 378 -21.97 -37.75 17.86
C ILE F 378 -22.95 -38.86 17.48
N GLN F 379 -23.89 -39.20 18.37
CA GLN F 379 -24.96 -40.18 18.12
C GLN F 379 -24.38 -41.57 17.84
N ALA F 380 -23.60 -42.08 18.81
CA ALA F 380 -22.76 -43.24 18.57
C ALA F 380 -22.64 -44.20 19.76
N ASP F 381 -23.33 -43.96 20.87
CA ASP F 381 -23.20 -44.75 22.08
C ASP F 381 -23.48 -46.25 21.88
C KOU G . -7.70 31.13 -30.11
N KOU G . -7.92 32.34 -28.08
O KOU G . -7.78 30.11 -30.84
P KOU G . -9.45 30.93 -23.09
N1 KOU G . -6.13 35.67 -24.84
C2 KOU G . -5.73 35.24 -26.03
C3 KOU G . -6.38 34.18 -26.65
O3 KOU G . -5.96 33.71 -27.96
C4 KOU G . -7.44 33.56 -25.98
C5 KOU G . -7.82 34.04 -24.73
C6 KOU G . -7.14 35.10 -24.17
CA KOU G . -7.91 31.03 -28.59
CB KOU G . -9.23 30.27 -28.25
OG KOU G . -10.30 30.92 -28.84
O1P KOU G . -9.86 30.35 -24.35
C2A KOU G . -4.54 35.98 -26.75
O2P KOU G . -10.69 31.39 -22.27
O3P KOU G . -8.62 29.92 -22.33
C4A KOU G . -8.18 32.37 -26.59
O4P KOU G . -8.48 32.24 -23.35
C5A KOU G . -8.99 33.36 -23.96
OXT KOU G . -7.42 32.33 -30.64
P PO4 H . 18.07 30.63 -18.99
O1 PO4 H . 18.62 29.27 -19.33
O2 PO4 H . 16.86 30.88 -19.86
O3 PO4 H . 19.16 31.63 -19.30
O4 PO4 H . 17.68 30.74 -17.53
P PO4 I . -15.72 31.59 -28.87
O1 PO4 I . -14.29 31.81 -29.37
O2 PO4 I . -16.80 32.04 -29.83
O3 PO4 I . -15.92 30.12 -28.64
O4 PO4 I . -15.88 32.36 -27.57
C KOU J . -20.51 27.68 3.39
N KOU J . -21.15 28.50 1.28
O KOU J . -19.89 26.94 4.20
P KOU J . -18.99 28.20 -3.72
N1 KOU J . -24.39 30.40 -1.99
C2 KOU J . -24.51 29.81 -0.80
C3 KOU J . -23.42 29.22 -0.18
O3 KOU J . -23.61 28.58 1.11
C4 KOU J . -22.18 29.25 -0.84
C5 KOU J . -22.09 29.90 -2.09
C6 KOU J . -23.22 30.47 -2.63
CA KOU J . -20.30 27.53 1.86
CB KOU J . -18.82 27.74 1.45
OG KOU J . -18.29 28.80 2.23
O1P KOU J . -18.26 29.36 -4.50
C2A KOU J . -25.91 29.78 -0.08
O2P KOU J . -19.11 26.93 -4.54
O3P KOU J . -18.29 27.88 -2.48
C4A KOU J . -20.93 28.61 -0.21
O4P KOU J . -20.52 28.70 -3.37
C5A KOU J . -20.73 29.96 -2.84
OXT KOU J . -21.38 28.60 3.81
P PO4 K . -41.15 15.18 -10.05
O1 PO4 K . -40.07 15.30 -11.12
O2 PO4 K . -40.55 15.53 -8.70
O3 PO4 K . -41.66 13.76 -10.03
O4 PO4 K . -42.29 16.14 -10.34
P PO4 L . -35.78 34.28 14.02
O1 PO4 L . -34.50 34.57 13.27
O2 PO4 L . -35.52 34.57 15.49
O3 PO4 L . -36.22 32.83 13.84
O4 PO4 L . -36.86 35.23 13.55
P PO4 M . -14.32 32.14 2.15
O1 PO4 M . -13.47 30.90 1.94
O2 PO4 M . -15.69 31.72 2.66
O3 PO4 M . -13.59 33.03 3.14
O4 PO4 M . -14.49 32.87 0.84
C KOU N . -20.79 -9.84 -14.97
N KOU N . -19.01 -10.23 -13.46
O KOU N . -21.10 -11.11 -14.70
P KOU N . -14.08 -7.96 -13.06
N1 KOU N . -16.43 -12.42 -9.71
C2 KOU N . -17.73 -12.29 -10.01
C3 KOU N . -18.13 -11.54 -11.11
O3 KOU N . -19.54 -11.41 -11.42
C4 KOU N . -17.14 -10.94 -11.92
C5 KOU N . -15.79 -11.11 -11.58
C6 KOU N . -15.46 -11.86 -10.45
CA KOU N . -19.53 -9.22 -14.32
CB KOU N . -18.49 -8.77 -15.42
OG KOU N . -18.81 -9.26 -16.70
O1P KOU N . -15.01 -7.83 -14.17
C2A KOU N . -18.84 -12.97 -9.11
O2P KOU N . -14.06 -6.65 -12.27
O3P KOU N . -12.68 -8.38 -13.60
C4A KOU N . -17.51 -10.10 -13.16
O4P KOU N . -14.60 -9.15 -12.02
C5A KOU N . -14.68 -10.45 -12.44
OXT KOU N . -21.52 -9.16 -15.73
P PO4 O . -31.67 -25.85 -9.31
O1 PO4 O . -30.39 -25.48 -10.03
O2 PO4 O . -31.38 -26.97 -8.34
O3 PO4 O . -32.69 -26.29 -10.33
O4 PO4 O . -32.19 -24.63 -8.58
P PO4 P . -15.92 -11.08 -20.78
O1 PO4 P . -14.66 -11.35 -19.99
O2 PO4 P . -17.08 -11.77 -20.08
O3 PO4 P . -16.16 -9.58 -20.80
O4 PO4 P . -15.75 -11.54 -22.21
P PO4 Q . -23.71 -2.25 12.48
O1 PO4 Q . -22.79 -3.16 11.67
O2 PO4 Q . -23.34 -2.34 13.95
O3 PO4 Q . -23.55 -0.82 12.03
O4 PO4 Q . -25.17 -2.56 12.25
C KOU R . 13.38 0.71 -11.51
N KOU R . 12.06 -0.81 -12.78
O KOU R . 14.42 -0.09 -11.83
P KOU R . 6.77 -1.56 -13.25
N1 KOU R . 11.21 -3.92 -16.55
C2 KOU R . 12.20 -3.09 -16.22
C3 KOU R . 12.09 -2.26 -15.11
O3 KOU R . 13.19 -1.36 -14.77
C4 KOU R . 10.91 -2.30 -14.35
C5 KOU R . 9.90 -3.20 -14.72
C6 KOU R . 10.08 -4.00 -15.84
CA KOU R . 11.96 0.39 -12.05
CB KOU R . 10.90 0.25 -10.92
OG KOU R . 11.40 -0.47 -9.84
O1P KOU R . 5.84 -2.59 -12.55
C2A KOU R . 13.51 -3.04 -17.08
O2P KOU R . 5.93 -0.55 -13.98
O3P KOU R . 7.61 -0.88 -12.25
C4A KOU R . 10.71 -1.40 -13.11
O4P KOU R . 7.70 -2.35 -14.35
C5A KOU R . 8.58 -3.28 -13.89
OXT KOU R . 13.60 1.72 -10.80
P PO4 S . 12.04 8.38 -38.38
O1 PO4 S . 13.02 7.87 -39.41
O2 PO4 S . 12.28 7.68 -37.06
O3 PO4 S . 12.23 9.87 -38.21
O4 PO4 S . 10.63 8.06 -38.84
P PO4 T . 9.98 -3.10 -5.49
O1 PO4 T . 11.04 -2.90 -6.56
O2 PO4 T . 10.60 -3.61 -4.18
O3 PO4 T . 9.28 -1.78 -5.27
O4 PO4 T . 8.96 -4.09 -5.98
C KOU U . 31.95 -15.36 32.60
N KOU U . 30.41 -15.40 30.82
O KOU U . 32.80 -14.87 31.68
P KOU U . 25.85 -18.20 30.14
N1 KOU U . 28.18 -13.84 26.65
C2 KOU U . 29.06 -13.31 27.51
C3 KOU U . 29.42 -14.00 28.66
O3 KOU U . 30.36 -13.41 29.59
C4 KOU U . 28.86 -15.26 28.90
C5 KOU U . 27.96 -15.79 27.96
C6 KOU U . 27.64 -15.05 26.83
CA KOU U . 30.51 -15.72 32.20
CB KOU U . 30.15 -17.23 32.45
OG KOU U . 31.28 -18.06 32.33
O1P KOU U . 25.59 -19.45 29.23
C2A KOU U . 29.68 -11.89 27.24
O2P KOU U . 24.59 -17.72 30.83
O3P KOU U . 26.87 -18.49 31.15
C4A KOU U . 29.22 -16.08 30.15
O4P KOU U . 26.33 -16.98 29.15
C5A KOU U . 27.33 -17.19 28.22
OXT KOU U . 32.34 -15.53 33.79
P PO4 V . 15.25 7.93 31.15
O1 PO4 V . 16.15 7.09 30.29
O2 PO4 V . 15.68 7.87 32.59
O3 PO4 V . 15.31 9.38 30.69
O4 PO4 V . 13.83 7.41 30.99
P PO4 W . 32.81 -22.98 31.16
O1 PO4 W . 34.05 -23.81 31.37
O2 PO4 W . 33.13 -21.56 30.70
O3 PO4 W . 32.03 -22.93 32.45
O4 PO4 W . 31.97 -23.63 30.10
P PO4 X . 4.42 -27.06 19.22
O1 PO4 X . 5.91 -26.97 19.46
O2 PO4 X . 4.05 -28.54 19.22
O3 PO4 X . 3.71 -26.35 20.37
O4 PO4 X . 4.05 -26.31 17.93
C KOU Y . 3.09 -34.23 22.37
N KOU Y . 5.47 -34.43 22.38
O KOU Y . 3.12 -34.98 21.25
P KOU Y . 9.42 -31.28 24.50
N1 KOU Y . 9.90 -36.48 21.52
C2 KOU Y . 8.66 -36.93 21.55
C3 KOU Y . 7.62 -36.08 21.88
O3 KOU Y . 6.28 -36.64 21.87
C4 KOU Y . 7.90 -34.73 22.18
C5 KOU Y . 9.23 -34.31 22.13
C6 KOU Y . 10.22 -35.21 21.80
CA KOU Y . 4.41 -33.78 23.04
CB KOU Y . 4.57 -32.22 22.99
OG KOU Y . 4.07 -31.73 21.79
O1P KOU Y . 8.00 -31.00 24.29
C2A KOU Y . 8.34 -38.43 21.20
O2P KOU Y . 9.67 -31.43 25.97
O3P KOU Y . 10.31 -30.16 23.89
C4A KOU Y . 6.80 -33.73 22.56
O4P KOU Y . 9.83 -32.70 23.78
C5A KOU Y . 9.60 -32.82 22.45
OXT KOU Y . 2.01 -33.88 22.89
P PO4 Z . 13.08 -55.10 38.15
O1 PO4 Z . 14.31 -54.47 38.77
O2 PO4 Z . 13.28 -56.59 38.02
O3 PO4 Z . 12.86 -54.44 36.80
O4 PO4 Z . 11.85 -54.89 39.01
#